data_7OXA
#
_entry.id   7OXA
#
_cell.length_a   177.926
_cell.length_b   67.574
_cell.length_c   189.232
_cell.angle_alpha   90.000
_cell.angle_beta   112.523
_cell.angle_gamma   90.000
#
_symmetry.space_group_name_H-M   'C 1 2 1'
#
loop_
_entity.id
_entity.type
_entity.pdbx_description
1 polymer 'chimeric RNA-DNA guide'
2 polymer 'CRISPR-associated endonuclease Cas9/Csn1'
3 polymer 'AAVS1 target DNA strand'
4 polymer 'AAVS1 non-target DNA strand'
5 non-polymer 'MAGNESIUM ION'
6 non-polymer 'POTASSIUM ION'
7 water water
#
loop_
_entity_poly.entity_id
_entity_poly.type
_entity_poly.pdbx_seq_one_letter_code
_entity_poly.pdbx_strand_id
1 'polydeoxyribonucleotide/polyribonucleotide hybrid'
;(DG)(DG)(DG)(DG)(DC)(DC)(DA)(DC)(DT)(DA)GGGACAGGAUGUUUUAGAGCUAGAAAUAGCAAGUUAAAAU
AAGGCUAGUCCGUUAUCAACUUGAAAAAGUG
;
A
2 'polypeptide(L)'
;GAASMDKKYSIGLAIGTNSVGWAVITDEYKVPSKKFKVLGNTDRHSIKKNLIGALLFDSGETAEATRLKRTARRRYTRRK
NRICYLQEIFSNEMAKVDDSFFHRLEESFLVEEDKKHERHPIFGNIVDEVAYHEKYPTIYHLRKKLVDSTDKADLRLIYL
ALAHMIKFRGHFLIEGDLNPDNSDVDKLFIQLVQTYNQLFEENPINASGVDAKAILSARLSKSRRLENLIAQLPGEKKNG
LFGNLIALSLGLTPNFKSNFDLAEDAKLQLSKDTYDDDLDNLLAQIGDQYADLFLAAKNLSDAILLSDILRVNTEITKAP
LSASMIKRYDEHHQDLTLLKALVRQQLPEKYKEIFFDQSKNGYAGYIDGGASQEEFYKFIKPILEKMDGTEELLVKLNRE
DLLRKQRTFDNGSIPHQIHLGELHAILRRQEDFYPFLKDNREKIEKILTFRIPYYVGPLARGNSRFAWMTRKSEETITPW
NFEEVVDKGASAQSFIERMTNFDKNLPNEKVLPKHSLLYEYFTVYNELTKVKYVTEGMRKPAFLSGEQKKAIVDLLFKTN
RKVTVKQLKEDYFKKIECFDSVEISGVEDRFNASLGTYHDLLKIIKDKDFLDNEENEDILEDIVLTLTLFEDREMIEERL
KTYAHLFDDKVMKQLKRRRYTGWGRLSRKLINGIRDKQSGKTILDFLKSDGFANRNFMQLIHDDSLTFKEDIQKAQVSGQ
GDSLHEHIANLAGSPAIKKGILQTVKVVDELVKVMGRHKPENIVIEMARENQTTQKGQKNSRERMKRIEEGIKELGSQIL
KEHPVENTQLQNEKLYLYYLQNGRDMYVDQELDINRLSDYDVDAIVPQSFLKDDSIDNKVLTRSDKNRGKSDNVPSEEVV
KKMKNYWRQLLNAKLITQRKFDNLTKAERGGLSELDKAGFIKRQLVETRQITKHVAQILDSRMNTKYDENDKLIREVKVI
TLKSKLVSDFRKDFQFYKVREINNYHHAHDAYLNAVVGTALIKKYPKLESEFVYGDYKVYDVRKMIAKSEQEIGKATAKY
FFYSNIMNFFKTEITLANGEIRKRPLIETNGETGEIVWDKGRDFATVRKVLSMPQVNIVKKTEVQTGGFSKESILPKRNS
DKLIARKKDWDPKKYGGFDSPTVAYSVLVVAKVEKGKSKKLKSVKELLGITIMERSSFEKNPIDFLEAKGYKEVKKDLII
KLPKYSLFELENGRKRMLASAGELQKGNELALPSKYVNFLYLASHYEKLKGSPEDNEQKQLFVEQHKHYLDEIIEQISEF
SKRVILADANLDKVLSAYNKHRDKPIREQAENIIHLFTLTNLGAPAAFKYFDTTIDRKRYTSTKEVLDATLIHQSITGLY
ETRIDLSQLGGD
;
B
3 'polydeoxyribonucleotide'
;(DC)(DA)(DA)(DT)(DA)(DC)(DC)(DA)(DA)(DT)(DC)(DC)(DT)(DG)(DT)(DC)(DC)(DC)(DT)(DA)
(DG)(DT)(DG)(DG)(DC)(DC)(DC)(DC)
;
C
4 'polydeoxyribonucleotide' (DG)(DG)(DA)(DT)(DT)(DG)(DG)(DT)(DA)(DT)(DT)(DG) D
#
loop_
_chem_comp.id
_chem_comp.type
_chem_comp.name
_chem_comp.formula
A RNA linking ADENOSINE-5'-MONOPHOSPHATE 'C10 H14 N5 O7 P'
C RNA linking CYTIDINE-5'-MONOPHOSPHATE 'C9 H14 N3 O8 P'
DA DNA linking 2'-DEOXYADENOSINE-5'-MONOPHOSPHATE 'C10 H14 N5 O6 P'
DC DNA linking 2'-DEOXYCYTIDINE-5'-MONOPHOSPHATE 'C9 H14 N3 O7 P'
DG DNA linking 2'-DEOXYGUANOSINE-5'-MONOPHOSPHATE 'C10 H14 N5 O7 P'
DT DNA linking THYMIDINE-5'-MONOPHOSPHATE 'C10 H15 N2 O8 P'
G RNA linking GUANOSINE-5'-MONOPHOSPHATE 'C10 H14 N5 O8 P'
K non-polymer 'POTASSIUM ION' 'K 1'
MG non-polymer 'MAGNESIUM ION' 'Mg 2'
U RNA linking URIDINE-5'-MONOPHOSPHATE 'C9 H13 N2 O9 P'
#
# COMPACT_ATOMS: atom_id res chain seq x y z
N LYS B 7 -15.05 -30.94 34.53
CA LYS B 7 -13.90 -30.81 33.65
C LYS B 7 -14.22 -29.93 32.44
N LYS B 8 -14.98 -28.87 32.68
CA LYS B 8 -15.32 -27.91 31.62
C LYS B 8 -14.30 -26.79 31.60
N TYR B 9 -14.14 -26.18 30.42
CA TYR B 9 -13.09 -25.19 30.25
C TYR B 9 -13.45 -24.21 29.13
N SER B 10 -12.78 -23.08 29.13
CA SER B 10 -12.87 -22.07 28.09
C SER B 10 -11.47 -21.72 27.59
N ILE B 11 -11.42 -21.06 26.44
CA ILE B 11 -10.17 -20.69 25.78
C ILE B 11 -10.13 -19.19 25.58
N GLY B 12 -9.03 -18.56 25.97
CA GLY B 12 -8.75 -17.17 25.66
C GLY B 12 -7.70 -17.08 24.58
N LEU B 13 -7.91 -16.15 23.63
CA LEU B 13 -7.03 -15.97 22.48
C LEU B 13 -6.79 -14.49 22.26
N ALA B 14 -5.52 -14.12 22.09
CA ALA B 14 -5.12 -12.76 21.76
C ALA B 14 -4.39 -12.81 20.42
N ILE B 15 -5.04 -12.28 19.38
CA ILE B 15 -4.59 -12.44 18.00
C ILE B 15 -3.86 -11.19 17.57
N GLY B 16 -2.60 -11.34 17.16
CA GLY B 16 -1.80 -10.24 16.67
C GLY B 16 -1.15 -10.56 15.34
N THR B 17 -0.37 -9.60 14.84
CA THR B 17 0.38 -9.80 13.60
C THR B 17 1.68 -10.57 13.81
N ASN B 18 2.15 -10.72 15.05
CA ASN B 18 3.35 -11.50 15.31
C ASN B 18 3.18 -12.43 16.51
N SER B 19 1.95 -12.68 16.95
CA SER B 19 1.74 -13.49 18.13
C SER B 19 0.30 -13.95 18.20
N VAL B 20 0.12 -15.14 18.77
CA VAL B 20 -1.18 -15.64 19.19
C VAL B 20 -1.01 -16.08 20.64
N GLY B 21 -1.54 -15.28 21.57
CA GLY B 21 -1.59 -15.69 22.95
C GLY B 21 -2.79 -16.59 23.17
N TRP B 22 -2.64 -17.57 24.05
CA TRP B 22 -3.68 -18.56 24.28
C TRP B 22 -3.67 -18.98 25.74
N ALA B 23 -4.84 -19.38 26.24
CA ALA B 23 -4.94 -19.88 27.60
C ALA B 23 -6.18 -20.75 27.74
N VAL B 24 -6.07 -21.77 28.59
CA VAL B 24 -7.20 -22.60 28.98
C VAL B 24 -7.57 -22.24 30.41
N ILE B 25 -8.85 -22.01 30.66
CA ILE B 25 -9.30 -21.72 32.02
C ILE B 25 -10.43 -22.67 32.40
N THR B 26 -10.51 -22.95 33.70
CA THR B 26 -11.62 -23.72 34.25
C THR B 26 -12.75 -22.77 34.67
N ASP B 27 -13.81 -23.33 35.27
CA ASP B 27 -14.92 -22.51 35.72
C ASP B 27 -14.55 -21.65 36.93
N GLU B 28 -13.47 -21.98 37.63
CA GLU B 28 -12.95 -21.17 38.71
C GLU B 28 -11.90 -20.17 38.23
N TYR B 29 -11.81 -19.93 36.93
CA TYR B 29 -10.85 -19.02 36.30
C TYR B 29 -9.41 -19.44 36.55
N LYS B 30 -9.19 -20.72 36.85
CA LYS B 30 -7.84 -21.25 37.04
C LYS B 30 -7.31 -21.78 35.72
N VAL B 31 -5.98 -21.80 35.60
CA VAL B 31 -5.30 -22.36 34.44
C VAL B 31 -4.76 -23.74 34.85
N PRO B 32 -5.24 -24.82 34.24
CA PRO B 32 -4.77 -26.15 34.62
C PRO B 32 -3.31 -26.36 34.26
N SER B 33 -2.73 -27.41 34.85
CA SER B 33 -1.41 -27.89 34.47
C SER B 33 -1.47 -29.41 34.35
N LYS B 34 -0.67 -29.94 33.43
CA LYS B 34 -0.68 -31.36 33.12
C LYS B 34 0.74 -31.85 32.89
N LYS B 35 0.95 -33.14 33.17
CA LYS B 35 2.13 -33.82 32.67
C LYS B 35 1.89 -34.20 31.22
N PHE B 36 2.86 -33.88 30.37
CA PHE B 36 2.89 -34.32 28.99
C PHE B 36 4.09 -35.23 28.78
N LYS B 37 3.89 -36.29 28.01
CA LYS B 37 4.99 -37.16 27.60
C LYS B 37 6.05 -36.34 26.88
N VAL B 38 7.31 -36.75 27.05
CA VAL B 38 8.45 -36.15 26.37
C VAL B 38 9.12 -37.24 25.55
N LEU B 39 9.18 -37.04 24.24
CA LEU B 39 9.77 -38.03 23.36
C LEU B 39 11.26 -37.74 23.16
N GLY B 40 11.95 -38.67 22.51
CA GLY B 40 13.36 -38.48 22.19
C GLY B 40 14.27 -39.45 22.89
N ASN B 41 15.52 -39.06 23.13
CA ASN B 41 16.54 -39.98 23.63
C ASN B 41 17.16 -39.50 24.94
N THR B 42 16.48 -38.63 25.68
CA THR B 42 17.07 -38.03 26.87
C THR B 42 16.53 -38.70 28.13
N ASP B 43 16.99 -38.21 29.29
CA ASP B 43 16.58 -38.73 30.59
C ASP B 43 15.08 -38.60 30.80
N ARG B 44 14.50 -37.52 30.29
CA ARG B 44 13.20 -37.04 30.75
C ARG B 44 12.07 -37.71 29.99
N HIS B 45 11.17 -38.37 30.72
CA HIS B 45 10.03 -39.04 30.12
C HIS B 45 8.79 -38.16 30.03
N SER B 46 8.68 -37.14 30.87
CA SER B 46 7.49 -36.30 30.91
C SER B 46 7.85 -34.98 31.55
N ILE B 47 6.90 -34.04 31.49
CA ILE B 47 7.15 -32.70 32.02
C ILE B 47 5.82 -32.05 32.37
N LYS B 48 5.84 -31.19 33.38
CA LYS B 48 4.67 -30.41 33.74
C LYS B 48 4.56 -29.17 32.86
N LYS B 49 3.33 -28.81 32.50
CA LYS B 49 3.06 -27.66 31.66
C LYS B 49 1.78 -26.99 32.12
N ASN B 50 1.84 -25.68 32.34
CA ASN B 50 0.63 -24.89 32.47
C ASN B 50 0.00 -24.69 31.11
N LEU B 51 -1.34 -24.64 31.07
CA LEU B 51 -2.05 -24.49 29.80
C LEU B 51 -2.25 -23.00 29.47
N ILE B 52 -1.12 -22.32 29.32
CA ILE B 52 -1.08 -20.90 28.95
C ILE B 52 0.19 -20.65 28.15
N GLY B 53 0.08 -19.87 27.07
CA GLY B 53 1.28 -19.62 26.29
C GLY B 53 1.03 -18.62 25.18
N ALA B 54 2.01 -18.52 24.29
CA ALA B 54 1.86 -17.64 23.12
C ALA B 54 2.80 -18.11 22.03
N LEU B 55 2.29 -18.19 20.82
CA LEU B 55 3.09 -18.50 19.64
C LEU B 55 3.56 -17.19 19.01
N LEU B 56 4.86 -17.05 18.83
CA LEU B 56 5.43 -15.88 18.17
C LEU B 56 5.86 -16.24 16.75
N PHE B 57 5.77 -15.28 15.83
CA PHE B 57 6.16 -15.55 14.45
C PHE B 57 6.53 -14.27 13.73
N ASP B 58 7.40 -14.41 12.74
CA ASP B 58 7.72 -13.29 11.86
C ASP B 58 6.51 -12.94 11.01
N SER B 59 6.41 -11.64 10.67
CA SER B 59 5.25 -11.13 9.95
C SER B 59 5.05 -11.87 8.63
N GLY B 60 3.79 -12.17 8.32
CA GLY B 60 3.45 -12.51 6.95
C GLY B 60 3.61 -11.29 6.05
N GLU B 61 4.03 -11.54 4.83
CA GLU B 61 4.35 -10.46 3.91
C GLU B 61 3.31 -10.36 2.80
N THR B 62 3.11 -9.14 2.30
CA THR B 62 2.28 -8.98 1.12
C THR B 62 3.01 -9.57 -0.10
N ALA B 63 2.24 -9.73 -1.18
CA ALA B 63 2.77 -10.25 -2.45
C ALA B 63 3.38 -9.16 -3.33
N GLU B 64 3.50 -7.94 -2.82
CA GLU B 64 3.86 -6.82 -3.69
C GLU B 64 5.30 -6.94 -4.21
N ALA B 65 6.26 -7.15 -3.31
CA ALA B 65 7.65 -7.25 -3.74
C ALA B 65 7.83 -8.36 -4.77
N THR B 66 7.15 -9.50 -4.55
CA THR B 66 7.19 -10.59 -5.51
C THR B 66 6.65 -10.14 -6.87
N ARG B 67 5.54 -9.39 -6.87
CA ARG B 67 4.98 -8.93 -8.14
C ARG B 67 5.93 -7.98 -8.85
N LEU B 68 6.56 -7.06 -8.10
CA LEU B 68 7.50 -6.13 -8.71
C LEU B 68 8.65 -6.88 -9.38
N LYS B 69 9.24 -7.84 -8.66
CA LYS B 69 10.28 -8.67 -9.25
C LYS B 69 9.79 -9.38 -10.51
N ARG B 70 8.60 -9.99 -10.43
CA ARG B 70 8.07 -10.77 -11.55
C ARG B 70 7.91 -9.91 -12.80
N THR B 71 7.27 -8.75 -12.67
CA THR B 71 7.02 -7.90 -13.83
C THR B 71 8.31 -7.32 -14.39
N ALA B 72 9.28 -7.00 -13.52
CA ALA B 72 10.57 -6.53 -14.01
C ALA B 72 11.29 -7.63 -14.79
N ARG B 73 11.19 -8.88 -14.30
CA ARG B 73 11.77 -10.00 -15.04
C ARG B 73 11.19 -10.08 -16.44
N ARG B 74 9.86 -9.97 -16.53
CA ARG B 74 9.22 -10.04 -17.84
C ARG B 74 9.73 -8.93 -18.77
N ARG B 75 9.94 -7.73 -18.21
CA ARG B 75 10.44 -6.64 -19.06
C ARG B 75 11.86 -6.91 -19.56
N TYR B 76 12.73 -7.46 -18.70
CA TYR B 76 14.08 -7.79 -19.18
C TYR B 76 14.03 -8.83 -20.30
N THR B 77 13.23 -9.88 -20.11
CA THR B 77 13.06 -10.89 -21.16
C THR B 77 12.63 -10.24 -22.48
N ARG B 78 11.59 -9.40 -22.42
CA ARG B 78 11.03 -8.83 -23.64
C ARG B 78 11.96 -7.81 -24.29
N ARG B 79 12.78 -7.10 -23.49
CA ARG B 79 13.74 -6.17 -24.06
C ARG B 79 14.85 -6.92 -24.82
N LYS B 80 15.36 -7.99 -24.19
CA LYS B 80 16.27 -8.88 -24.91
C LYS B 80 15.65 -9.35 -26.22
N ASN B 81 14.35 -9.69 -26.19
CA ASN B 81 13.69 -10.18 -27.39
C ASN B 81 13.58 -9.09 -28.46
N ARG B 82 13.34 -7.84 -28.05
CA ARG B 82 13.38 -6.74 -29.01
C ARG B 82 14.72 -6.72 -29.74
N ILE B 83 15.81 -6.79 -28.95
CA ILE B 83 17.15 -6.77 -29.55
C ILE B 83 17.33 -7.97 -30.48
N CYS B 84 16.78 -9.13 -30.10
CA CYS B 84 16.93 -10.33 -30.91
C CYS B 84 16.17 -10.22 -32.24
N TYR B 85 14.96 -9.66 -32.21
CA TYR B 85 14.23 -9.39 -33.45
C TYR B 85 15.06 -8.50 -34.38
N LEU B 86 15.59 -7.41 -33.83
CA LEU B 86 16.40 -6.51 -34.65
C LEU B 86 17.61 -7.24 -35.24
N GLN B 87 18.32 -8.02 -34.42
CA GLN B 87 19.50 -8.72 -34.91
C GLN B 87 19.14 -9.75 -35.97
N GLU B 88 18.01 -10.43 -35.81
CA GLU B 88 17.60 -11.41 -36.81
C GLU B 88 17.29 -10.75 -38.14
N ILE B 89 16.69 -9.56 -38.11
CA ILE B 89 16.46 -8.86 -39.38
C ILE B 89 17.79 -8.53 -40.06
N PHE B 90 18.83 -8.23 -39.28
CA PHE B 90 20.13 -7.80 -39.77
C PHE B 90 21.06 -8.96 -40.14
N SER B 91 20.69 -10.20 -39.81
CA SER B 91 21.67 -11.29 -39.73
C SER B 91 22.37 -11.52 -41.08
N ASN B 92 21.61 -11.74 -42.14
CA ASN B 92 22.20 -12.12 -43.42
C ASN B 92 23.19 -11.07 -43.92
N GLU B 93 22.79 -9.79 -43.92
CA GLU B 93 23.64 -8.75 -44.47
C GLU B 93 24.81 -8.42 -43.56
N MET B 94 24.60 -8.45 -42.24
CA MET B 94 25.70 -8.28 -41.32
C MET B 94 26.76 -9.36 -41.54
N ALA B 95 26.33 -10.59 -41.81
CA ALA B 95 27.28 -11.66 -42.11
C ALA B 95 28.13 -11.34 -43.34
N LYS B 96 27.57 -10.60 -44.31
CA LYS B 96 28.36 -10.18 -45.45
C LYS B 96 29.33 -9.07 -45.07
N VAL B 97 28.96 -8.21 -44.11
CA VAL B 97 29.86 -7.13 -43.70
C VAL B 97 30.87 -7.60 -42.65
N ASP B 98 30.41 -8.24 -41.58
CA ASP B 98 31.30 -8.66 -40.49
C ASP B 98 30.68 -9.89 -39.83
N ASP B 99 31.28 -11.05 -40.07
CA ASP B 99 30.64 -12.32 -39.69
C ASP B 99 30.70 -12.61 -38.20
N SER B 100 31.42 -11.81 -37.40
CA SER B 100 31.50 -12.06 -35.97
C SER B 100 31.07 -10.85 -35.13
N PHE B 101 30.40 -9.87 -35.75
CA PHE B 101 30.04 -8.65 -35.05
C PHE B 101 29.10 -8.92 -33.87
N PHE B 102 27.98 -9.59 -34.13
CA PHE B 102 27.04 -9.91 -33.06
C PHE B 102 27.67 -10.82 -32.02
N HIS B 103 28.61 -11.68 -32.43
CA HIS B 103 29.34 -12.47 -31.45
C HIS B 103 30.14 -11.57 -30.51
N ARG B 104 30.85 -10.59 -31.08
CA ARG B 104 31.64 -9.67 -30.25
C ARG B 104 30.74 -8.88 -29.31
N LEU B 105 29.54 -8.53 -29.76
CA LEU B 105 28.59 -7.85 -28.87
C LEU B 105 28.14 -8.77 -27.74
N GLU B 106 27.82 -10.03 -28.06
CA GLU B 106 27.33 -10.93 -27.04
C GLU B 106 28.39 -11.26 -26.00
N GLU B 107 29.66 -11.30 -26.38
CA GLU B 107 30.73 -11.63 -25.43
C GLU B 107 31.46 -10.40 -24.89
N SER B 108 30.92 -9.19 -25.08
CA SER B 108 31.62 -7.97 -24.67
C SER B 108 31.92 -7.95 -23.16
N PHE B 109 31.16 -8.69 -22.37
CA PHE B 109 31.34 -8.70 -20.92
C PHE B 109 32.55 -9.54 -20.50
N LEU B 110 32.96 -10.50 -21.33
CA LEU B 110 34.02 -11.42 -20.94
C LEU B 110 35.40 -10.76 -20.99
N VAL B 111 36.27 -11.18 -20.08
CA VAL B 111 37.65 -10.73 -20.08
C VAL B 111 38.36 -11.29 -21.31
N GLU B 112 39.52 -10.72 -21.65
CA GLU B 112 40.19 -11.10 -22.88
C GLU B 112 40.52 -12.59 -22.92
N GLU B 113 40.95 -13.16 -21.78
CA GLU B 113 41.22 -14.60 -21.71
C GLU B 113 40.04 -15.42 -22.19
N ASP B 114 38.83 -15.03 -21.78
CA ASP B 114 37.63 -15.81 -22.06
C ASP B 114 36.98 -15.45 -23.39
N LYS B 115 37.25 -14.27 -23.93
CA LYS B 115 36.69 -13.92 -25.24
C LYS B 115 37.17 -14.90 -26.30
N LYS B 116 36.30 -15.16 -27.28
CA LYS B 116 36.64 -16.00 -28.42
C LYS B 116 36.96 -15.19 -29.67
N HIS B 117 36.79 -13.86 -29.63
CA HIS B 117 37.05 -12.98 -30.75
C HIS B 117 37.91 -11.81 -30.25
N GLU B 118 38.32 -10.96 -31.20
CA GLU B 118 39.12 -9.79 -30.86
C GLU B 118 38.38 -8.91 -29.86
N ARG B 119 39.13 -8.24 -28.99
CA ARG B 119 38.54 -7.58 -27.83
C ARG B 119 37.79 -6.30 -28.16
N HIS B 120 37.98 -5.71 -29.35
CA HIS B 120 37.34 -4.45 -29.68
C HIS B 120 36.01 -4.72 -30.38
N PRO B 121 34.88 -4.45 -29.72
CA PRO B 121 33.61 -5.04 -30.20
C PRO B 121 33.13 -4.52 -31.54
N ILE B 122 33.25 -3.22 -31.79
CA ILE B 122 32.58 -2.63 -32.93
C ILE B 122 33.26 -3.01 -34.25
N PHE B 123 34.59 -2.93 -34.30
CA PHE B 123 35.31 -3.17 -35.55
C PHE B 123 36.34 -4.28 -35.49
N GLY B 124 36.73 -4.75 -34.32
CA GLY B 124 37.66 -5.86 -34.24
C GLY B 124 39.11 -5.51 -34.41
N ASN B 125 39.47 -4.22 -34.39
CA ASN B 125 40.87 -3.83 -34.34
C ASN B 125 40.95 -2.51 -33.57
N ILE B 126 42.13 -2.25 -33.01
CA ILE B 126 42.29 -1.11 -32.10
C ILE B 126 42.21 0.21 -32.85
N VAL B 127 42.73 0.27 -34.08
CA VAL B 127 42.82 1.54 -34.80
C VAL B 127 41.43 2.07 -35.14
N ASP B 128 40.59 1.21 -35.73
CA ASP B 128 39.24 1.64 -36.07
C ASP B 128 38.40 1.92 -34.84
N GLU B 129 38.63 1.18 -33.75
CA GLU B 129 37.87 1.41 -32.52
C GLU B 129 38.19 2.77 -31.92
N VAL B 130 39.48 3.08 -31.82
CA VAL B 130 39.90 4.40 -31.35
C VAL B 130 39.35 5.50 -32.24
N ALA B 131 39.42 5.30 -33.57
CA ALA B 131 38.93 6.32 -34.50
C ALA B 131 37.43 6.52 -34.34
N TYR B 132 36.68 5.43 -34.15
CA TYR B 132 35.25 5.55 -33.93
C TYR B 132 34.96 6.41 -32.71
N HIS B 133 35.60 6.09 -31.58
CA HIS B 133 35.32 6.85 -30.37
C HIS B 133 35.75 8.31 -30.51
N GLU B 134 36.84 8.56 -31.23
CA GLU B 134 37.25 9.94 -31.47
C GLU B 134 36.19 10.70 -32.25
N LYS B 135 35.68 10.10 -33.33
CA LYS B 135 34.67 10.78 -34.14
C LYS B 135 33.32 10.86 -33.42
N TYR B 136 32.99 9.87 -32.60
CA TYR B 136 31.68 9.77 -31.96
C TYR B 136 31.87 9.51 -30.46
N PRO B 137 32.14 10.55 -29.67
CA PRO B 137 32.32 10.34 -28.23
C PRO B 137 31.10 9.78 -27.52
N THR B 138 29.89 10.10 -27.96
CA THR B 138 28.70 9.46 -27.42
C THR B 138 27.89 8.86 -28.57
N ILE B 139 27.07 7.86 -28.22
CA ILE B 139 26.15 7.26 -29.17
C ILE B 139 25.26 8.32 -29.82
N TYR B 140 25.00 9.42 -29.12
CA TYR B 140 24.11 10.45 -29.66
C TYR B 140 24.76 11.21 -30.81
N HIS B 141 26.09 11.37 -30.78
CA HIS B 141 26.80 11.88 -31.95
C HIS B 141 26.50 11.02 -33.18
N LEU B 142 26.64 9.69 -33.03
CA LEU B 142 26.38 8.77 -34.13
C LEU B 142 24.93 8.85 -34.58
N ARG B 143 24.00 8.87 -33.62
CA ARG B 143 22.58 8.94 -33.95
C ARG B 143 22.27 10.18 -34.78
N LYS B 144 22.78 11.34 -34.33
CA LYS B 144 22.54 12.58 -35.07
C LYS B 144 23.16 12.53 -36.45
N LYS B 145 24.39 12.00 -36.55
CA LYS B 145 25.04 11.90 -37.85
C LYS B 145 24.22 11.06 -38.81
N LEU B 146 23.78 9.88 -38.35
CA LEU B 146 23.00 8.99 -39.20
C LEU B 146 21.62 9.53 -39.51
N VAL B 147 21.12 10.48 -38.71
CA VAL B 147 19.86 11.13 -39.06
C VAL B 147 20.08 12.19 -40.13
N ASP B 148 21.13 13.01 -39.98
CA ASP B 148 21.30 14.19 -40.82
C ASP B 148 22.08 13.92 -42.10
N SER B 149 23.02 12.98 -42.08
CA SER B 149 23.90 12.75 -43.21
C SER B 149 23.20 11.97 -44.33
N THR B 150 23.67 12.20 -45.55
CA THR B 150 23.16 11.52 -46.74
C THR B 150 24.09 10.45 -47.28
N ASP B 151 25.28 10.30 -46.71
CA ASP B 151 26.23 9.30 -47.17
C ASP B 151 25.84 7.90 -46.70
N LYS B 152 26.22 6.90 -47.49
CA LYS B 152 26.09 5.51 -47.06
C LYS B 152 26.89 5.29 -45.79
N ALA B 153 26.32 4.52 -44.86
CA ALA B 153 26.93 4.31 -43.56
C ALA B 153 27.28 2.83 -43.36
N ASP B 154 28.33 2.60 -42.58
CA ASP B 154 28.68 1.25 -42.18
C ASP B 154 27.51 0.58 -41.46
N LEU B 155 27.23 -0.67 -41.85
CA LEU B 155 26.04 -1.35 -41.35
C LEU B 155 26.10 -1.59 -39.84
N ARG B 156 27.29 -1.80 -39.29
CA ARG B 156 27.40 -2.02 -37.85
C ARG B 156 27.01 -0.77 -37.07
N LEU B 157 27.37 0.42 -37.57
CA LEU B 157 26.97 1.65 -36.89
C LEU B 157 25.47 1.89 -37.02
N ILE B 158 24.89 1.58 -38.17
CA ILE B 158 23.43 1.63 -38.32
C ILE B 158 22.77 0.75 -37.28
N TYR B 159 23.25 -0.50 -37.15
CA TYR B 159 22.68 -1.39 -36.14
C TYR B 159 22.79 -0.78 -34.75
N LEU B 160 23.98 -0.27 -34.39
CA LEU B 160 24.16 0.23 -33.03
C LEU B 160 23.21 1.38 -32.73
N ALA B 161 23.02 2.29 -33.69
CA ALA B 161 22.08 3.39 -33.49
C ALA B 161 20.65 2.86 -33.30
N LEU B 162 20.20 1.99 -34.20
CA LEU B 162 18.84 1.46 -34.09
C LEU B 162 18.64 0.69 -32.79
N ALA B 163 19.67 -0.07 -32.38
CA ALA B 163 19.58 -0.88 -31.17
C ALA B 163 19.52 0.00 -29.93
N HIS B 164 20.32 1.06 -29.90
CA HIS B 164 20.23 1.99 -28.78
C HIS B 164 18.84 2.58 -28.68
N MET B 165 18.24 2.93 -29.83
CA MET B 165 16.89 3.48 -29.77
C MET B 165 15.88 2.45 -29.28
N ILE B 166 16.03 1.19 -29.70
CA ILE B 166 15.03 0.18 -29.36
C ILE B 166 15.19 -0.27 -27.90
N LYS B 167 16.42 -0.31 -27.40
CA LYS B 167 16.66 -0.82 -26.06
C LYS B 167 16.22 0.17 -25.00
N PHE B 168 16.36 1.48 -25.28
CA PHE B 168 15.96 2.54 -24.35
C PHE B 168 15.03 3.47 -25.14
N ARG B 169 13.76 3.06 -25.23
CA ARG B 169 12.87 3.62 -26.24
C ARG B 169 11.93 4.70 -25.73
N GLY B 170 12.01 5.07 -24.46
CA GLY B 170 11.15 6.12 -23.93
C GLY B 170 9.73 5.65 -23.66
N HIS B 171 8.91 6.58 -23.19
CA HIS B 171 7.62 6.25 -22.59
C HIS B 171 6.48 6.26 -23.61
N PHE B 172 5.33 5.79 -23.14
CA PHE B 172 4.11 5.64 -23.95
C PHE B 172 2.94 6.37 -23.31
N LEU B 173 3.21 7.47 -22.63
CA LEU B 173 2.18 8.22 -21.92
C LEU B 173 1.45 9.21 -22.82
N ILE B 174 1.87 9.36 -24.06
CA ILE B 174 1.27 10.32 -24.99
C ILE B 174 0.73 9.56 -26.18
N GLU B 175 -0.57 9.70 -26.43
CA GLU B 175 -1.22 9.00 -27.53
C GLU B 175 -0.94 9.69 -28.85
N GLY B 176 -1.03 8.92 -29.93
CA GLY B 176 -0.90 9.46 -31.26
C GLY B 176 0.53 9.73 -31.68
N ASP B 177 0.65 10.48 -32.78
CA ASP B 177 1.95 10.81 -33.33
C ASP B 177 2.42 12.16 -32.81
N LEU B 178 3.74 12.33 -32.77
CA LEU B 178 4.38 13.53 -32.24
C LEU B 178 5.41 13.99 -33.25
N ASN B 179 5.29 15.23 -33.72
CA ASN B 179 6.16 15.76 -34.76
C ASN B 179 6.79 17.06 -34.27
N PRO B 180 8.02 17.01 -33.77
CA PRO B 180 8.64 18.20 -33.17
C PRO B 180 8.80 19.34 -34.18
N ASP B 181 8.46 20.55 -33.73
CA ASP B 181 8.59 21.78 -34.52
C ASP B 181 8.51 22.99 -33.60
N ASN B 182 9.66 23.57 -33.24
CA ASN B 182 9.70 24.76 -32.41
C ASN B 182 10.21 25.99 -33.17
N SER B 183 10.08 25.98 -34.50
CA SER B 183 10.69 27.03 -35.30
C SER B 183 9.92 28.35 -35.20
N ASP B 184 8.60 28.31 -35.06
CA ASP B 184 7.84 29.55 -34.97
C ASP B 184 7.02 29.62 -33.69
N VAL B 185 7.67 29.49 -32.54
CA VAL B 185 6.99 29.74 -31.27
C VAL B 185 6.62 31.22 -31.17
N ASP B 186 7.49 32.10 -31.67
CA ASP B 186 7.21 33.53 -31.62
C ASP B 186 5.97 33.89 -32.42
N LYS B 187 5.83 33.32 -33.61
CA LYS B 187 4.67 33.61 -34.45
C LYS B 187 3.39 33.05 -33.84
N LEU B 188 3.47 31.86 -33.25
CA LEU B 188 2.29 31.28 -32.60
C LEU B 188 1.86 32.12 -31.39
N PHE B 189 2.84 32.59 -30.62
CA PHE B 189 2.53 33.46 -29.48
C PHE B 189 1.91 34.77 -29.96
N ILE B 190 2.45 35.35 -31.03
CA ILE B 190 1.88 36.58 -31.58
C ILE B 190 0.46 36.31 -32.10
N GLN B 191 0.22 35.13 -32.67
CA GLN B 191 -1.12 34.80 -33.13
C GLN B 191 -2.09 34.67 -31.96
N LEU B 192 -1.62 34.11 -30.85
CA LEU B 192 -2.44 34.06 -29.64
C LEU B 192 -2.76 35.46 -29.14
N VAL B 193 -1.76 36.34 -29.13
CA VAL B 193 -1.98 37.72 -28.72
C VAL B 193 -2.95 38.43 -29.66
N GLN B 194 -2.87 38.13 -30.96
CA GLN B 194 -3.78 38.72 -31.93
C GLN B 194 -5.21 38.22 -31.73
N THR B 195 -5.38 36.90 -31.52
CA THR B 195 -6.70 36.36 -31.27
C THR B 195 -7.29 36.90 -29.97
N TYR B 196 -6.44 37.16 -28.97
CA TYR B 196 -6.91 37.78 -27.74
C TYR B 196 -7.35 39.22 -27.99
N ASN B 197 -6.46 40.03 -28.59
CA ASN B 197 -6.77 41.42 -28.86
C ASN B 197 -7.97 41.57 -29.80
N GLN B 198 -8.29 40.54 -30.58
CA GLN B 198 -9.49 40.59 -31.41
C GLN B 198 -10.74 40.72 -30.54
N LEU B 199 -10.79 39.98 -29.43
CA LEU B 199 -11.94 40.07 -28.53
C LEU B 199 -11.91 41.34 -27.71
N PHE B 200 -10.74 41.69 -27.16
CA PHE B 200 -10.63 42.75 -26.19
C PHE B 200 -9.91 43.95 -26.81
N GLU B 201 -10.59 44.55 -27.79
CA GLU B 201 -10.07 45.71 -28.48
C GLU B 201 -9.81 46.87 -27.51
N GLU B 202 -10.66 47.01 -26.49
CA GLU B 202 -10.49 48.10 -25.53
C GLU B 202 -9.22 47.95 -24.70
N ASN B 203 -8.82 46.72 -24.40
CA ASN B 203 -7.64 46.47 -23.56
C ASN B 203 -6.79 45.38 -24.21
N PRO B 204 -6.08 45.71 -25.29
CA PRO B 204 -5.26 44.72 -25.97
C PRO B 204 -3.91 44.55 -25.31
N ILE B 205 -3.20 43.51 -25.75
CA ILE B 205 -1.84 43.22 -25.31
C ILE B 205 -0.88 43.56 -26.44
N ASN B 206 0.20 44.26 -26.12
CA ASN B 206 1.22 44.61 -27.10
C ASN B 206 2.34 43.57 -26.98
N ALA B 207 2.37 42.63 -27.91
CA ALA B 207 3.37 41.57 -27.90
C ALA B 207 4.73 42.01 -28.41
N SER B 208 4.86 43.25 -28.88
CA SER B 208 6.09 43.71 -29.49
C SER B 208 7.21 43.78 -28.46
N GLY B 209 8.31 43.07 -28.73
CA GLY B 209 9.45 43.04 -27.85
C GLY B 209 9.46 41.91 -26.84
N VAL B 210 8.42 41.08 -26.80
CA VAL B 210 8.36 39.97 -25.87
C VAL B 210 9.03 38.78 -26.53
N ASP B 211 10.15 38.33 -25.96
CA ASP B 211 10.85 37.16 -26.46
C ASP B 211 10.19 35.92 -25.85
N ALA B 212 9.04 35.57 -26.41
CA ALA B 212 8.28 34.42 -25.92
C ALA B 212 9.06 33.13 -26.11
N LYS B 213 9.83 33.03 -27.21
CA LYS B 213 10.59 31.81 -27.48
C LYS B 213 11.59 31.55 -26.36
N ALA B 214 12.35 32.57 -25.97
CA ALA B 214 13.31 32.41 -24.88
C ALA B 214 12.61 32.24 -23.54
N ILE B 215 11.59 33.05 -23.28
CA ILE B 215 10.94 33.05 -21.97
C ILE B 215 10.23 31.71 -21.73
N LEU B 216 9.54 31.20 -22.74
CA LEU B 216 8.74 29.99 -22.59
C LEU B 216 9.54 28.70 -22.75
N SER B 217 10.77 28.77 -23.26
CA SER B 217 11.59 27.57 -23.45
C SER B 217 12.77 27.51 -22.50
N ALA B 218 12.82 28.39 -21.50
CA ALA B 218 13.94 28.39 -20.57
C ALA B 218 13.91 27.16 -19.67
N ARG B 219 15.09 26.76 -19.21
CA ARG B 219 15.21 25.68 -18.23
C ARG B 219 14.71 26.13 -16.87
N LEU B 220 13.42 26.43 -16.79
CA LEU B 220 12.78 26.84 -15.56
C LEU B 220 11.47 26.11 -15.44
N SER B 221 10.82 26.23 -14.27
CA SER B 221 9.52 25.61 -14.11
C SER B 221 8.49 26.33 -14.98
N LYS B 222 7.38 25.63 -15.23
CA LYS B 222 6.28 26.24 -15.97
C LYS B 222 5.78 27.50 -15.28
N SER B 223 5.64 27.45 -13.95
CA SER B 223 5.17 28.62 -13.21
C SER B 223 6.15 29.77 -13.30
N ARG B 224 7.46 29.47 -13.17
CA ARG B 224 8.49 30.48 -13.29
C ARG B 224 8.38 31.22 -14.62
N ARG B 225 8.30 30.46 -15.71
CA ARG B 225 8.15 31.06 -17.04
C ARG B 225 6.85 31.84 -17.16
N LEU B 226 5.78 31.38 -16.50
CA LEU B 226 4.53 32.12 -16.52
C LEU B 226 4.70 33.51 -15.90
N GLU B 227 5.33 33.57 -14.72
CA GLU B 227 5.62 34.86 -14.10
C GLU B 227 6.49 35.73 -14.99
N ASN B 228 7.56 35.14 -15.54
CA ASN B 228 8.47 35.90 -16.40
C ASN B 228 7.74 36.49 -17.61
N LEU B 229 6.83 35.72 -18.19
CA LEU B 229 6.10 36.20 -19.36
C LEU B 229 5.15 37.32 -18.97
N ILE B 230 4.35 37.11 -17.92
CA ILE B 230 3.41 38.15 -17.48
C ILE B 230 4.15 39.44 -17.14
N ALA B 231 5.37 39.33 -16.61
CA ALA B 231 6.17 40.53 -16.31
C ALA B 231 6.32 41.42 -17.55
N GLN B 232 6.46 40.81 -18.72
CA GLN B 232 6.68 41.55 -19.95
C GLN B 232 5.40 42.15 -20.53
N LEU B 233 4.24 41.84 -19.97
CA LEU B 233 2.97 42.38 -20.45
C LEU B 233 2.42 43.37 -19.44
N PRO B 234 2.53 44.67 -19.67
CA PRO B 234 2.09 45.65 -18.68
C PRO B 234 0.58 45.75 -18.62
N GLY B 235 0.08 46.02 -17.41
CA GLY B 235 -1.35 46.04 -17.21
C GLY B 235 -2.02 44.70 -17.33
N GLU B 236 -1.24 43.62 -17.22
CA GLU B 236 -1.73 42.25 -17.28
C GLU B 236 -1.27 41.52 -16.02
N LYS B 237 -2.17 40.75 -15.42
CA LYS B 237 -1.84 40.04 -14.19
C LYS B 237 -1.90 38.54 -14.43
N LYS B 238 -1.16 37.80 -13.59
CA LYS B 238 -0.92 36.38 -13.84
C LYS B 238 -2.21 35.56 -13.80
N ASN B 239 -3.17 35.96 -12.98
CA ASN B 239 -4.45 35.26 -12.90
C ASN B 239 -5.50 35.82 -13.86
N GLY B 240 -5.14 36.79 -14.70
CA GLY B 240 -6.04 37.25 -15.73
C GLY B 240 -6.29 36.18 -16.77
N LEU B 241 -7.22 36.48 -17.68
CA LEU B 241 -7.56 35.51 -18.73
C LEU B 241 -6.33 35.14 -19.55
N PHE B 242 -5.55 36.13 -19.98
CA PHE B 242 -4.37 35.82 -20.80
C PHE B 242 -3.32 35.08 -19.99
N GLY B 243 -3.18 35.42 -18.71
CA GLY B 243 -2.29 34.65 -17.85
C GLY B 243 -2.70 33.19 -17.78
N ASN B 244 -4.00 32.94 -17.64
CA ASN B 244 -4.49 31.57 -17.61
C ASN B 244 -4.32 30.88 -18.94
N LEU B 245 -4.42 31.61 -20.05
CA LEU B 245 -4.19 30.98 -21.36
C LEU B 245 -2.74 30.60 -21.54
N ILE B 246 -1.82 31.45 -21.07
CA ILE B 246 -0.40 31.09 -21.11
C ILE B 246 -0.15 29.87 -20.23
N ALA B 247 -0.71 29.88 -19.02
CA ALA B 247 -0.59 28.72 -18.14
C ALA B 247 -1.08 27.45 -18.83
N LEU B 248 -2.23 27.54 -19.50
CA LEU B 248 -2.75 26.41 -20.27
C LEU B 248 -1.74 25.96 -21.32
N SER B 249 -1.16 26.91 -22.06
CA SER B 249 -0.21 26.53 -23.10
C SER B 249 1.05 25.89 -22.52
N LEU B 250 1.39 26.21 -21.27
CA LEU B 250 2.58 25.65 -20.62
C LEU B 250 2.33 24.27 -20.03
N GLY B 251 1.10 23.76 -20.09
CA GLY B 251 0.79 22.46 -19.53
C GLY B 251 0.31 22.49 -18.10
N LEU B 252 -0.09 23.64 -17.59
CA LEU B 252 -0.64 23.75 -16.25
C LEU B 252 -2.15 23.46 -16.30
N THR B 253 -2.81 23.59 -15.15
CA THR B 253 -4.25 23.38 -15.02
C THR B 253 -4.86 24.65 -14.43
N PRO B 254 -5.09 25.67 -15.26
CA PRO B 254 -5.73 26.89 -14.75
C PRO B 254 -7.24 26.74 -14.68
N ASN B 255 -7.84 27.53 -13.80
CA ASN B 255 -9.28 27.57 -13.61
C ASN B 255 -9.80 28.88 -14.16
N PHE B 256 -10.63 28.80 -15.20
CA PHE B 256 -11.19 29.99 -15.84
C PHE B 256 -12.48 30.45 -15.20
N LYS B 257 -12.76 29.99 -13.98
CA LYS B 257 -14.00 30.36 -13.30
C LYS B 257 -14.07 31.88 -13.07
N SER B 258 -13.03 32.45 -12.45
CA SER B 258 -13.05 33.87 -12.15
C SER B 258 -12.99 34.73 -13.41
N ASN B 259 -12.31 34.25 -14.46
CA ASN B 259 -12.22 35.02 -15.69
C ASN B 259 -13.59 35.29 -16.30
N PHE B 260 -14.55 34.37 -16.10
CA PHE B 260 -15.84 34.46 -16.77
C PHE B 260 -17.01 34.51 -15.80
N ASP B 261 -16.75 34.73 -14.51
CA ASP B 261 -17.80 34.87 -13.50
C ASP B 261 -18.76 33.68 -13.54
N LEU B 262 -18.20 32.48 -13.58
CA LEU B 262 -18.96 31.25 -13.61
C LEU B 262 -19.33 30.82 -12.19
N ALA B 263 -20.36 29.98 -12.10
CA ALA B 263 -20.78 29.42 -10.83
C ALA B 263 -20.04 28.12 -10.49
N GLU B 264 -19.70 27.33 -11.51
CA GLU B 264 -18.96 26.10 -11.32
C GLU B 264 -17.49 26.30 -11.68
N ASP B 265 -16.69 25.29 -11.35
CA ASP B 265 -15.28 25.29 -11.72
C ASP B 265 -15.13 25.05 -13.22
N ALA B 266 -14.13 25.70 -13.81
CA ALA B 266 -13.76 25.49 -15.21
C ALA B 266 -12.25 25.24 -15.30
N LYS B 267 -11.81 24.18 -14.63
CA LYS B 267 -10.40 23.78 -14.66
C LYS B 267 -10.11 23.05 -15.97
N LEU B 268 -9.02 23.42 -16.63
CA LEU B 268 -8.71 22.95 -17.97
C LEU B 268 -7.26 22.51 -18.06
N GLN B 269 -7.03 21.30 -18.58
CA GLN B 269 -5.68 20.83 -18.84
C GLN B 269 -5.63 20.18 -20.21
N LEU B 270 -4.65 20.59 -21.03
CA LEU B 270 -4.59 20.11 -22.41
C LEU B 270 -4.22 18.64 -22.50
N SER B 271 -3.34 18.17 -21.61
CA SER B 271 -2.89 16.78 -21.66
C SER B 271 -3.92 15.79 -21.13
N LYS B 272 -4.83 16.23 -20.26
CA LYS B 272 -5.90 15.36 -19.80
C LYS B 272 -6.70 14.85 -20.98
N ASP B 273 -6.99 13.54 -20.98
CA ASP B 273 -7.77 12.95 -22.07
C ASP B 273 -9.21 13.43 -22.09
N THR B 274 -9.66 14.15 -21.06
CA THR B 274 -11.01 14.69 -20.99
C THR B 274 -11.10 16.14 -21.49
N TYR B 275 -10.04 16.65 -22.11
CA TYR B 275 -9.96 18.08 -22.39
C TYR B 275 -11.00 18.54 -23.39
N ASP B 276 -11.30 17.71 -24.40
CA ASP B 276 -12.26 18.12 -25.42
C ASP B 276 -13.63 18.39 -24.82
N ASP B 277 -14.14 17.47 -24.00
CA ASP B 277 -15.46 17.64 -23.41
C ASP B 277 -15.47 18.77 -22.39
N ASP B 278 -14.39 18.94 -21.63
CA ASP B 278 -14.30 20.05 -20.68
C ASP B 278 -14.36 21.39 -21.40
N LEU B 279 -13.60 21.52 -22.48
CA LEU B 279 -13.62 22.75 -23.26
C LEU B 279 -15.00 22.98 -23.89
N ASP B 280 -15.67 21.89 -24.31
CA ASP B 280 -17.01 22.05 -24.85
C ASP B 280 -17.99 22.55 -23.79
N ASN B 281 -17.87 22.03 -22.55
CA ASN B 281 -18.70 22.54 -21.46
C ASN B 281 -18.45 24.03 -21.22
N LEU B 282 -17.17 24.41 -21.14
CA LEU B 282 -16.82 25.81 -20.93
C LEU B 282 -17.38 26.69 -22.04
N LEU B 283 -17.21 26.26 -23.30
CA LEU B 283 -17.71 27.06 -24.43
C LEU B 283 -19.22 27.15 -24.41
N ALA B 284 -19.91 26.07 -24.05
CA ALA B 284 -21.35 26.14 -23.85
C ALA B 284 -21.71 27.18 -22.82
N GLN B 285 -20.85 27.37 -21.81
CA GLN B 285 -21.11 28.40 -20.81
C GLN B 285 -20.85 29.81 -21.37
N ILE B 286 -19.72 30.01 -22.05
CA ILE B 286 -19.30 31.35 -22.43
C ILE B 286 -19.52 31.69 -23.90
N GLY B 287 -19.59 30.69 -24.78
CA GLY B 287 -19.84 30.97 -26.18
C GLY B 287 -18.71 30.57 -27.11
N ASP B 288 -19.04 30.22 -28.35
CA ASP B 288 -18.06 29.74 -29.31
C ASP B 288 -17.16 30.84 -29.85
N GLN B 289 -17.48 32.11 -29.60
CA GLN B 289 -16.60 33.20 -30.01
C GLN B 289 -15.25 33.13 -29.32
N TYR B 290 -15.17 32.44 -28.17
CA TYR B 290 -13.91 32.23 -27.48
C TYR B 290 -13.16 31.00 -27.97
N ALA B 291 -13.80 30.17 -28.81
CA ALA B 291 -13.20 28.93 -29.27
C ALA B 291 -11.78 29.15 -29.80
N ASP B 292 -11.65 30.03 -30.80
CA ASP B 292 -10.35 30.35 -31.38
C ASP B 292 -9.30 30.58 -30.31
N LEU B 293 -9.64 31.35 -29.28
CA LEU B 293 -8.71 31.65 -28.20
C LEU B 293 -8.06 30.36 -27.69
N PHE B 294 -8.88 29.42 -27.22
CA PHE B 294 -8.32 28.16 -26.73
C PHE B 294 -7.66 27.39 -27.85
N LEU B 295 -8.24 27.43 -29.05
CA LEU B 295 -7.56 26.85 -30.21
C LEU B 295 -6.13 27.39 -30.32
N ALA B 296 -5.99 28.73 -30.27
CA ALA B 296 -4.67 29.32 -30.37
C ALA B 296 -3.77 28.80 -29.26
N ALA B 297 -4.31 28.69 -28.03
CA ALA B 297 -3.54 28.13 -26.93
C ALA B 297 -2.98 26.77 -27.31
N LYS B 298 -3.86 25.87 -27.79
CA LYS B 298 -3.39 24.55 -28.21
C LYS B 298 -2.23 24.67 -29.19
N ASN B 299 -2.37 25.55 -30.18
CA ASN B 299 -1.32 25.68 -31.19
C ASN B 299 0.00 26.06 -30.55
N LEU B 300 0.00 27.09 -29.69
CA LEU B 300 1.24 27.46 -29.02
C LEU B 300 1.75 26.30 -28.19
N SER B 301 0.83 25.59 -27.53
CA SER B 301 1.21 24.44 -26.71
C SER B 301 1.90 23.38 -27.54
N ASP B 302 1.48 23.20 -28.80
CA ASP B 302 2.10 22.16 -29.62
C ASP B 302 3.54 22.51 -29.98
N ALA B 303 3.90 23.80 -29.95
CA ALA B 303 5.24 24.19 -30.37
C ALA B 303 6.25 24.19 -29.23
N ILE B 304 5.78 24.34 -27.99
CA ILE B 304 6.66 24.34 -26.83
C ILE B 304 6.46 23.12 -25.97
N LEU B 305 5.72 22.12 -26.45
CA LEU B 305 5.37 20.96 -25.64
C LEU B 305 6.61 20.31 -25.01
N LEU B 306 7.65 20.11 -25.82
CA LEU B 306 8.84 19.39 -25.39
C LEU B 306 10.05 20.29 -25.24
N SER B 307 9.83 21.58 -24.95
CA SER B 307 10.96 22.50 -24.79
C SER B 307 11.94 22.05 -23.71
N ASP B 308 11.48 21.22 -22.76
CA ASP B 308 12.37 20.79 -21.69
C ASP B 308 13.38 19.75 -22.18
N ILE B 309 12.99 18.90 -23.12
CA ILE B 309 13.89 17.83 -23.56
C ILE B 309 14.54 18.17 -24.91
N LEU B 310 13.87 19.01 -25.69
CA LEU B 310 14.38 19.42 -27.00
C LEU B 310 14.90 20.86 -26.88
N ARG B 311 16.17 20.99 -26.53
CA ARG B 311 16.79 22.29 -26.27
C ARG B 311 17.59 22.80 -27.45
N VAL B 312 17.23 22.38 -28.66
CA VAL B 312 17.92 22.77 -29.89
C VAL B 312 16.86 23.11 -30.93
N ASN B 313 17.17 24.09 -31.79
CA ASN B 313 16.24 24.47 -32.85
C ASN B 313 16.03 23.31 -33.82
N THR B 314 14.76 23.00 -34.09
CA THR B 314 14.39 21.85 -34.90
C THR B 314 14.60 22.06 -36.39
N GLU B 315 14.93 23.28 -36.83
CA GLU B 315 15.14 23.53 -38.25
C GLU B 315 16.55 23.17 -38.72
N ILE B 316 17.44 22.79 -37.81
CA ILE B 316 18.83 22.52 -38.17
C ILE B 316 19.07 21.02 -38.25
N THR B 317 18.28 20.25 -37.50
CA THR B 317 18.47 18.80 -37.46
C THR B 317 17.13 18.13 -37.27
N LYS B 318 17.00 16.92 -37.83
CA LYS B 318 15.85 16.06 -37.58
C LYS B 318 16.08 15.15 -36.37
N ALA B 319 17.18 15.35 -35.65
CA ALA B 319 17.48 14.62 -34.42
C ALA B 319 17.72 15.62 -33.29
N PRO B 320 16.71 16.40 -32.90
CA PRO B 320 16.94 17.40 -31.84
C PRO B 320 17.16 16.80 -30.47
N LEU B 321 16.72 15.57 -30.20
CA LEU B 321 17.03 14.95 -28.92
C LEU B 321 18.51 14.60 -28.83
N SER B 322 19.01 13.85 -29.81
CA SER B 322 20.43 13.54 -29.85
C SER B 322 21.25 14.83 -29.89
N ALA B 323 20.75 15.84 -30.59
CA ALA B 323 21.45 17.12 -30.63
C ALA B 323 21.50 17.77 -29.25
N SER B 324 20.40 17.67 -28.49
CA SER B 324 20.40 18.22 -27.14
C SER B 324 21.37 17.45 -26.22
N MET B 325 21.47 16.13 -26.42
CA MET B 325 22.49 15.36 -25.71
C MET B 325 23.89 15.81 -26.07
N ILE B 326 24.14 16.06 -27.36
CA ILE B 326 25.43 16.56 -27.82
C ILE B 326 25.70 17.94 -27.22
N LYS B 327 24.66 18.75 -27.06
CA LYS B 327 24.80 20.04 -26.38
C LYS B 327 25.25 19.84 -24.94
N ARG B 328 24.57 18.94 -24.22
CA ARG B 328 25.03 18.53 -22.89
C ARG B 328 26.51 18.18 -22.88
N TYR B 329 26.91 17.33 -23.84
CA TYR B 329 28.29 16.85 -23.88
C TYR B 329 29.28 18.00 -24.10
N ASP B 330 29.01 18.84 -25.11
CA ASP B 330 29.92 19.93 -25.43
C ASP B 330 30.05 20.90 -24.27
N GLU B 331 28.92 21.27 -23.66
CA GLU B 331 28.99 22.20 -22.54
C GLU B 331 29.72 21.58 -21.35
N HIS B 332 29.51 20.28 -21.12
CA HIS B 332 30.29 19.57 -20.12
C HIS B 332 31.77 19.69 -20.40
N HIS B 333 32.18 19.50 -21.67
CA HIS B 333 33.60 19.58 -22.00
C HIS B 333 34.16 20.98 -21.75
N GLN B 334 33.48 21.99 -22.27
CA GLN B 334 33.97 23.37 -22.13
C GLN B 334 34.05 23.77 -20.67
N ASP B 335 32.99 23.48 -19.89
CA ASP B 335 32.98 23.84 -18.48
C ASP B 335 33.98 23.02 -17.69
N LEU B 336 34.27 21.78 -18.10
CA LEU B 336 35.29 21.00 -17.40
C LEU B 336 36.67 21.59 -17.64
N THR B 337 36.97 21.98 -18.89
CA THR B 337 38.24 22.64 -19.15
C THR B 337 38.37 23.92 -18.33
N LEU B 338 37.31 24.73 -18.30
CA LEU B 338 37.35 25.98 -17.53
C LEU B 338 37.53 25.70 -16.03
N LEU B 339 36.80 24.71 -15.51
CA LEU B 339 36.88 24.42 -14.08
C LEU B 339 38.25 23.89 -13.70
N LYS B 340 38.82 23.02 -14.53
CA LYS B 340 40.19 22.54 -14.28
C LYS B 340 41.17 23.70 -14.25
N ALA B 341 41.09 24.61 -15.22
CA ALA B 341 42.00 25.75 -15.25
C ALA B 341 41.81 26.63 -14.01
N LEU B 342 40.57 26.92 -13.66
CA LEU B 342 40.29 27.77 -12.49
C LEU B 342 40.83 27.15 -11.21
N VAL B 343 40.66 25.83 -11.05
CA VAL B 343 41.17 25.20 -9.83
C VAL B 343 42.69 25.18 -9.83
N ARG B 344 43.31 24.88 -10.98
CA ARG B 344 44.76 24.91 -11.08
C ARG B 344 45.31 26.28 -10.69
N GLN B 345 44.57 27.35 -11.02
CA GLN B 345 45.05 28.69 -10.76
C GLN B 345 44.77 29.14 -9.33
N GLN B 346 43.50 29.15 -8.94
CA GLN B 346 43.08 29.84 -7.72
C GLN B 346 43.23 28.97 -6.47
N LEU B 347 43.18 27.64 -6.59
CA LEU B 347 43.41 26.76 -5.45
C LEU B 347 43.99 25.44 -5.94
N PRO B 348 45.31 25.35 -6.10
CA PRO B 348 45.90 24.12 -6.63
C PRO B 348 45.83 22.95 -5.67
N GLU B 349 45.96 23.19 -4.36
CA GLU B 349 46.03 22.09 -3.40
C GLU B 349 44.79 21.21 -3.44
N LYS B 350 43.65 21.75 -3.85
CA LYS B 350 42.42 20.98 -3.90
C LYS B 350 42.31 20.12 -5.15
N TYR B 351 43.07 20.44 -6.21
CA TYR B 351 42.88 19.80 -7.51
C TYR B 351 42.79 18.30 -7.40
N LYS B 352 43.79 17.67 -6.78
CA LYS B 352 43.82 16.22 -6.64
C LYS B 352 42.51 15.71 -6.07
N GLU B 353 42.10 16.25 -4.90
CA GLU B 353 40.87 15.79 -4.27
C GLU B 353 39.68 15.89 -5.22
N ILE B 354 39.63 16.95 -6.02
CA ILE B 354 38.50 17.14 -6.90
C ILE B 354 38.57 16.21 -8.10
N PHE B 355 39.78 15.91 -8.60
CA PHE B 355 39.91 15.23 -9.88
C PHE B 355 40.59 13.88 -9.82
N PHE B 356 40.94 13.38 -8.64
CA PHE B 356 41.59 12.09 -8.55
C PHE B 356 40.94 11.20 -7.48
N ASP B 357 40.43 11.81 -6.41
CA ASP B 357 39.94 11.05 -5.26
C ASP B 357 38.53 10.55 -5.53
N GLN B 358 38.40 9.26 -5.83
CA GLN B 358 37.07 8.68 -6.03
C GLN B 358 36.28 8.61 -4.74
N SER B 359 36.96 8.52 -3.59
CA SER B 359 36.25 8.48 -2.31
C SER B 359 35.49 9.77 -2.05
N LYS B 360 36.03 10.90 -2.51
CA LYS B 360 35.36 12.18 -2.31
C LYS B 360 34.31 12.40 -3.39
N ASN B 361 33.37 13.30 -3.09
CA ASN B 361 32.28 13.60 -4.01
C ASN B 361 32.68 14.66 -5.02
N GLY B 362 33.94 14.68 -5.42
CA GLY B 362 34.41 15.59 -6.45
C GLY B 362 34.04 15.12 -7.83
N TYR B 363 34.75 15.65 -8.83
CA TYR B 363 34.56 15.18 -10.19
C TYR B 363 34.95 13.71 -10.31
N ALA B 364 35.94 13.27 -9.54
CA ALA B 364 36.35 11.86 -9.56
C ALA B 364 35.22 10.97 -9.08
N GLY B 365 34.64 11.28 -7.92
CA GLY B 365 33.52 10.50 -7.42
C GLY B 365 32.31 10.59 -8.32
N TYR B 366 32.18 11.71 -9.05
CA TYR B 366 31.05 11.89 -9.96
C TYR B 366 31.18 11.01 -11.19
N ILE B 367 32.39 10.92 -11.75
CA ILE B 367 32.61 10.13 -12.96
C ILE B 367 32.94 8.68 -12.63
N ASP B 368 33.76 8.44 -11.60
CA ASP B 368 34.28 7.11 -11.30
C ASP B 368 33.76 6.51 -10.01
N GLY B 369 33.41 7.33 -9.02
CA GLY B 369 32.96 6.85 -7.73
C GLY B 369 31.48 6.63 -7.66
N GLY B 370 30.93 6.75 -6.45
CA GLY B 370 29.51 6.56 -6.23
C GLY B 370 28.75 7.85 -6.05
N ALA B 371 29.35 8.97 -6.43
CA ALA B 371 28.73 10.27 -6.20
C ALA B 371 27.71 10.58 -7.29
N SER B 372 26.49 10.93 -6.88
CA SER B 372 25.45 11.30 -7.81
C SER B 372 25.61 12.75 -8.25
N GLN B 373 24.80 13.14 -9.24
CA GLN B 373 24.82 14.53 -9.69
C GLN B 373 24.45 15.49 -8.55
N GLU B 374 23.47 15.10 -7.73
CA GLU B 374 23.10 15.93 -6.59
C GLU B 374 24.23 16.01 -5.57
N GLU B 375 24.81 14.86 -5.23
CA GLU B 375 25.94 14.84 -4.31
C GLU B 375 27.11 15.65 -4.86
N PHE B 376 27.35 15.54 -6.17
CA PHE B 376 28.47 16.27 -6.78
C PHE B 376 28.23 17.77 -6.75
N TYR B 377 27.00 18.21 -7.06
CA TYR B 377 26.70 19.64 -6.99
C TYR B 377 26.82 20.15 -5.57
N LYS B 378 26.31 19.40 -4.60
CA LYS B 378 26.42 19.82 -3.20
C LYS B 378 27.87 19.91 -2.76
N PHE B 379 28.72 19.02 -3.28
CA PHE B 379 30.13 19.07 -2.94
C PHE B 379 30.82 20.27 -3.56
N ILE B 380 30.55 20.54 -4.84
CA ILE B 380 31.34 21.51 -5.57
C ILE B 380 30.81 22.95 -5.49
N LYS B 381 29.55 23.13 -5.09
CA LYS B 381 29.01 24.50 -5.02
C LYS B 381 29.77 25.39 -4.04
N PRO B 382 30.16 24.94 -2.83
CA PRO B 382 31.00 25.81 -1.99
C PRO B 382 32.33 26.16 -2.64
N ILE B 383 32.91 25.21 -3.38
CA ILE B 383 34.17 25.49 -4.07
C ILE B 383 33.98 26.55 -5.13
N LEU B 384 32.84 26.52 -5.83
CA LEU B 384 32.58 27.53 -6.85
C LEU B 384 32.32 28.90 -6.23
N GLU B 385 31.45 28.94 -5.21
CA GLU B 385 31.15 30.21 -4.54
C GLU B 385 32.40 30.83 -3.94
N LYS B 386 33.30 29.99 -3.42
CA LYS B 386 34.54 30.49 -2.83
C LYS B 386 35.46 31.11 -3.88
N MET B 387 35.39 30.63 -5.12
CA MET B 387 36.28 31.08 -6.16
C MET B 387 35.68 32.25 -6.95
N ASP B 388 36.50 32.83 -7.82
CA ASP B 388 36.10 33.93 -8.69
C ASP B 388 36.17 33.48 -10.14
N GLY B 389 35.19 33.92 -10.92
CA GLY B 389 35.04 33.48 -12.30
C GLY B 389 34.10 32.32 -12.49
N THR B 390 33.18 32.08 -11.56
CA THR B 390 32.31 30.91 -11.57
C THR B 390 30.84 31.28 -11.67
N GLU B 391 30.54 32.47 -12.21
CA GLU B 391 29.15 32.93 -12.20
C GLU B 391 28.26 32.06 -13.08
N GLU B 392 28.66 31.83 -14.33
CA GLU B 392 27.85 31.00 -15.22
C GLU B 392 27.86 29.55 -14.78
N LEU B 393 28.97 29.07 -14.21
CA LEU B 393 28.99 27.73 -13.65
C LEU B 393 27.98 27.60 -12.53
N LEU B 394 27.89 28.61 -11.66
CA LEU B 394 26.90 28.58 -10.59
C LEU B 394 25.48 28.67 -11.12
N VAL B 395 25.28 29.45 -12.20
CA VAL B 395 23.96 29.53 -12.82
C VAL B 395 23.55 28.16 -13.34
N LYS B 396 24.46 27.47 -14.04
CA LYS B 396 24.14 26.14 -14.54
C LYS B 396 23.92 25.15 -13.40
N LEU B 397 24.70 25.28 -12.31
CA LEU B 397 24.55 24.40 -11.17
C LEU B 397 23.17 24.54 -10.54
N ASN B 398 22.75 25.78 -10.30
CA ASN B 398 21.45 26.01 -9.67
C ASN B 398 20.27 25.72 -10.60
N ARG B 399 20.53 25.51 -11.89
CA ARG B 399 19.52 25.02 -12.82
C ARG B 399 19.64 23.53 -13.09
N GLU B 400 20.42 22.82 -12.26
CA GLU B 400 20.64 21.38 -12.41
C GLU B 400 21.09 21.06 -13.83
N ASP B 401 22.08 21.82 -14.31
CA ASP B 401 22.49 21.76 -15.71
C ASP B 401 23.97 22.10 -15.85
N LEU B 402 24.80 21.57 -14.96
CA LEU B 402 26.24 21.79 -15.02
C LEU B 402 26.96 20.45 -15.12
N LEU B 403 27.84 20.33 -16.11
CA LEU B 403 28.65 19.12 -16.31
C LEU B 403 27.78 17.87 -16.34
N ARG B 404 26.69 17.96 -17.09
CA ARG B 404 25.70 16.90 -17.11
C ARG B 404 26.21 15.70 -17.91
N LYS B 405 25.83 14.51 -17.46
CA LYS B 405 25.96 13.33 -18.29
C LYS B 405 24.76 13.25 -19.22
N GLN B 406 24.75 12.25 -20.10
CA GLN B 406 23.63 12.08 -21.02
C GLN B 406 22.65 11.00 -20.58
N ARG B 407 23.12 9.92 -19.96
CA ARG B 407 22.24 8.92 -19.37
C ARG B 407 22.00 9.32 -17.92
N THR B 408 20.81 9.87 -17.64
CA THR B 408 20.55 10.52 -16.37
C THR B 408 19.15 10.17 -15.89
N PHE B 409 18.95 10.36 -14.58
CA PHE B 409 17.72 9.97 -13.89
C PHE B 409 16.48 10.69 -14.42
N ASP B 410 16.64 11.83 -15.09
CA ASP B 410 15.52 12.65 -15.53
C ASP B 410 15.10 12.37 -16.97
N ASN B 411 15.75 11.43 -17.65
CA ASN B 411 15.42 11.12 -19.04
C ASN B 411 14.05 10.46 -19.20
N GLY B 412 13.38 10.11 -18.10
CA GLY B 412 12.07 9.49 -18.20
C GLY B 412 11.04 10.33 -18.92
N SER B 413 11.32 11.62 -19.13
CA SER B 413 10.36 12.50 -19.79
C SER B 413 10.28 12.26 -21.29
N ILE B 414 11.27 11.58 -21.88
CA ILE B 414 11.36 11.45 -23.33
C ILE B 414 10.29 10.50 -23.84
N PRO B 415 9.34 10.97 -24.65
CA PRO B 415 8.35 10.06 -25.25
C PRO B 415 9.01 9.17 -26.30
N HIS B 416 8.43 7.98 -26.47
CA HIS B 416 8.96 7.05 -27.46
C HIS B 416 8.85 7.60 -28.88
N GLN B 417 7.95 8.56 -29.10
CA GLN B 417 7.81 9.12 -30.44
C GLN B 417 9.08 9.85 -30.88
N ILE B 418 9.87 10.37 -29.96
CA ILE B 418 11.08 11.10 -30.34
C ILE B 418 12.16 10.12 -30.80
N HIS B 419 12.43 9.08 -29.99
CA HIS B 419 13.33 8.02 -30.43
C HIS B 419 12.84 7.43 -31.74
N LEU B 420 11.52 7.27 -31.90
CA LEU B 420 10.98 6.75 -33.15
C LEU B 420 11.25 7.68 -34.31
N GLY B 421 11.19 9.00 -34.07
CA GLY B 421 11.48 9.94 -35.14
C GLY B 421 12.90 9.78 -35.64
N GLU B 422 13.85 9.71 -34.71
CA GLU B 422 15.24 9.50 -35.10
C GLU B 422 15.42 8.14 -35.79
N LEU B 423 14.74 7.10 -35.30
CA LEU B 423 14.87 5.77 -35.88
C LEU B 423 14.33 5.73 -37.31
N HIS B 424 13.13 6.29 -37.51
CA HIS B 424 12.52 6.37 -38.83
C HIS B 424 13.40 7.18 -39.77
N ALA B 425 13.99 8.27 -39.28
CA ALA B 425 14.85 9.07 -40.14
C ALA B 425 16.10 8.30 -40.57
N ILE B 426 16.71 7.55 -39.64
CA ILE B 426 17.87 6.76 -40.02
C ILE B 426 17.50 5.70 -41.05
N LEU B 427 16.36 5.03 -40.84
CA LEU B 427 15.92 4.04 -41.81
C LEU B 427 15.70 4.67 -43.17
N ARG B 428 15.11 5.87 -43.22
CA ARG B 428 14.88 6.53 -44.49
C ARG B 428 16.20 6.93 -45.15
N ARG B 429 17.19 7.33 -44.36
CA ARG B 429 18.50 7.64 -44.91
C ARG B 429 19.14 6.40 -45.54
N GLN B 430 19.14 5.30 -44.81
CA GLN B 430 19.99 4.17 -45.19
C GLN B 430 19.29 3.08 -45.98
N GLU B 431 17.96 3.11 -46.10
CA GLU B 431 17.29 2.16 -46.97
C GLU B 431 17.60 2.42 -48.43
N ASP B 432 18.07 3.62 -48.77
CA ASP B 432 18.53 3.90 -50.12
C ASP B 432 19.74 3.06 -50.50
N PHE B 433 20.51 2.59 -49.51
CA PHE B 433 21.71 1.82 -49.76
C PHE B 433 21.60 0.36 -49.40
N TYR B 434 20.74 0.00 -48.46
CA TYR B 434 20.54 -1.40 -48.08
C TYR B 434 19.09 -1.79 -48.30
N PRO B 435 18.78 -2.60 -49.31
CA PRO B 435 17.36 -2.88 -49.61
C PRO B 435 16.62 -3.59 -48.51
N PHE B 436 17.31 -4.40 -47.70
CA PHE B 436 16.62 -5.09 -46.61
C PHE B 436 16.11 -4.11 -45.56
N LEU B 437 16.79 -2.96 -45.40
CA LEU B 437 16.26 -1.92 -44.52
C LEU B 437 15.00 -1.29 -45.11
N LYS B 438 14.90 -1.21 -46.45
CA LYS B 438 13.67 -0.73 -47.06
C LYS B 438 12.54 -1.74 -46.85
N ASP B 439 12.82 -3.02 -47.04
CA ASP B 439 11.78 -4.03 -46.89
C ASP B 439 11.33 -4.19 -45.45
N ASN B 440 12.23 -3.99 -44.48
CA ASN B 440 11.93 -4.24 -43.08
C ASN B 440 11.76 -2.96 -42.26
N ARG B 441 11.67 -1.80 -42.91
CA ARG B 441 11.56 -0.54 -42.18
C ARG B 441 10.40 -0.57 -41.19
N GLU B 442 9.21 -0.96 -41.66
CA GLU B 442 8.05 -0.98 -40.78
C GLU B 442 8.17 -2.04 -39.70
N LYS B 443 8.82 -3.16 -39.99
CA LYS B 443 9.10 -4.15 -38.95
C LYS B 443 9.94 -3.56 -37.83
N ILE B 444 10.99 -2.83 -38.18
CA ILE B 444 11.89 -2.26 -37.18
C ILE B 444 11.17 -1.20 -36.36
N GLU B 445 10.42 -0.32 -37.04
CA GLU B 445 9.59 0.64 -36.33
C GLU B 445 8.62 -0.06 -35.37
N LYS B 446 8.03 -1.18 -35.80
CA LYS B 446 7.08 -1.89 -34.96
C LYS B 446 7.77 -2.48 -33.74
N ILE B 447 9.00 -2.97 -33.90
CA ILE B 447 9.75 -3.42 -32.74
C ILE B 447 9.86 -2.30 -31.72
N LEU B 448 10.16 -1.08 -32.17
CA LEU B 448 10.22 0.02 -31.19
C LEU B 448 8.85 0.30 -30.58
N THR B 449 7.80 0.37 -31.41
CA THR B 449 6.52 0.89 -30.93
C THR B 449 5.68 -0.16 -30.21
N PHE B 450 5.84 -1.44 -30.53
CA PHE B 450 4.87 -2.42 -30.05
C PHE B 450 4.94 -2.59 -28.55
N ARG B 451 3.77 -2.57 -27.91
CA ARG B 451 3.62 -2.75 -26.48
C ARG B 451 2.47 -3.72 -26.25
N ILE B 452 2.71 -4.76 -25.47
CA ILE B 452 1.59 -5.65 -25.13
C ILE B 452 0.54 -4.84 -24.35
N PRO B 453 -0.72 -4.85 -24.75
CA PRO B 453 -1.72 -4.10 -23.99
C PRO B 453 -1.89 -4.66 -22.59
N TYR B 454 -2.05 -3.76 -21.62
CA TYR B 454 -2.23 -4.17 -20.23
C TYR B 454 -3.39 -5.16 -20.09
N TYR B 455 -4.40 -5.06 -20.95
CA TYR B 455 -5.59 -5.91 -20.87
C TYR B 455 -5.40 -7.27 -21.55
N VAL B 456 -4.21 -7.56 -22.06
CA VAL B 456 -3.92 -8.85 -22.66
C VAL B 456 -3.11 -9.73 -21.72
N GLY B 457 -2.13 -9.15 -21.02
CA GLY B 457 -1.34 -9.88 -20.07
C GLY B 457 -0.28 -10.74 -20.72
N PRO B 458 0.38 -11.59 -19.94
CA PRO B 458 1.45 -12.43 -20.46
C PRO B 458 0.98 -13.27 -21.65
N LEU B 459 1.89 -13.48 -22.60
CA LEU B 459 1.59 -14.25 -23.81
C LEU B 459 1.90 -15.71 -23.56
N ALA B 460 1.10 -16.32 -22.69
CA ALA B 460 1.39 -17.65 -22.18
C ALA B 460 0.69 -18.72 -23.01
N ARG B 461 1.05 -19.97 -22.75
CA ARG B 461 0.42 -21.12 -23.38
C ARG B 461 0.15 -22.19 -22.31
N GLY B 462 -0.63 -21.82 -21.29
CA GLY B 462 -1.16 -22.78 -20.35
C GLY B 462 -0.26 -23.18 -19.21
N ASN B 463 0.79 -22.42 -18.92
CA ASN B 463 1.69 -22.73 -17.81
C ASN B 463 1.98 -21.49 -16.97
N SER B 464 1.03 -20.55 -16.95
CA SER B 464 1.15 -19.32 -16.17
C SER B 464 -0.13 -19.14 -15.37
N ARG B 465 0.01 -19.09 -14.04
CA ARG B 465 -1.18 -18.83 -13.23
C ARG B 465 -1.62 -17.37 -13.30
N PHE B 466 -0.89 -16.51 -14.02
CA PHE B 466 -1.22 -15.11 -14.15
C PHE B 466 -1.92 -14.77 -15.46
N ALA B 467 -1.87 -15.66 -16.45
CA ALA B 467 -2.30 -15.32 -17.79
C ALA B 467 -3.80 -15.53 -17.98
N TRP B 468 -4.37 -14.77 -18.91
CA TRP B 468 -5.75 -14.92 -19.33
C TRP B 468 -5.94 -14.78 -20.84
N MET B 469 -4.88 -14.44 -21.59
CA MET B 469 -5.01 -14.18 -23.02
C MET B 469 -5.43 -15.43 -23.77
N THR B 470 -6.34 -15.27 -24.72
CA THR B 470 -6.71 -16.33 -25.64
C THR B 470 -6.22 -15.98 -27.04
N ARG B 471 -5.87 -17.01 -27.80
CA ARG B 471 -5.31 -16.86 -29.13
C ARG B 471 -6.35 -17.18 -30.19
N LYS B 472 -6.22 -16.55 -31.36
CA LYS B 472 -7.03 -16.88 -32.52
C LYS B 472 -6.42 -18.00 -33.35
N SER B 473 -5.12 -18.21 -33.26
CA SER B 473 -4.47 -19.32 -33.93
C SER B 473 -3.30 -19.77 -33.07
N GLU B 474 -3.00 -21.07 -33.13
CA GLU B 474 -1.94 -21.66 -32.33
C GLU B 474 -0.62 -21.51 -33.08
N GLU B 475 0.00 -20.35 -32.91
CA GLU B 475 1.28 -20.05 -33.53
C GLU B 475 1.98 -18.97 -32.71
N THR B 476 3.30 -18.91 -32.85
CA THR B 476 4.09 -17.99 -32.06
C THR B 476 3.67 -16.54 -32.30
N ILE B 477 3.61 -15.76 -31.23
CA ILE B 477 3.24 -14.36 -31.30
C ILE B 477 4.50 -13.52 -31.50
N THR B 478 4.45 -12.60 -32.45
CA THR B 478 5.53 -11.65 -32.71
C THR B 478 4.95 -10.25 -32.62
N PRO B 479 5.76 -9.20 -32.59
CA PRO B 479 5.20 -7.84 -32.62
C PRO B 479 4.41 -7.56 -33.89
N TRP B 480 4.65 -8.32 -34.96
CA TRP B 480 4.10 -8.02 -36.26
C TRP B 480 2.80 -8.77 -36.55
N ASN B 481 2.61 -9.98 -35.99
CA ASN B 481 1.39 -10.74 -36.18
C ASN B 481 0.44 -10.65 -34.99
N PHE B 482 0.72 -9.76 -34.04
CA PHE B 482 0.02 -9.76 -32.75
C PHE B 482 -1.48 -9.65 -32.94
N GLU B 483 -1.93 -8.71 -33.77
CA GLU B 483 -3.35 -8.50 -33.98
C GLU B 483 -4.03 -9.70 -34.64
N GLU B 484 -3.28 -10.53 -35.36
CA GLU B 484 -3.84 -11.69 -36.04
C GLU B 484 -3.85 -12.94 -35.16
N VAL B 485 -2.86 -13.10 -34.29
CA VAL B 485 -2.74 -14.30 -33.48
C VAL B 485 -3.50 -14.16 -32.17
N VAL B 486 -3.44 -12.99 -31.54
CA VAL B 486 -4.07 -12.76 -30.25
C VAL B 486 -5.47 -12.20 -30.48
N ASP B 487 -6.44 -12.71 -29.71
CA ASP B 487 -7.81 -12.21 -29.73
C ASP B 487 -7.88 -11.06 -28.72
N LYS B 488 -7.68 -9.84 -29.22
CA LYS B 488 -7.67 -8.69 -28.33
C LYS B 488 -9.01 -8.52 -27.63
N GLY B 489 -10.11 -8.78 -28.33
CA GLY B 489 -11.43 -8.58 -27.75
C GLY B 489 -11.71 -9.53 -26.59
N ALA B 490 -11.58 -10.84 -26.85
CA ALA B 490 -11.82 -11.82 -25.80
C ALA B 490 -10.87 -11.64 -24.64
N SER B 491 -9.62 -11.26 -24.93
CA SER B 491 -8.64 -11.05 -23.87
C SER B 491 -8.98 -9.84 -23.01
N ALA B 492 -9.38 -8.74 -23.64
CA ALA B 492 -9.80 -7.56 -22.89
C ALA B 492 -11.03 -7.85 -22.05
N GLN B 493 -11.91 -8.73 -22.55
CA GLN B 493 -13.07 -9.13 -21.75
C GLN B 493 -12.64 -9.96 -20.55
N SER B 494 -11.76 -10.94 -20.77
CA SER B 494 -11.30 -11.78 -19.67
C SER B 494 -10.56 -10.98 -18.62
N PHE B 495 -9.82 -9.95 -19.05
CA PHE B 495 -9.07 -9.11 -18.13
C PHE B 495 -9.96 -8.60 -17.00
N ILE B 496 -11.15 -8.11 -17.35
CA ILE B 496 -12.08 -7.62 -16.34
C ILE B 496 -12.86 -8.76 -15.71
N GLU B 497 -13.39 -9.67 -16.53
CA GLU B 497 -14.31 -10.69 -16.03
C GLU B 497 -13.65 -11.68 -15.09
N ARG B 498 -12.34 -11.92 -15.24
CA ARG B 498 -11.67 -12.81 -14.30
C ARG B 498 -11.55 -12.20 -12.90
N MET B 499 -11.87 -10.90 -12.75
CA MET B 499 -11.75 -10.22 -11.47
C MET B 499 -13.08 -9.82 -10.86
N THR B 500 -14.16 -9.77 -11.64
CA THR B 500 -15.43 -9.26 -11.16
C THR B 500 -16.23 -10.34 -10.44
N ASN B 501 -17.11 -9.89 -9.55
CA ASN B 501 -17.91 -10.80 -8.74
C ASN B 501 -19.02 -11.45 -9.56
N PHE B 502 -19.47 -12.60 -9.08
CA PHE B 502 -20.74 -13.18 -9.48
C PHE B 502 -21.80 -12.81 -8.44
N ASP B 503 -23.06 -12.93 -8.85
CA ASP B 503 -24.18 -12.65 -7.96
C ASP B 503 -24.22 -13.70 -6.85
N LYS B 504 -24.12 -13.24 -5.59
CA LYS B 504 -24.19 -14.19 -4.49
C LYS B 504 -25.50 -14.97 -4.50
N ASN B 505 -26.56 -14.40 -5.07
CA ASN B 505 -27.85 -15.09 -5.10
C ASN B 505 -27.96 -16.05 -6.28
N LEU B 506 -27.40 -15.68 -7.42
CA LEU B 506 -27.34 -16.53 -8.62
C LEU B 506 -25.87 -16.66 -9.00
N PRO B 507 -25.13 -17.56 -8.34
CA PRO B 507 -23.66 -17.56 -8.45
C PRO B 507 -23.13 -17.82 -9.86
N ASN B 508 -23.97 -18.18 -10.82
CA ASN B 508 -23.51 -18.38 -12.19
C ASN B 508 -23.71 -17.15 -13.07
N GLU B 509 -24.22 -16.05 -12.51
CA GLU B 509 -24.53 -14.84 -13.27
C GLU B 509 -23.58 -13.72 -12.85
N LYS B 510 -23.03 -13.03 -13.85
CA LYS B 510 -22.19 -11.88 -13.57
C LYS B 510 -23.02 -10.72 -13.02
N VAL B 511 -22.41 -9.91 -12.17
CA VAL B 511 -23.10 -8.71 -11.68
C VAL B 511 -23.15 -7.67 -12.79
N LEU B 512 -24.14 -6.80 -12.69
CA LEU B 512 -24.30 -5.72 -13.66
C LEU B 512 -23.25 -4.65 -13.47
N PRO B 513 -22.92 -3.90 -14.52
CA PRO B 513 -22.11 -2.70 -14.34
C PRO B 513 -22.78 -1.76 -13.35
N LYS B 514 -21.95 -1.10 -12.53
CA LYS B 514 -22.45 -0.17 -11.53
C LYS B 514 -23.34 0.90 -12.17
N HIS B 515 -22.99 1.33 -13.38
CA HIS B 515 -23.70 2.41 -14.05
C HIS B 515 -24.74 1.90 -15.04
N SER B 516 -25.11 0.63 -14.96
CA SER B 516 -26.17 0.12 -15.81
C SER B 516 -27.48 0.83 -15.51
N LEU B 517 -28.21 1.18 -16.57
CA LEU B 517 -29.52 1.81 -16.40
C LEU B 517 -30.45 0.94 -15.56
N LEU B 518 -30.45 -0.37 -15.81
CA LEU B 518 -31.29 -1.29 -15.05
C LEU B 518 -30.92 -1.27 -13.58
N TYR B 519 -29.61 -1.30 -13.28
CA TYR B 519 -29.16 -1.33 -11.89
C TYR B 519 -29.58 -0.06 -11.16
N GLU B 520 -29.53 1.09 -11.84
CA GLU B 520 -29.87 2.34 -11.18
C GLU B 520 -31.38 2.46 -11.02
N TYR B 521 -32.16 1.98 -12.00
CA TYR B 521 -33.60 1.83 -11.80
C TYR B 521 -33.90 0.99 -10.58
N PHE B 522 -33.18 -0.12 -10.42
CA PHE B 522 -33.36 -0.98 -9.25
C PHE B 522 -33.10 -0.21 -7.97
N THR B 523 -31.99 0.53 -7.90
CA THR B 523 -31.68 1.24 -6.66
C THR B 523 -32.72 2.32 -6.37
N VAL B 524 -33.18 3.03 -7.39
CA VAL B 524 -34.16 4.09 -7.19
C VAL B 524 -35.47 3.51 -6.69
N TYR B 525 -35.97 2.45 -7.34
CA TYR B 525 -37.25 1.89 -6.91
C TYR B 525 -37.13 1.19 -5.57
N ASN B 526 -35.95 0.64 -5.24
CA ASN B 526 -35.79 0.00 -3.95
C ASN B 526 -35.83 1.03 -2.83
N GLU B 527 -35.16 2.17 -3.01
CA GLU B 527 -35.25 3.22 -2.00
C GLU B 527 -36.65 3.83 -1.97
N LEU B 528 -37.30 3.94 -3.15
CA LEU B 528 -38.56 4.64 -3.26
C LEU B 528 -39.71 3.86 -2.63
N THR B 529 -39.67 2.53 -2.69
CA THR B 529 -40.81 1.73 -2.25
C THR B 529 -40.96 1.70 -0.73
N LYS B 530 -40.01 2.23 0.03
CA LYS B 530 -40.12 2.31 1.47
C LYS B 530 -40.32 3.75 1.97
N VAL B 531 -40.45 4.72 1.06
CA VAL B 531 -40.90 6.05 1.45
C VAL B 531 -42.36 5.97 1.92
N LYS B 532 -42.69 6.77 2.92
CA LYS B 532 -44.06 6.91 3.39
C LYS B 532 -44.38 8.39 3.55
N TYR B 533 -45.67 8.73 3.57
CA TYR B 533 -46.09 10.12 3.66
C TYR B 533 -47.37 10.25 4.47
N VAL B 534 -47.55 11.42 5.08
CA VAL B 534 -48.78 11.78 5.79
C VAL B 534 -49.16 13.23 5.47
N THR B 535 -50.47 13.48 5.39
CA THR B 535 -50.99 14.83 5.36
C THR B 535 -52.01 15.04 6.47
N GLU B 536 -52.85 16.06 6.35
CA GLU B 536 -53.80 16.36 7.40
C GLU B 536 -54.94 15.35 7.42
N GLY B 537 -55.63 15.17 6.30
CA GLY B 537 -56.77 14.27 6.23
C GLY B 537 -56.44 12.80 6.39
N MET B 538 -55.18 12.43 6.52
CA MET B 538 -54.77 11.03 6.55
C MET B 538 -54.65 10.55 7.99
N ARG B 539 -55.19 9.36 8.25
CA ARG B 539 -55.22 8.81 9.60
C ARG B 539 -53.89 8.15 9.98
N LYS B 540 -53.14 7.64 9.01
CA LYS B 540 -51.87 6.97 9.26
C LYS B 540 -50.98 7.11 8.03
N PRO B 541 -49.67 6.92 8.17
CA PRO B 541 -48.78 7.03 7.00
C PRO B 541 -49.03 5.97 5.95
N ALA B 542 -48.94 6.40 4.69
CA ALA B 542 -49.21 5.52 3.55
C ALA B 542 -47.97 5.31 2.70
N PHE B 543 -47.83 4.09 2.18
CA PHE B 543 -46.85 3.80 1.15
C PHE B 543 -47.23 4.53 -0.15
N LEU B 544 -46.22 4.73 -1.00
CA LEU B 544 -46.47 5.19 -2.35
C LEU B 544 -46.93 4.03 -3.21
N SER B 545 -47.94 4.25 -4.04
CA SER B 545 -48.43 3.21 -4.93
C SER B 545 -47.54 3.10 -6.17
N GLY B 546 -47.85 2.13 -7.00
CA GLY B 546 -47.14 2.00 -8.27
C GLY B 546 -47.31 3.21 -9.15
N GLU B 547 -48.54 3.71 -9.26
CA GLU B 547 -48.80 4.90 -10.07
C GLU B 547 -48.03 6.10 -9.51
N GLN B 548 -48.04 6.28 -8.19
CA GLN B 548 -47.31 7.38 -7.57
C GLN B 548 -45.81 7.24 -7.80
N LYS B 549 -45.27 6.03 -7.66
CA LYS B 549 -43.83 5.85 -7.84
C LYS B 549 -43.41 6.09 -9.29
N LYS B 550 -44.23 5.63 -10.25
CA LYS B 550 -43.92 5.89 -11.65
C LYS B 550 -43.96 7.40 -11.93
N ALA B 551 -44.97 8.09 -11.40
CA ALA B 551 -45.04 9.53 -11.60
C ALA B 551 -43.84 10.24 -10.98
N ILE B 552 -43.40 9.78 -9.81
CA ILE B 552 -42.25 10.40 -9.16
C ILE B 552 -40.98 10.17 -9.97
N VAL B 553 -40.83 8.97 -10.53
CA VAL B 553 -39.64 8.68 -11.33
C VAL B 553 -39.65 9.51 -12.61
N ASP B 554 -40.82 9.64 -13.25
CA ASP B 554 -40.87 10.36 -14.52
C ASP B 554 -40.71 11.87 -14.31
N LEU B 555 -41.31 12.43 -13.27
CA LEU B 555 -41.34 13.87 -13.08
C LEU B 555 -40.12 14.41 -12.33
N LEU B 556 -39.50 13.60 -11.47
CA LEU B 556 -38.38 14.07 -10.66
C LEU B 556 -37.07 13.39 -11.04
N PHE B 557 -37.00 12.06 -10.96
CA PHE B 557 -35.74 11.38 -11.18
C PHE B 557 -35.28 11.47 -12.63
N LYS B 558 -36.21 11.57 -13.58
CA LYS B 558 -35.86 11.68 -14.99
C LYS B 558 -35.81 13.14 -15.46
N THR B 559 -35.80 14.10 -14.54
CA THR B 559 -35.58 15.50 -14.85
C THR B 559 -34.48 16.15 -14.02
N ASN B 560 -34.12 15.59 -12.87
CA ASN B 560 -33.02 16.07 -12.04
C ASN B 560 -32.04 14.93 -11.80
N ARG B 561 -30.76 15.27 -11.68
CA ARG B 561 -29.78 14.25 -11.36
C ARG B 561 -29.92 13.79 -9.92
N LYS B 562 -30.23 14.71 -9.00
CA LYS B 562 -30.52 14.38 -7.62
C LYS B 562 -31.90 14.89 -7.25
N VAL B 563 -32.62 14.12 -6.44
CA VAL B 563 -33.99 14.44 -6.04
C VAL B 563 -33.98 14.71 -4.54
N THR B 564 -34.32 15.95 -4.15
CA THR B 564 -34.37 16.33 -2.75
C THR B 564 -35.78 16.14 -2.20
N VAL B 565 -35.87 16.05 -0.87
CA VAL B 565 -37.17 15.89 -0.22
C VAL B 565 -38.04 17.12 -0.47
N LYS B 566 -37.42 18.30 -0.53
CA LYS B 566 -38.18 19.51 -0.86
C LYS B 566 -38.77 19.42 -2.26
N GLN B 567 -38.02 18.87 -3.21
CA GLN B 567 -38.56 18.64 -4.54
C GLN B 567 -39.70 17.63 -4.51
N LEU B 568 -39.57 16.58 -3.70
CA LEU B 568 -40.65 15.62 -3.56
C LEU B 568 -41.92 16.30 -3.05
N LYS B 569 -41.77 17.16 -2.04
CA LYS B 569 -42.94 17.79 -1.43
C LYS B 569 -43.60 18.80 -2.38
N GLU B 570 -42.80 19.64 -3.03
CA GLU B 570 -43.38 20.69 -3.85
C GLU B 570 -43.71 20.21 -5.26
N ASP B 571 -42.74 19.64 -5.96
CA ASP B 571 -42.91 19.31 -7.37
C ASP B 571 -43.84 18.12 -7.60
N TYR B 572 -44.03 17.24 -6.62
CA TYR B 572 -44.97 16.14 -6.76
C TYR B 572 -46.19 16.33 -5.87
N PHE B 573 -46.03 16.29 -4.54
CA PHE B 573 -47.20 16.27 -3.66
C PHE B 573 -48.04 17.53 -3.83
N LYS B 574 -47.40 18.70 -3.81
CA LYS B 574 -48.14 19.94 -4.05
C LYS B 574 -48.67 20.01 -5.49
N LYS B 575 -47.78 19.85 -6.46
CA LYS B 575 -48.14 20.09 -7.86
C LYS B 575 -49.14 19.06 -8.37
N ILE B 576 -49.06 17.81 -7.91
CA ILE B 576 -49.86 16.72 -8.46
C ILE B 576 -51.00 16.32 -7.52
N GLU B 577 -50.75 16.26 -6.21
CA GLU B 577 -51.76 15.82 -5.25
C GLU B 577 -52.48 16.98 -4.57
N CYS B 578 -52.01 18.22 -4.75
CA CYS B 578 -52.61 19.40 -4.13
C CYS B 578 -52.57 19.34 -2.61
N PHE B 579 -51.44 18.90 -2.07
CA PHE B 579 -51.19 18.94 -0.63
C PHE B 579 -50.38 20.19 -0.31
N ASP B 580 -50.92 21.04 0.55
CA ASP B 580 -50.18 22.23 0.97
C ASP B 580 -49.09 21.90 1.98
N SER B 581 -49.19 20.77 2.67
CA SER B 581 -48.17 20.32 3.60
C SER B 581 -48.20 18.79 3.64
N VAL B 582 -47.02 18.21 3.81
CA VAL B 582 -46.88 16.76 3.85
C VAL B 582 -45.61 16.43 4.61
N GLU B 583 -45.67 15.34 5.37
CA GLU B 583 -44.49 14.83 6.07
C GLU B 583 -44.06 13.52 5.42
N ILE B 584 -42.74 13.40 5.22
CA ILE B 584 -42.12 12.33 4.45
C ILE B 584 -41.20 11.53 5.35
N SER B 585 -41.31 10.20 5.29
CA SER B 585 -40.37 9.32 5.98
C SER B 585 -39.79 8.36 4.96
N GLY B 586 -38.65 7.77 5.32
CA GLY B 586 -37.93 6.85 4.46
C GLY B 586 -36.85 7.50 3.62
N VAL B 587 -36.63 8.80 3.76
CA VAL B 587 -35.60 9.52 3.02
C VAL B 587 -35.35 10.83 3.75
N GLU B 588 -34.08 11.21 3.85
CA GLU B 588 -33.67 12.42 4.54
C GLU B 588 -32.88 13.31 3.59
N ASP B 589 -33.28 14.58 3.49
CA ASP B 589 -32.63 15.61 2.67
C ASP B 589 -32.79 15.34 1.17
N ARG B 590 -32.16 14.28 0.68
CA ARG B 590 -32.25 13.92 -0.74
C ARG B 590 -32.21 12.41 -0.84
N PHE B 591 -32.72 11.89 -1.95
CA PHE B 591 -32.61 10.46 -2.20
C PHE B 591 -31.16 10.07 -2.44
N ASN B 592 -30.77 8.93 -1.88
CA ASN B 592 -29.41 8.42 -2.09
C ASN B 592 -29.22 7.96 -3.52
N ALA B 593 -30.15 7.14 -4.03
CA ALA B 593 -30.06 6.66 -5.39
C ALA B 593 -30.43 7.76 -6.38
N SER B 594 -29.97 7.58 -7.61
CA SER B 594 -30.19 8.55 -8.68
C SER B 594 -30.02 7.83 -10.01
N LEU B 595 -30.57 8.44 -11.06
CA LEU B 595 -30.45 7.91 -12.42
C LEU B 595 -29.38 8.69 -13.17
N GLY B 596 -28.13 8.54 -12.70
CA GLY B 596 -27.04 9.29 -13.27
C GLY B 596 -26.80 8.95 -14.73
N THR B 597 -26.80 7.65 -15.05
CA THR B 597 -26.54 7.22 -16.41
C THR B 597 -27.64 7.67 -17.36
N TYR B 598 -28.89 7.68 -16.88
CA TYR B 598 -29.99 8.19 -17.70
C TYR B 598 -29.70 9.61 -18.17
N HIS B 599 -29.25 10.47 -17.25
CA HIS B 599 -28.98 11.86 -17.61
C HIS B 599 -27.71 12.02 -18.43
N ASP B 600 -26.69 11.20 -18.17
CA ASP B 600 -25.51 11.21 -19.04
C ASP B 600 -25.90 10.89 -20.48
N LEU B 601 -26.68 9.82 -20.66
CA LEU B 601 -27.08 9.42 -22.01
C LEU B 601 -28.03 10.43 -22.62
N LEU B 602 -28.84 11.11 -21.82
CA LEU B 602 -29.70 12.16 -22.35
C LEU B 602 -28.87 13.33 -22.87
N LYS B 603 -27.85 13.74 -22.10
CA LYS B 603 -26.97 14.80 -22.57
C LYS B 603 -26.26 14.39 -23.86
N ILE B 604 -25.88 13.13 -23.98
CA ILE B 604 -25.12 12.70 -25.15
C ILE B 604 -26.03 12.61 -26.38
N ILE B 605 -27.10 11.81 -26.29
CA ILE B 605 -27.89 11.50 -27.47
C ILE B 605 -29.10 12.42 -27.66
N LYS B 606 -29.42 13.27 -26.68
CA LYS B 606 -30.42 14.33 -26.83
C LYS B 606 -31.75 13.79 -27.36
N ASP B 607 -32.22 12.68 -26.77
CA ASP B 607 -33.43 12.00 -27.27
C ASP B 607 -34.09 11.28 -26.10
N LYS B 608 -34.89 12.03 -25.34
CA LYS B 608 -35.54 11.47 -24.16
C LYS B 608 -36.46 10.31 -24.51
N ASP B 609 -37.14 10.40 -25.66
CA ASP B 609 -38.04 9.33 -26.07
C ASP B 609 -37.30 8.02 -26.33
N PHE B 610 -36.06 8.10 -26.81
CA PHE B 610 -35.28 6.89 -27.02
C PHE B 610 -34.95 6.21 -25.69
N LEU B 611 -34.52 6.99 -24.70
CA LEU B 611 -34.17 6.41 -23.40
C LEU B 611 -35.41 5.86 -22.71
N ASP B 612 -36.56 6.51 -22.86
CA ASP B 612 -37.78 6.07 -22.19
C ASP B 612 -38.48 4.94 -22.92
N ASN B 613 -38.04 4.58 -24.12
CA ASN B 613 -38.66 3.48 -24.87
C ASN B 613 -38.09 2.16 -24.38
N GLU B 614 -38.94 1.32 -23.77
CA GLU B 614 -38.47 0.04 -23.24
C GLU B 614 -37.92 -0.87 -24.33
N GLU B 615 -38.36 -0.71 -25.58
CA GLU B 615 -37.83 -1.51 -26.68
C GLU B 615 -36.32 -1.43 -26.77
N ASN B 616 -35.75 -0.30 -26.36
CA ASN B 616 -34.31 -0.06 -26.45
C ASN B 616 -33.54 -0.57 -25.23
N GLU B 617 -34.24 -1.12 -24.24
CA GLU B 617 -33.61 -1.55 -23.00
C GLU B 617 -32.32 -2.32 -23.26
N ASP B 618 -32.43 -3.48 -23.91
CA ASP B 618 -31.27 -4.31 -24.20
C ASP B 618 -30.14 -3.49 -24.82
N ILE B 619 -30.47 -2.74 -25.88
CA ILE B 619 -29.46 -1.92 -26.55
C ILE B 619 -28.67 -1.13 -25.52
N LEU B 620 -29.39 -0.32 -24.72
CA LEU B 620 -28.71 0.54 -23.77
C LEU B 620 -27.87 -0.28 -22.79
N GLU B 621 -28.42 -1.38 -22.28
CA GLU B 621 -27.62 -2.23 -21.40
C GLU B 621 -26.31 -2.61 -22.07
N ASP B 622 -26.40 -3.17 -23.29
CA ASP B 622 -25.18 -3.56 -23.99
C ASP B 622 -24.22 -2.38 -24.11
N ILE B 623 -24.74 -1.21 -24.51
CA ILE B 623 -23.88 -0.05 -24.66
C ILE B 623 -23.13 0.20 -23.36
N VAL B 624 -23.86 0.25 -22.25
CA VAL B 624 -23.21 0.55 -20.98
C VAL B 624 -22.22 -0.55 -20.63
N LEU B 625 -22.57 -1.80 -20.90
CA LEU B 625 -21.64 -2.90 -20.66
C LEU B 625 -20.35 -2.65 -21.43
N THR B 626 -20.48 -2.33 -22.73
CA THR B 626 -19.31 -2.04 -23.54
C THR B 626 -18.50 -0.90 -22.93
N LEU B 627 -19.17 0.14 -22.46
CA LEU B 627 -18.45 1.29 -21.94
C LEU B 627 -17.80 1.00 -20.59
N THR B 628 -18.27 -0.04 -19.88
CA THR B 628 -17.66 -0.42 -18.62
C THR B 628 -16.57 -1.46 -18.81
N LEU B 629 -16.83 -2.44 -19.66
CA LEU B 629 -15.90 -3.53 -19.89
C LEU B 629 -14.57 -3.04 -20.45
N PHE B 630 -14.62 -2.18 -21.46
CA PHE B 630 -13.46 -1.82 -22.26
C PHE B 630 -13.03 -0.37 -22.00
N GLU B 631 -11.72 -0.15 -22.02
CA GLU B 631 -11.16 1.18 -21.89
C GLU B 631 -10.50 1.68 -23.17
N ASP B 632 -10.06 0.78 -24.05
CA ASP B 632 -9.40 1.18 -25.29
C ASP B 632 -10.44 1.70 -26.27
N ARG B 633 -10.31 2.98 -26.64
CA ARG B 633 -11.34 3.64 -27.43
C ARG B 633 -11.56 2.96 -28.78
N GLU B 634 -10.53 2.31 -29.33
CA GLU B 634 -10.70 1.59 -30.59
C GLU B 634 -11.64 0.41 -30.43
N MET B 635 -11.47 -0.37 -29.36
CA MET B 635 -12.36 -1.50 -29.12
C MET B 635 -13.77 -1.04 -28.76
N ILE B 636 -13.88 0.06 -28.01
CA ILE B 636 -15.18 0.67 -27.75
C ILE B 636 -15.88 0.98 -29.06
N GLU B 637 -15.17 1.63 -29.99
CA GLU B 637 -15.74 1.98 -31.28
C GLU B 637 -16.16 0.73 -32.05
N GLU B 638 -15.30 -0.28 -32.06
CA GLU B 638 -15.60 -1.53 -32.75
C GLU B 638 -16.90 -2.14 -32.24
N ARG B 639 -17.07 -2.17 -30.91
CA ARG B 639 -18.25 -2.83 -30.34
C ARG B 639 -19.51 -1.97 -30.43
N LEU B 640 -19.37 -0.64 -30.43
CA LEU B 640 -20.54 0.21 -30.58
C LEU B 640 -20.94 0.43 -32.03
N LYS B 641 -20.07 0.06 -32.98
CA LYS B 641 -20.38 0.25 -34.39
C LYS B 641 -21.72 -0.35 -34.79
N THR B 642 -22.10 -1.48 -34.18
CA THR B 642 -23.36 -2.13 -34.53
C THR B 642 -24.58 -1.30 -34.18
N TYR B 643 -24.43 -0.24 -33.39
CA TYR B 643 -25.53 0.66 -33.07
C TYR B 643 -25.39 2.01 -33.74
N ALA B 644 -24.32 2.23 -34.49
CA ALA B 644 -24.07 3.53 -35.10
C ALA B 644 -25.19 3.99 -36.02
N HIS B 645 -26.05 3.08 -36.47
CA HIS B 645 -27.13 3.47 -37.38
C HIS B 645 -28.27 4.18 -36.66
N LEU B 646 -28.43 3.93 -35.36
CA LEU B 646 -29.49 4.59 -34.59
C LEU B 646 -29.16 6.03 -34.25
N PHE B 647 -27.88 6.40 -34.27
CA PHE B 647 -27.43 7.73 -33.89
C PHE B 647 -26.57 8.30 -35.02
N ASP B 648 -26.19 9.56 -34.89
CA ASP B 648 -25.38 10.21 -35.92
C ASP B 648 -23.90 10.19 -35.51
N ASP B 649 -23.08 10.92 -36.26
CA ASP B 649 -21.63 10.86 -36.07
C ASP B 649 -21.20 11.55 -34.79
N LYS B 650 -21.77 12.72 -34.49
CA LYS B 650 -21.39 13.43 -33.27
C LYS B 650 -21.81 12.66 -32.02
N VAL B 651 -22.96 11.99 -32.09
CA VAL B 651 -23.41 11.22 -30.94
C VAL B 651 -22.48 10.03 -30.69
N MET B 652 -22.05 9.35 -31.75
CA MET B 652 -21.10 8.26 -31.58
C MET B 652 -19.76 8.78 -31.08
N LYS B 653 -19.34 9.94 -31.57
CA LYS B 653 -18.12 10.57 -31.06
C LYS B 653 -18.22 10.77 -29.56
N GLN B 654 -19.36 11.27 -29.08
CA GLN B 654 -19.51 11.48 -27.64
C GLN B 654 -19.64 10.17 -26.88
N LEU B 655 -20.30 9.18 -27.47
CA LEU B 655 -20.46 7.87 -26.81
C LEU B 655 -19.13 7.20 -26.59
N LYS B 656 -18.20 7.34 -27.54
CA LYS B 656 -16.88 6.74 -27.40
C LYS B 656 -16.15 7.29 -26.16
N ARG B 657 -16.16 8.61 -26.00
CA ARG B 657 -15.48 9.23 -24.87
C ARG B 657 -16.21 9.01 -23.54
N ARG B 658 -17.42 8.47 -23.58
CA ARG B 658 -18.22 8.20 -22.38
C ARG B 658 -17.81 6.84 -21.83
N ARG B 659 -17.06 6.84 -20.73
CA ARG B 659 -16.60 5.61 -20.12
C ARG B 659 -17.07 5.52 -18.67
N TYR B 660 -17.27 4.29 -18.22
CA TYR B 660 -17.65 4.01 -16.84
C TYR B 660 -16.71 2.94 -16.29
N THR B 661 -16.54 2.96 -14.97
CA THR B 661 -15.90 1.87 -14.25
C THR B 661 -16.79 1.46 -13.08
N GLY B 662 -16.58 0.25 -12.60
CA GLY B 662 -17.30 -0.15 -11.41
C GLY B 662 -18.42 -1.13 -11.73
N TRP B 663 -18.74 -1.96 -10.75
CA TRP B 663 -19.68 -3.05 -10.92
C TRP B 663 -20.60 -3.12 -9.70
N GLY B 664 -21.84 -3.55 -9.94
CA GLY B 664 -22.83 -3.65 -8.90
C GLY B 664 -22.72 -4.95 -8.13
N ARG B 665 -23.76 -5.22 -7.33
CA ARG B 665 -23.81 -6.41 -6.49
C ARG B 665 -24.73 -7.50 -7.04
N LEU B 666 -25.56 -7.21 -8.04
CA LEU B 666 -26.60 -8.13 -8.45
C LEU B 666 -26.57 -8.28 -9.97
N SER B 667 -27.00 -9.45 -10.43
CA SER B 667 -27.08 -9.75 -11.85
C SER B 667 -28.38 -9.23 -12.45
N ARG B 668 -28.41 -9.20 -13.78
CA ARG B 668 -29.63 -8.82 -14.48
C ARG B 668 -30.70 -9.89 -14.34
N LYS B 669 -30.29 -11.16 -14.34
CA LYS B 669 -31.25 -12.26 -14.16
C LYS B 669 -31.95 -12.17 -12.80
N LEU B 670 -31.24 -11.69 -11.77
CA LEU B 670 -31.86 -11.54 -10.46
C LEU B 670 -32.74 -10.30 -10.38
N ILE B 671 -32.31 -9.21 -11.00
CA ILE B 671 -33.04 -7.94 -10.90
C ILE B 671 -34.33 -8.00 -11.71
N ASN B 672 -34.25 -8.49 -12.95
CA ASN B 672 -35.34 -8.35 -13.90
C ASN B 672 -35.42 -9.56 -14.80
N GLY B 673 -35.16 -10.74 -14.24
CA GLY B 673 -35.15 -11.96 -15.01
C GLY B 673 -36.03 -13.05 -14.43
N ILE B 674 -35.62 -13.61 -13.28
CA ILE B 674 -36.43 -14.61 -12.62
C ILE B 674 -37.76 -13.98 -12.22
N ARG B 675 -38.83 -14.75 -12.38
CA ARG B 675 -40.18 -14.27 -12.11
C ARG B 675 -40.82 -15.13 -11.05
N ASP B 676 -41.57 -14.50 -10.15
CA ASP B 676 -42.38 -15.25 -9.21
C ASP B 676 -43.41 -16.08 -9.97
N LYS B 677 -43.50 -17.37 -9.64
CA LYS B 677 -44.24 -18.31 -10.48
C LYS B 677 -45.71 -17.89 -10.61
N GLN B 678 -46.33 -17.51 -9.50
CA GLN B 678 -47.76 -17.21 -9.52
C GLN B 678 -48.05 -15.84 -10.12
N SER B 679 -47.27 -14.82 -9.76
CA SER B 679 -47.51 -13.47 -10.27
C SER B 679 -46.88 -13.25 -11.64
N GLY B 680 -45.86 -14.02 -12.01
CA GLY B 680 -45.15 -13.77 -13.24
C GLY B 680 -44.35 -12.49 -13.25
N LYS B 681 -44.02 -11.96 -12.08
CA LYS B 681 -43.38 -10.66 -11.96
C LYS B 681 -41.93 -10.81 -11.53
N THR B 682 -41.06 -9.97 -12.10
CA THR B 682 -39.67 -9.91 -11.69
C THR B 682 -39.54 -9.18 -10.35
N ILE B 683 -38.33 -9.17 -9.81
CA ILE B 683 -38.05 -8.39 -8.60
C ILE B 683 -38.34 -6.91 -8.86
N LEU B 684 -37.88 -6.39 -10.00
CA LEU B 684 -38.10 -4.99 -10.33
C LEU B 684 -39.58 -4.70 -10.52
N ASP B 685 -40.35 -5.69 -11.01
CA ASP B 685 -41.80 -5.51 -11.10
C ASP B 685 -42.40 -5.26 -9.72
N PHE B 686 -42.00 -6.06 -8.73
CA PHE B 686 -42.50 -5.85 -7.37
C PHE B 686 -42.06 -4.52 -6.81
N LEU B 687 -40.79 -4.14 -7.02
CA LEU B 687 -40.34 -2.83 -6.56
C LEU B 687 -41.13 -1.71 -7.21
N LYS B 688 -41.54 -1.90 -8.47
CA LYS B 688 -42.36 -0.88 -9.14
C LYS B 688 -43.77 -0.83 -8.56
N SER B 689 -44.37 -2.00 -8.30
CA SER B 689 -45.74 -2.05 -7.78
C SER B 689 -45.93 -3.36 -7.03
N ASP B 690 -46.25 -3.27 -5.73
CA ASP B 690 -46.51 -4.45 -4.91
C ASP B 690 -47.69 -4.15 -3.96
N GLY B 691 -48.87 -3.90 -4.55
CA GLY B 691 -50.07 -3.66 -3.76
C GLY B 691 -49.86 -2.56 -2.74
N PHE B 692 -50.24 -2.84 -1.50
CA PHE B 692 -49.95 -1.95 -0.38
C PHE B 692 -48.93 -2.54 0.58
N ALA B 693 -48.25 -3.62 0.19
CA ALA B 693 -47.15 -4.19 0.97
C ALA B 693 -45.81 -3.52 0.68
N ASN B 694 -45.54 -3.19 -0.58
CA ASN B 694 -44.33 -2.47 -0.98
C ASN B 694 -43.07 -3.14 -0.46
N ARG B 695 -42.97 -4.44 -0.70
CA ARG B 695 -41.81 -5.20 -0.24
C ARG B 695 -40.57 -4.75 -1.02
N ASN B 696 -39.45 -4.61 -0.32
CA ASN B 696 -38.20 -4.27 -0.97
C ASN B 696 -37.39 -5.55 -1.23
N PHE B 697 -36.17 -5.36 -1.75
CA PHE B 697 -35.39 -6.49 -2.25
C PHE B 697 -35.19 -7.56 -1.17
N MET B 698 -34.81 -7.14 0.04
CA MET B 698 -34.58 -8.10 1.12
C MET B 698 -35.86 -8.85 1.47
N GLN B 699 -36.99 -8.14 1.54
CA GLN B 699 -38.26 -8.81 1.80
C GLN B 699 -38.64 -9.74 0.67
N LEU B 700 -38.41 -9.31 -0.58
CA LEU B 700 -38.78 -10.11 -1.73
C LEU B 700 -38.03 -11.45 -1.75
N ILE B 701 -36.72 -11.42 -1.50
CA ILE B 701 -35.95 -12.66 -1.61
C ILE B 701 -36.04 -13.54 -0.38
N HIS B 702 -36.75 -13.10 0.66
CA HIS B 702 -36.93 -13.91 1.86
C HIS B 702 -38.38 -14.33 2.09
N ASP B 703 -39.30 -13.92 1.21
CA ASP B 703 -40.72 -14.20 1.44
C ASP B 703 -41.06 -15.60 0.96
N ASP B 704 -41.57 -16.42 1.88
CA ASP B 704 -41.92 -17.81 1.55
C ASP B 704 -43.15 -17.90 0.67
N SER B 705 -43.97 -16.85 0.61
CA SER B 705 -45.12 -16.84 -0.28
C SER B 705 -44.76 -16.46 -1.71
N LEU B 706 -43.47 -16.40 -2.03
CA LEU B 706 -43.00 -16.13 -3.39
C LEU B 706 -41.93 -17.13 -3.75
N THR B 707 -41.69 -17.26 -5.06
CA THR B 707 -40.77 -18.27 -5.59
C THR B 707 -39.30 -17.86 -5.50
N PHE B 708 -39.03 -16.56 -5.32
CA PHE B 708 -37.66 -16.06 -5.41
C PHE B 708 -36.71 -16.81 -4.49
N LYS B 709 -37.09 -16.98 -3.23
CA LYS B 709 -36.21 -17.62 -2.26
C LYS B 709 -35.88 -19.06 -2.67
N GLU B 710 -36.87 -19.80 -3.16
CA GLU B 710 -36.64 -21.16 -3.60
C GLU B 710 -35.63 -21.21 -4.75
N ASP B 711 -35.75 -20.29 -5.71
CA ASP B 711 -34.83 -20.28 -6.85
C ASP B 711 -33.43 -19.86 -6.43
N ILE B 712 -33.32 -18.91 -5.49
CA ILE B 712 -32.02 -18.55 -4.95
C ILE B 712 -31.36 -19.76 -4.32
N GLN B 713 -32.12 -20.53 -3.53
CA GLN B 713 -31.57 -21.72 -2.89
C GLN B 713 -31.16 -22.76 -3.92
N LYS B 714 -31.99 -22.95 -4.96
CA LYS B 714 -31.63 -23.88 -6.03
C LYS B 714 -30.34 -23.45 -6.72
N ALA B 715 -30.10 -22.15 -6.83
CA ALA B 715 -28.91 -21.66 -7.51
C ALA B 715 -27.65 -21.77 -6.64
N GLN B 716 -27.79 -21.91 -5.33
CA GLN B 716 -26.61 -21.92 -4.46
C GLN B 716 -25.82 -23.22 -4.64
N VAL B 717 -24.54 -23.14 -4.29
CA VAL B 717 -23.64 -24.28 -4.31
C VAL B 717 -22.73 -24.26 -3.08
N GLY B 721 -15.89 -25.76 -2.31
CA GLY B 721 -15.30 -26.45 -1.19
C GLY B 721 -13.88 -26.01 -0.88
N ASP B 722 -13.76 -24.84 -0.26
CA ASP B 722 -12.45 -24.31 0.09
C ASP B 722 -11.90 -24.99 1.33
N SER B 723 -10.57 -25.10 1.38
CA SER B 723 -9.92 -25.53 2.61
C SER B 723 -9.84 -24.36 3.58
N LEU B 724 -9.44 -24.67 4.82
CA LEU B 724 -9.26 -23.63 5.82
C LEU B 724 -8.26 -22.58 5.35
N HIS B 725 -7.12 -23.05 4.84
CA HIS B 725 -6.10 -22.15 4.31
C HIS B 725 -6.65 -21.31 3.17
N GLU B 726 -7.34 -21.95 2.22
CA GLU B 726 -7.87 -21.22 1.09
C GLU B 726 -8.93 -20.21 1.53
N HIS B 727 -9.77 -20.58 2.50
CA HIS B 727 -10.78 -19.65 3.00
C HIS B 727 -10.13 -18.44 3.64
N ILE B 728 -9.11 -18.67 4.48
CA ILE B 728 -8.47 -17.55 5.17
C ILE B 728 -7.71 -16.67 4.20
N ALA B 729 -7.08 -17.27 3.18
CA ALA B 729 -6.31 -16.49 2.22
C ALA B 729 -7.19 -15.54 1.43
N ASN B 730 -8.44 -15.91 1.17
CA ASN B 730 -9.34 -15.09 0.39
C ASN B 730 -10.10 -14.05 1.22
N LEU B 731 -9.88 -14.02 2.53
CA LEU B 731 -10.43 -12.94 3.34
C LEU B 731 -9.79 -11.60 2.95
N ALA B 732 -10.53 -10.53 3.13
CA ALA B 732 -9.97 -9.19 2.97
C ALA B 732 -9.27 -8.81 4.27
N GLY B 733 -7.97 -8.53 4.18
CA GLY B 733 -7.18 -8.16 5.34
C GLY B 733 -5.71 -8.21 5.01
N SER B 734 -4.87 -7.60 5.83
CA SER B 734 -3.43 -7.67 5.62
C SER B 734 -2.98 -9.13 5.69
N PRO B 735 -2.05 -9.55 4.83
CA PRO B 735 -1.47 -10.89 4.99
C PRO B 735 -0.91 -11.14 6.38
N ALA B 736 -0.38 -10.09 7.00
CA ALA B 736 0.16 -10.20 8.36
C ALA B 736 -0.89 -10.69 9.34
N ILE B 737 -2.12 -10.16 9.28
CA ILE B 737 -3.13 -10.58 10.24
C ILE B 737 -3.74 -11.92 9.84
N LYS B 738 -3.81 -12.20 8.53
CA LYS B 738 -4.35 -13.49 8.10
C LYS B 738 -3.46 -14.65 8.55
N LYS B 739 -2.14 -14.41 8.60
CA LYS B 739 -1.24 -15.41 9.17
C LYS B 739 -1.62 -15.73 10.61
N GLY B 740 -1.83 -14.69 11.42
CA GLY B 740 -2.24 -14.89 12.80
C GLY B 740 -3.56 -15.61 12.92
N ILE B 741 -4.47 -15.37 11.97
CA ILE B 741 -5.77 -16.04 12.02
C ILE B 741 -5.61 -17.54 11.81
N LEU B 742 -4.82 -17.93 10.80
CA LEU B 742 -4.59 -19.36 10.57
C LEU B 742 -3.90 -20.00 11.77
N GLN B 743 -2.92 -19.30 12.36
CA GLN B 743 -2.25 -19.86 13.52
C GLN B 743 -3.19 -19.97 14.71
N THR B 744 -4.12 -19.03 14.87
CA THR B 744 -5.11 -19.13 15.93
C THR B 744 -5.94 -20.40 15.80
N VAL B 745 -6.43 -20.67 14.59
CA VAL B 745 -7.24 -21.88 14.41
C VAL B 745 -6.42 -23.13 14.70
N LYS B 746 -5.15 -23.15 14.29
CA LYS B 746 -4.35 -24.35 14.58
C LYS B 746 -4.09 -24.51 16.07
N VAL B 747 -3.86 -23.39 16.77
CA VAL B 747 -3.72 -23.43 18.22
C VAL B 747 -4.97 -24.01 18.87
N VAL B 748 -6.14 -23.57 18.41
CA VAL B 748 -7.39 -24.05 19.00
C VAL B 748 -7.54 -25.55 18.78
N ASP B 749 -7.26 -26.02 17.56
CA ASP B 749 -7.32 -27.46 17.30
C ASP B 749 -6.43 -28.23 18.28
N GLU B 750 -5.19 -27.77 18.46
CA GLU B 750 -4.29 -28.48 19.36
C GLU B 750 -4.79 -28.45 20.81
N LEU B 751 -5.34 -27.31 21.25
CA LEU B 751 -5.82 -27.23 22.64
C LEU B 751 -7.03 -28.12 22.86
N VAL B 752 -7.89 -28.25 21.85
CA VAL B 752 -9.02 -29.16 21.95
C VAL B 752 -8.54 -30.61 22.05
N LYS B 753 -7.50 -30.96 21.26
CA LYS B 753 -6.93 -32.29 21.40
C LYS B 753 -6.31 -32.50 22.77
N VAL B 754 -5.72 -31.45 23.35
CA VAL B 754 -5.10 -31.56 24.67
C VAL B 754 -6.13 -31.88 25.74
N MET B 755 -7.36 -31.38 25.59
CA MET B 755 -8.44 -31.67 26.52
C MET B 755 -9.24 -32.91 26.13
N GLY B 756 -8.58 -33.93 25.58
CA GLY B 756 -9.27 -35.16 25.24
C GLY B 756 -10.39 -35.00 24.23
N ARG B 757 -10.25 -34.05 23.30
CA ARG B 757 -11.20 -33.78 22.23
C ARG B 757 -12.55 -33.27 22.76
N HIS B 758 -12.60 -32.81 24.01
CA HIS B 758 -13.78 -32.13 24.51
C HIS B 758 -13.73 -30.66 24.10
N LYS B 759 -14.86 -30.15 23.58
CA LYS B 759 -14.93 -28.78 23.13
C LYS B 759 -15.13 -27.83 24.31
N PRO B 760 -14.60 -26.62 24.23
CA PRO B 760 -14.77 -25.65 25.33
C PRO B 760 -16.19 -25.10 25.41
N GLU B 761 -16.48 -24.53 26.58
CA GLU B 761 -17.74 -23.81 26.77
C GLU B 761 -17.73 -22.51 25.99
N ASN B 762 -16.67 -21.73 26.14
CA ASN B 762 -16.52 -20.47 25.44
C ASN B 762 -15.14 -20.38 24.84
N ILE B 763 -15.05 -19.64 23.75
CA ILE B 763 -13.78 -19.18 23.18
C ILE B 763 -13.87 -17.66 23.11
N VAL B 764 -12.98 -16.98 23.81
CA VAL B 764 -12.94 -15.51 23.81
C VAL B 764 -11.76 -15.06 22.96
N ILE B 765 -12.05 -14.28 21.92
CA ILE B 765 -11.05 -13.77 21.00
C ILE B 765 -10.95 -12.26 21.15
N GLU B 766 -9.71 -11.77 21.13
CA GLU B 766 -9.43 -10.35 21.06
C GLU B 766 -8.38 -10.15 19.97
N MET B 767 -8.56 -9.10 19.17
CA MET B 767 -7.64 -8.82 18.07
C MET B 767 -7.07 -7.42 18.24
N ALA B 768 -5.75 -7.34 18.35
CA ALA B 768 -5.09 -6.05 18.52
C ALA B 768 -5.31 -5.16 17.28
N ARG B 769 -5.00 -3.88 17.45
CA ARG B 769 -5.13 -2.92 16.37
C ARG B 769 -3.91 -2.98 15.46
N ASN B 780 5.56 5.86 3.38
CA ASN B 780 4.45 6.65 3.88
C ASN B 780 4.77 8.14 3.87
N SER B 781 6.03 8.50 4.08
CA SER B 781 6.44 9.89 3.99
C SER B 781 6.27 10.44 2.57
N ARG B 782 6.45 9.59 1.56
CA ARG B 782 6.22 10.05 0.19
C ARG B 782 4.74 10.30 -0.07
N GLU B 783 3.87 9.49 0.53
CA GLU B 783 2.43 9.76 0.44
C GLU B 783 2.08 11.07 1.15
N ARG B 784 2.72 11.33 2.29
CA ARG B 784 2.49 12.59 2.99
C ARG B 784 2.94 13.78 2.14
N MET B 785 4.13 13.68 1.55
CA MET B 785 4.61 14.75 0.67
C MET B 785 3.70 14.94 -0.53
N LYS B 786 3.18 13.84 -1.10
CA LYS B 786 2.27 13.97 -2.23
C LYS B 786 0.98 14.68 -1.84
N ARG B 787 0.38 14.25 -0.72
CA ARG B 787 -0.82 14.92 -0.23
C ARG B 787 -0.58 16.41 -0.02
N ILE B 788 0.55 16.75 0.59
CA ILE B 788 0.81 18.14 0.91
C ILE B 788 1.07 18.96 -0.35
N GLU B 789 1.85 18.41 -1.29
CA GLU B 789 2.09 19.11 -2.55
C GLU B 789 0.79 19.34 -3.31
N GLU B 790 -0.04 18.31 -3.42
CA GLU B 790 -1.30 18.43 -4.14
C GLU B 790 -2.21 19.46 -3.48
N GLY B 791 -2.33 19.42 -2.14
CA GLY B 791 -3.18 20.37 -1.46
C GLY B 791 -2.67 21.80 -1.55
N ILE B 792 -1.35 21.98 -1.49
CA ILE B 792 -0.79 23.33 -1.55
C ILE B 792 -0.92 23.92 -2.95
N LYS B 793 -0.68 23.11 -3.98
CA LYS B 793 -0.82 23.60 -5.34
C LYS B 793 -2.28 23.80 -5.73
N GLU B 794 -3.18 23.01 -5.14
CA GLU B 794 -4.61 23.29 -5.28
C GLU B 794 -4.99 24.58 -4.57
N LEU B 795 -4.34 24.86 -3.44
CA LEU B 795 -4.60 26.06 -2.66
C LEU B 795 -4.00 27.29 -3.35
N SER B 797 -0.42 27.93 -2.67
CA SER B 797 0.29 28.46 -1.51
C SER B 797 1.80 28.34 -1.70
N GLN B 798 2.55 29.23 -1.03
CA GLN B 798 4.01 29.22 -1.09
C GLN B 798 4.62 28.79 0.23
N ILE B 799 3.97 27.86 0.93
CA ILE B 799 4.43 27.50 2.28
C ILE B 799 5.67 26.63 2.21
N LEU B 800 5.82 25.83 1.15
CA LEU B 800 7.06 25.08 0.96
C LEU B 800 8.18 25.95 0.42
N LYS B 801 7.85 27.12 -0.15
CA LYS B 801 8.87 28.09 -0.50
C LYS B 801 9.45 28.73 0.75
N GLU B 802 8.59 29.21 1.66
CA GLU B 802 9.06 29.90 2.85
C GLU B 802 9.59 28.93 3.90
N HIS B 803 8.97 27.76 4.03
CA HIS B 803 9.37 26.74 5.00
C HIS B 803 9.44 25.38 4.30
N PRO B 804 10.53 25.13 3.54
CA PRO B 804 10.72 23.86 2.84
C PRO B 804 10.84 22.66 3.78
N ASN B 807 10.51 14.85 3.02
CA ASN B 807 9.43 13.94 3.36
C ASN B 807 9.63 13.30 4.74
N THR B 808 10.89 13.09 5.11
CA THR B 808 11.19 12.53 6.42
C THR B 808 10.66 13.42 7.53
N GLN B 809 10.86 14.74 7.40
CA GLN B 809 10.42 15.67 8.43
C GLN B 809 8.92 15.58 8.66
N LEU B 810 8.15 15.19 7.64
CA LEU B 810 6.71 15.07 7.77
C LEU B 810 6.27 13.95 8.69
N GLN B 811 7.19 13.14 9.22
CA GLN B 811 6.79 12.15 10.22
C GLN B 811 6.52 12.79 11.58
N ASN B 812 6.85 14.06 11.75
CA ASN B 812 6.45 14.80 12.95
C ASN B 812 4.97 15.13 12.86
N GLU B 813 4.21 14.79 13.92
CA GLU B 813 2.75 14.89 13.85
C GLU B 813 2.29 16.35 13.80
N LYS B 814 2.69 17.15 14.79
CA LYS B 814 2.22 18.54 14.84
C LYS B 814 2.63 19.31 13.60
N LEU B 815 3.84 19.06 13.10
CA LEU B 815 4.28 19.71 11.86
C LEU B 815 3.48 19.23 10.66
N TYR B 816 3.16 17.93 10.63
CA TYR B 816 2.32 17.39 9.58
C TYR B 816 0.95 18.08 9.57
N LEU B 817 0.33 18.18 10.75
CA LEU B 817 -0.95 18.87 10.87
C LEU B 817 -0.83 20.34 10.46
N TYR B 818 0.28 20.98 10.83
CA TYR B 818 0.50 22.37 10.42
C TYR B 818 0.45 22.49 8.91
N TYR B 819 1.24 21.66 8.22
CA TYR B 819 1.28 21.75 6.76
C TYR B 819 -0.04 21.36 6.12
N LEU B 820 -0.79 20.43 6.74
CA LEU B 820 -2.08 20.04 6.19
C LEU B 820 -3.16 21.10 6.40
N GLN B 821 -2.94 22.05 7.31
CA GLN B 821 -3.95 23.02 7.67
C GLN B 821 -3.67 24.41 7.12
N ASN B 822 -2.66 24.56 6.25
CA ASN B 822 -2.27 25.86 5.69
C ASN B 822 -1.84 26.84 6.78
N GLY B 823 -1.27 26.32 7.86
CA GLY B 823 -0.70 27.17 8.89
C GLY B 823 -1.70 28.03 9.63
N ARG B 824 -2.92 27.53 9.84
CA ARG B 824 -3.97 28.30 10.49
C ARG B 824 -4.56 27.50 11.65
N ASP B 825 -5.05 28.24 12.64
CA ASP B 825 -5.89 27.63 13.68
C ASP B 825 -7.20 27.16 13.07
N MET B 826 -7.68 26.00 13.50
CA MET B 826 -8.88 25.42 12.93
C MET B 826 -10.14 25.73 13.73
N TYR B 827 -10.01 26.13 14.99
CA TYR B 827 -11.15 26.56 15.77
C TYR B 827 -11.28 28.08 15.83
N VAL B 828 -10.22 28.81 15.48
CA VAL B 828 -10.22 30.27 15.43
C VAL B 828 -9.65 30.70 14.08
N ASP B 829 -10.20 31.77 13.52
CA ASP B 829 -9.78 32.26 12.20
C ASP B 829 -8.54 33.12 12.37
N GLN B 830 -7.40 32.46 12.51
CA GLN B 830 -6.12 33.11 12.73
C GLN B 830 -5.01 32.23 12.21
N GLU B 831 -3.89 32.85 11.83
CA GLU B 831 -2.72 32.10 11.40
C GLU B 831 -2.04 31.46 12.60
N LEU B 832 -1.36 30.34 12.35
CA LEU B 832 -0.51 29.69 13.33
C LEU B 832 0.95 29.90 12.96
N ASP B 833 1.81 29.81 13.97
CA ASP B 833 3.24 30.03 13.81
C ASP B 833 3.96 28.69 13.86
N ILE B 834 4.85 28.46 12.88
CA ILE B 834 5.60 27.20 12.85
C ILE B 834 6.36 27.00 14.15
N ASN B 835 7.18 27.97 14.51
CA ASN B 835 8.07 27.87 15.67
C ASN B 835 7.33 27.85 17.01
N ARG B 836 6.00 27.93 17.01
CA ARG B 836 5.21 27.89 18.23
C ARG B 836 4.38 26.62 18.36
N LEU B 837 4.66 25.59 17.54
CA LEU B 837 3.83 24.39 17.54
C LEU B 837 3.81 23.71 18.89
N SER B 838 4.89 23.84 19.67
CA SER B 838 4.94 23.23 20.99
C SER B 838 3.93 23.84 21.94
N ASP B 839 3.56 25.10 21.73
CA ASP B 839 2.60 25.78 22.61
C ASP B 839 1.15 25.49 22.25
N TYR B 840 0.89 24.94 21.07
CA TYR B 840 -0.47 24.69 20.62
C TYR B 840 -0.95 23.32 21.11
N ASP B 841 -2.19 23.00 20.75
CA ASP B 841 -2.84 21.77 21.20
C ASP B 841 -3.33 20.97 20.00
N VAL B 842 -3.25 19.65 20.12
CA VAL B 842 -3.87 18.73 19.19
C VAL B 842 -5.13 18.20 19.86
N ASP B 843 -6.29 18.61 19.36
CA ASP B 843 -7.57 18.30 19.95
C ASP B 843 -8.27 17.22 19.13
N ALA B 844 -9.11 16.44 19.80
CA ALA B 844 -9.95 15.46 19.14
C ALA B 844 -11.24 16.14 18.71
N ILE B 845 -11.57 16.05 17.43
CA ILE B 845 -12.81 16.64 16.93
C ILE B 845 -14.00 16.02 17.66
N VAL B 846 -14.14 14.70 17.57
CA VAL B 846 -14.99 13.94 18.46
C VAL B 846 -14.13 13.55 19.68
N PRO B 847 -14.50 13.96 20.89
CA PRO B 847 -13.62 13.71 22.05
C PRO B 847 -13.31 12.24 22.23
N GLN B 848 -12.04 11.97 22.57
CA GLN B 848 -11.58 10.58 22.66
C GLN B 848 -12.26 9.81 23.78
N SER B 849 -12.94 10.51 24.70
CA SER B 849 -13.74 9.81 25.70
C SER B 849 -14.93 9.10 25.09
N PHE B 850 -15.32 9.48 23.87
CA PHE B 850 -16.39 8.83 23.14
C PHE B 850 -15.87 7.92 22.03
N LEU B 851 -15.06 8.48 21.12
CA LEU B 851 -14.54 7.76 19.96
C LEU B 851 -13.03 7.65 20.12
N LYS B 852 -12.54 6.43 20.34
CA LYS B 852 -11.10 6.20 20.47
C LYS B 852 -10.44 6.20 19.09
N ASP B 853 -10.57 7.32 18.41
CA ASP B 853 -9.95 7.55 17.10
C ASP B 853 -8.84 8.57 17.30
N ASP B 854 -7.60 8.15 17.02
CA ASP B 854 -6.43 9.00 17.19
C ASP B 854 -5.80 9.39 15.85
N SER B 855 -6.56 9.31 14.76
CA SER B 855 -6.06 9.59 13.43
C SER B 855 -6.31 11.05 13.05
N ILE B 856 -5.61 11.47 11.99
CA ILE B 856 -5.76 12.84 11.48
C ILE B 856 -7.20 13.14 11.13
N ASP B 857 -7.98 12.11 10.78
CA ASP B 857 -9.39 12.29 10.43
C ASP B 857 -10.22 12.79 11.61
N ASN B 858 -9.71 12.66 12.85
CA ASN B 858 -10.42 13.12 14.03
C ASN B 858 -9.59 14.08 14.87
N LYS B 859 -8.43 14.50 14.39
CA LYS B 859 -7.55 15.38 15.16
C LYS B 859 -7.40 16.72 14.46
N VAL B 860 -7.05 17.74 15.25
CA VAL B 860 -7.00 19.10 14.76
C VAL B 860 -5.93 19.86 15.55
N LEU B 861 -5.17 20.71 14.85
CA LEU B 861 -4.17 21.55 15.50
C LEU B 861 -4.74 22.93 15.72
N THR B 862 -4.98 23.29 16.98
CA THR B 862 -5.54 24.58 17.34
C THR B 862 -4.64 25.25 18.37
N ARG B 863 -4.80 26.56 18.52
CA ARG B 863 -3.95 27.29 19.46
C ARG B 863 -4.20 26.81 20.89
N SER B 864 -5.46 26.66 21.27
CA SER B 864 -5.81 26.15 22.59
C SER B 864 -7.09 25.34 22.46
N ASP B 865 -7.08 24.11 22.96
CA ASP B 865 -8.26 23.26 22.87
C ASP B 865 -9.44 23.83 23.63
N LYS B 866 -9.19 24.70 24.63
CA LYS B 866 -10.27 25.41 25.31
C LYS B 866 -11.20 26.08 24.32
N ASN B 867 -10.64 26.65 23.25
CA ASN B 867 -11.42 27.37 22.26
C ASN B 867 -12.35 26.48 21.44
N ARG B 868 -12.35 25.16 21.66
CA ARG B 868 -13.32 24.31 21.00
C ARG B 868 -14.73 24.56 21.52
N GLY B 869 -14.84 25.08 22.75
CA GLY B 869 -16.12 25.23 23.40
C GLY B 869 -16.19 24.37 24.65
N LYS B 870 -17.31 23.66 24.83
CA LYS B 870 -17.43 22.73 25.94
C LYS B 870 -16.79 21.40 25.57
N SER B 871 -16.05 20.82 26.51
CA SER B 871 -15.25 19.63 26.25
C SER B 871 -16.07 18.34 26.22
N ASP B 872 -17.39 18.42 26.34
CA ASP B 872 -18.23 17.23 26.41
C ASP B 872 -18.94 16.94 25.10
N ASN B 873 -18.62 17.65 24.04
CA ASN B 873 -19.39 17.55 22.80
C ASN B 873 -18.52 17.97 21.63
N VAL B 874 -19.13 18.06 20.45
CA VAL B 874 -18.53 18.55 19.22
C VAL B 874 -18.22 20.03 19.39
N PRO B 875 -17.21 20.60 18.70
CA PRO B 875 -16.99 22.06 18.72
C PRO B 875 -18.29 22.86 18.66
N SER B 876 -18.36 23.93 19.44
CA SER B 876 -19.62 24.60 19.74
C SER B 876 -20.21 25.29 18.51
N GLU B 877 -21.50 25.63 18.63
CA GLU B 877 -22.21 26.28 17.54
C GLU B 877 -21.55 27.60 17.14
N GLU B 878 -21.04 28.35 18.11
CA GLU B 878 -20.35 29.60 17.80
C GLU B 878 -19.13 29.34 16.93
N VAL B 879 -18.37 28.30 17.24
CA VAL B 879 -17.20 27.95 16.43
C VAL B 879 -17.62 27.53 15.03
N VAL B 880 -18.73 26.80 14.93
CA VAL B 880 -19.22 26.39 13.60
C VAL B 880 -19.60 27.60 12.77
N LYS B 881 -20.41 28.50 13.35
CA LYS B 881 -20.79 29.73 12.65
C LYS B 881 -19.55 30.52 12.23
N LYS B 882 -18.52 30.55 13.08
CA LYS B 882 -17.30 31.27 12.74
C LYS B 882 -16.60 30.63 11.55
N MET B 883 -16.41 29.30 11.58
CA MET B 883 -15.39 28.66 10.76
C MET B 883 -15.91 27.76 9.65
N LYS B 884 -17.23 27.68 9.43
CA LYS B 884 -17.74 26.72 8.46
C LYS B 884 -17.26 27.03 7.05
N ASN B 885 -17.14 28.31 6.70
CA ASN B 885 -16.69 28.67 5.35
C ASN B 885 -15.25 28.24 5.13
N TYR B 886 -14.38 28.51 6.11
CA TYR B 886 -12.99 28.08 5.99
C TYR B 886 -12.88 26.56 5.93
N TRP B 887 -13.71 25.87 6.71
CA TRP B 887 -13.69 24.41 6.69
C TRP B 887 -14.16 23.87 5.35
N ARG B 888 -15.15 24.52 4.73
CA ARG B 888 -15.58 24.12 3.40
C ARG B 888 -14.48 24.35 2.37
N GLN B 889 -13.76 25.47 2.49
CA GLN B 889 -12.60 25.69 1.63
C GLN B 889 -11.57 24.58 1.79
N LEU B 890 -11.32 24.16 3.04
CA LEU B 890 -10.39 23.06 3.27
C LEU B 890 -10.91 21.77 2.64
N LEU B 891 -12.21 21.49 2.81
CA LEU B 891 -12.78 20.26 2.27
C LEU B 891 -12.68 20.20 0.75
N ASN B 892 -12.88 21.34 0.08
CA ASN B 892 -12.82 21.36 -1.37
C ASN B 892 -11.43 21.03 -1.88
N ALA B 893 -10.39 21.56 -1.23
CA ALA B 893 -9.03 21.22 -1.62
C ALA B 893 -8.61 19.82 -1.17
N LYS B 894 -9.57 19.01 -0.73
CA LYS B 894 -9.32 17.65 -0.28
C LYS B 894 -8.31 17.61 0.86
N LEU B 895 -8.42 18.59 1.76
CA LEU B 895 -7.55 18.68 2.92
C LEU B 895 -8.16 18.03 4.15
N ILE B 896 -9.49 18.06 4.27
CA ILE B 896 -10.21 17.27 5.25
C ILE B 896 -11.21 16.40 4.49
N THR B 897 -11.61 15.31 5.12
CA THR B 897 -12.59 14.42 4.50
C THR B 897 -14.01 14.90 4.82
N GLN B 898 -14.98 14.34 4.10
CA GLN B 898 -16.38 14.63 4.38
C GLN B 898 -16.74 14.21 5.80
N ARG B 899 -16.18 13.09 6.27
CA ARG B 899 -16.39 12.68 7.65
C ARG B 899 -15.86 13.73 8.63
N LYS B 900 -14.66 14.24 8.36
CA LYS B 900 -14.05 15.24 9.24
C LYS B 900 -14.87 16.52 9.27
N PHE B 901 -15.30 17.00 8.10
CA PHE B 901 -16.11 18.20 8.04
C PHE B 901 -17.46 18.00 8.71
N ASP B 902 -18.07 16.82 8.54
CA ASP B 902 -19.35 16.55 9.18
C ASP B 902 -19.22 16.52 10.69
N ASN B 903 -18.15 15.92 11.22
CA ASN B 903 -17.94 15.92 12.66
C ASN B 903 -17.66 17.31 13.18
N LEU B 904 -16.92 18.12 12.41
CA LEU B 904 -16.64 19.49 12.83
C LEU B 904 -17.91 20.31 12.92
N THR B 905 -18.87 20.06 12.02
CA THR B 905 -20.06 20.88 11.89
C THR B 905 -21.30 20.24 12.50
N LYS B 906 -21.13 19.25 13.38
CA LYS B 906 -22.27 18.52 13.90
C LYS B 906 -23.07 19.34 14.91
N ALA B 907 -22.48 20.40 15.48
CA ALA B 907 -23.20 21.20 16.47
C ALA B 907 -24.42 21.86 15.85
N GLU B 908 -24.31 22.32 14.60
CA GLU B 908 -25.46 22.90 13.92
C GLU B 908 -26.51 21.86 13.56
N ARG B 909 -26.23 20.57 13.76
CA ARG B 909 -27.21 19.51 13.53
C ARG B 909 -27.59 18.86 14.86
N LEU B 912 -23.54 16.44 19.25
CA LEU B 912 -23.60 15.05 19.67
C LEU B 912 -24.82 14.80 20.56
N SER B 913 -25.78 14.03 20.03
CA SER B 913 -26.93 13.64 20.82
C SER B 913 -26.53 12.62 21.87
N GLU B 914 -27.48 12.29 22.74
CA GLU B 914 -27.22 11.27 23.75
C GLU B 914 -27.11 9.89 23.12
N LEU B 915 -27.89 9.63 22.07
CA LEU B 915 -27.77 8.36 21.35
C LEU B 915 -26.36 8.20 20.77
N ASP B 916 -25.78 9.29 20.27
CA ASP B 916 -24.43 9.22 19.72
C ASP B 916 -23.42 8.80 20.79
N LYS B 917 -23.55 9.35 22.01
CA LYS B 917 -22.61 9.02 23.07
C LYS B 917 -22.81 7.60 23.57
N ALA B 918 -24.08 7.17 23.69
CA ALA B 918 -24.36 5.78 24.06
C ALA B 918 -23.75 4.83 23.05
N GLY B 919 -23.95 5.11 21.75
CA GLY B 919 -23.35 4.27 20.72
C GLY B 919 -21.85 4.31 20.71
N PHE B 920 -21.26 5.46 21.03
CA PHE B 920 -19.81 5.57 21.10
C PHE B 920 -19.25 4.67 22.20
N ILE B 921 -19.88 4.68 23.37
CA ILE B 921 -19.45 3.78 24.45
C ILE B 921 -19.63 2.33 24.02
N LYS B 922 -20.80 2.00 23.48
CA LYS B 922 -21.09 0.64 23.03
C LYS B 922 -20.01 0.15 22.07
N ARG B 923 -19.64 0.98 21.08
CA ARG B 923 -18.61 0.63 20.13
C ARG B 923 -17.22 0.60 20.77
N GLN B 924 -17.01 1.34 21.86
CA GLN B 924 -15.80 1.17 22.63
C GLN B 924 -15.71 -0.22 23.21
N LEU B 925 -16.86 -0.85 23.50
CA LEU B 925 -16.84 -2.17 24.11
C LEU B 925 -17.26 -3.31 23.19
N VAL B 926 -18.00 -3.02 22.11
CA VAL B 926 -18.52 -4.06 21.21
C VAL B 926 -17.67 -4.04 19.94
N GLU B 927 -17.06 -5.18 19.63
CA GLU B 927 -16.20 -5.29 18.45
C GLU B 927 -17.04 -5.45 17.19
N THR B 928 -16.76 -4.61 16.18
CA THR B 928 -17.50 -4.63 14.93
C THR B 928 -16.63 -4.71 13.69
N ARG B 929 -15.30 -4.84 13.83
CA ARG B 929 -14.45 -5.01 12.67
C ARG B 929 -14.80 -6.28 11.91
N GLN B 930 -14.80 -6.19 10.58
CA GLN B 930 -15.19 -7.33 9.77
C GLN B 930 -14.24 -8.49 9.94
N ILE B 931 -12.94 -8.20 10.08
CA ILE B 931 -11.94 -9.27 10.11
C ILE B 931 -12.07 -10.10 11.40
N THR B 932 -12.34 -9.44 12.53
CA THR B 932 -12.58 -10.18 13.76
C THR B 932 -13.85 -11.00 13.67
N LYS B 933 -14.89 -10.45 13.05
CA LYS B 933 -16.11 -11.22 12.83
C LYS B 933 -15.84 -12.44 11.98
N HIS B 934 -14.90 -12.35 11.02
CA HIS B 934 -14.55 -13.50 10.20
C HIS B 934 -13.84 -14.56 11.03
N VAL B 935 -12.92 -14.14 11.91
CA VAL B 935 -12.28 -15.12 12.80
C VAL B 935 -13.33 -15.81 13.67
N ALA B 936 -14.26 -15.02 14.21
CA ALA B 936 -15.31 -15.58 15.04
C ALA B 936 -16.16 -16.57 14.25
N GLN B 937 -16.47 -16.24 12.99
CA GLN B 937 -17.29 -17.14 12.17
C GLN B 937 -16.55 -18.43 11.87
N ILE B 938 -15.26 -18.34 11.57
CA ILE B 938 -14.48 -19.55 11.32
C ILE B 938 -14.52 -20.46 12.54
N LEU B 939 -14.25 -19.90 13.72
CA LEU B 939 -14.26 -20.74 14.92
C LEU B 939 -15.66 -21.27 15.23
N ASP B 940 -16.68 -20.44 15.06
CA ASP B 940 -18.05 -20.86 15.35
C ASP B 940 -18.49 -21.98 14.42
N SER B 941 -18.14 -21.90 13.13
CA SER B 941 -18.53 -22.94 12.19
C SER B 941 -17.70 -24.20 12.36
N ARG B 942 -16.48 -24.08 12.89
CA ARG B 942 -15.70 -25.28 13.17
C ARG B 942 -16.20 -25.99 14.41
N MET B 943 -16.61 -25.24 15.43
CA MET B 943 -17.01 -25.85 16.70
C MET B 943 -18.45 -26.36 16.67
N ASN B 944 -19.36 -25.63 16.04
CA ASN B 944 -20.80 -25.90 16.14
C ASN B 944 -21.30 -26.45 14.80
N THR B 945 -21.47 -27.77 14.73
CA THR B 945 -21.84 -28.43 13.48
C THR B 945 -23.16 -29.20 13.53
N LYS B 946 -23.78 -29.34 14.71
CA LYS B 946 -24.99 -30.14 14.86
C LYS B 946 -26.23 -29.25 14.82
N TYR B 947 -27.34 -29.84 14.38
CA TYR B 947 -28.62 -29.17 14.31
C TYR B 947 -29.66 -29.95 15.12
N ASP B 948 -30.63 -29.23 15.68
CA ASP B 948 -31.58 -29.82 16.61
C ASP B 948 -32.82 -30.31 15.85
N GLU B 949 -33.89 -30.60 16.59
CA GLU B 949 -35.10 -31.15 15.99
C GLU B 949 -35.82 -30.12 15.12
N ASN B 950 -35.68 -28.84 15.43
CA ASN B 950 -36.22 -27.77 14.60
C ASN B 950 -35.26 -27.32 13.51
N ASP B 951 -34.21 -28.11 13.26
CA ASP B 951 -33.17 -27.82 12.28
C ASP B 951 -32.47 -26.49 12.54
N LYS B 952 -32.49 -26.02 13.78
CA LYS B 952 -31.69 -24.87 14.20
C LYS B 952 -30.29 -25.34 14.61
N LEU B 953 -29.32 -24.45 14.41
CA LEU B 953 -27.95 -24.77 14.81
C LEU B 953 -27.85 -24.95 16.32
N ILE B 954 -27.03 -25.90 16.74
CA ILE B 954 -26.78 -26.14 18.16
C ILE B 954 -25.44 -25.51 18.50
N ARG B 955 -25.50 -24.41 19.26
CA ARG B 955 -24.30 -23.65 19.61
C ARG B 955 -23.74 -24.21 20.91
N GLU B 956 -22.91 -25.25 20.79
CA GLU B 956 -22.27 -25.82 21.97
C GLU B 956 -21.19 -24.89 22.51
N VAL B 957 -20.48 -24.20 21.62
CA VAL B 957 -19.38 -23.32 21.98
C VAL B 957 -19.77 -21.89 21.66
N LYS B 958 -19.72 -21.03 22.66
CA LYS B 958 -19.98 -19.61 22.46
C LYS B 958 -18.66 -18.93 22.08
N VAL B 959 -18.63 -18.30 20.90
CA VAL B 959 -17.48 -17.54 20.45
C VAL B 959 -17.73 -16.08 20.80
N ILE B 960 -17.05 -15.59 21.81
CA ILE B 960 -17.13 -14.22 22.29
C ILE B 960 -15.99 -13.42 21.69
N THR B 961 -16.27 -12.18 21.31
CA THR B 961 -15.22 -11.26 20.87
C THR B 961 -15.19 -10.05 21.78
N LEU B 962 -13.99 -9.62 22.17
CA LEU B 962 -13.82 -8.47 23.03
C LEU B 962 -12.88 -7.47 22.38
N LYS B 963 -13.15 -6.19 22.61
CA LYS B 963 -12.20 -5.14 22.27
C LYS B 963 -11.12 -5.08 23.35
N SER B 964 -9.94 -4.58 22.96
CA SER B 964 -8.81 -4.56 23.88
C SER B 964 -9.09 -3.74 25.14
N LYS B 965 -9.94 -2.73 25.02
CA LYS B 965 -10.12 -1.77 26.12
C LYS B 965 -10.66 -2.44 27.37
N LEU B 966 -11.47 -3.50 27.22
CA LEU B 966 -12.01 -4.18 28.38
C LEU B 966 -10.90 -4.73 29.27
N VAL B 967 -10.01 -5.56 28.70
CA VAL B 967 -8.93 -6.14 29.48
C VAL B 967 -7.91 -5.08 29.89
N SER B 968 -7.69 -4.09 29.02
CA SER B 968 -6.79 -3.00 29.39
C SER B 968 -7.28 -2.28 30.64
N ASP B 969 -8.56 -1.90 30.67
CA ASP B 969 -9.15 -1.25 31.84
C ASP B 969 -9.16 -2.18 33.03
N PHE B 970 -9.39 -3.48 32.82
CA PHE B 970 -9.35 -4.44 33.92
C PHE B 970 -7.97 -4.43 34.57
N ARG B 971 -6.93 -4.51 33.75
CA ARG B 971 -5.55 -4.43 34.25
C ARG B 971 -5.33 -3.14 35.04
N LYS B 972 -5.71 -2.00 34.45
CA LYS B 972 -5.40 -0.73 35.10
C LYS B 972 -6.24 -0.52 36.36
N ASP B 973 -7.41 -1.15 36.45
CA ASP B 973 -8.26 -1.02 37.62
C ASP B 973 -7.75 -1.88 38.77
N PHE B 974 -7.41 -3.14 38.50
CA PHE B 974 -7.06 -4.07 39.57
C PHE B 974 -5.57 -4.34 39.66
N GLN B 975 -4.74 -3.47 39.06
CA GLN B 975 -3.29 -3.48 39.24
C GLN B 975 -2.67 -4.78 38.72
N PHE B 976 -3.17 -5.26 37.59
CA PHE B 976 -2.51 -6.33 36.82
C PHE B 976 -1.76 -5.73 35.64
N TYR B 977 -0.86 -4.81 35.95
CA TYR B 977 -0.21 -4.00 34.94
C TYR B 977 0.64 -4.86 34.01
N LYS B 978 0.77 -4.41 32.76
CA LYS B 978 1.61 -5.06 31.77
C LYS B 978 2.72 -4.11 31.35
N VAL B 979 3.91 -4.66 31.18
CA VAL B 979 5.06 -3.93 30.63
C VAL B 979 5.59 -4.82 29.52
N ARG B 980 5.33 -4.43 28.27
CA ARG B 980 5.62 -5.28 27.11
C ARG B 980 7.10 -5.63 27.00
N GLU B 981 7.98 -4.76 27.50
CA GLU B 981 9.41 -4.92 27.26
C GLU B 981 10.06 -5.97 28.15
N ILE B 982 9.41 -6.39 29.23
CA ILE B 982 10.05 -7.32 30.15
C ILE B 982 10.24 -8.69 29.51
N ASN B 983 9.19 -9.22 28.89
CA ASN B 983 9.25 -10.50 28.20
C ASN B 983 8.04 -10.62 27.29
N ASN B 984 7.83 -11.80 26.74
CA ASN B 984 6.71 -12.05 25.84
C ASN B 984 5.48 -12.59 26.55
N TYR B 985 5.51 -12.70 27.88
CA TYR B 985 4.39 -13.29 28.61
C TYR B 985 3.10 -12.49 28.45
N HIS B 986 3.19 -11.19 28.16
CA HIS B 986 1.99 -10.37 28.17
C HIS B 986 0.99 -10.80 27.11
N HIS B 987 1.44 -11.44 26.04
CA HIS B 987 0.48 -11.98 25.07
C HIS B 987 -0.35 -13.10 25.68
N ALA B 988 0.31 -14.05 26.36
CA ALA B 988 -0.39 -15.13 27.05
C ALA B 988 -1.30 -14.58 28.15
N HIS B 989 -0.78 -13.64 28.95
CA HIS B 989 -1.59 -13.04 30.01
C HIS B 989 -2.81 -12.34 29.44
N ASP B 990 -2.64 -11.66 28.31
CA ASP B 990 -3.78 -11.02 27.65
C ASP B 990 -4.84 -12.05 27.29
N ALA B 991 -4.41 -13.18 26.70
CA ALA B 991 -5.38 -14.23 26.37
C ALA B 991 -6.10 -14.74 27.61
N TYR B 992 -5.36 -14.97 28.70
CA TYR B 992 -5.98 -15.45 29.93
C TYR B 992 -7.01 -14.46 30.47
N LEU B 993 -6.62 -13.19 30.54
CA LEU B 993 -7.56 -12.17 31.01
C LEU B 993 -8.77 -12.05 30.10
N ASN B 994 -8.57 -12.24 28.79
CA ASN B 994 -9.69 -12.24 27.86
C ASN B 994 -10.68 -13.35 28.22
N ALA B 995 -10.17 -14.57 28.41
CA ALA B 995 -11.04 -15.67 28.80
C ALA B 995 -11.79 -15.35 30.08
N VAL B 996 -11.07 -14.90 31.11
CA VAL B 996 -11.68 -14.61 32.41
C VAL B 996 -12.77 -13.57 32.26
N VAL B 997 -12.42 -12.41 31.69
CA VAL B 997 -13.35 -11.28 31.63
C VAL B 997 -14.55 -11.64 30.76
N GLY B 998 -14.32 -12.26 29.60
CA GLY B 998 -15.43 -12.57 28.71
C GLY B 998 -16.41 -13.56 29.30
N THR B 999 -15.90 -14.67 29.86
CA THR B 999 -16.80 -15.65 30.45
C THR B 999 -17.51 -15.08 31.66
N ALA B 1000 -16.81 -14.31 32.51
CA ALA B 1000 -17.46 -13.66 33.64
C ALA B 1000 -18.54 -12.71 33.17
N LEU B 1001 -18.27 -11.94 32.10
CA LEU B 1001 -19.22 -10.95 31.63
C LEU B 1001 -20.51 -11.61 31.17
N ILE B 1002 -20.40 -12.67 30.35
CA ILE B 1002 -21.65 -13.28 29.89
C ILE B 1002 -22.27 -14.20 30.93
N LYS B 1003 -21.53 -14.60 31.97
CA LYS B 1003 -22.16 -15.28 33.09
C LYS B 1003 -23.01 -14.30 33.90
N LYS B 1004 -22.49 -13.10 34.14
CA LYS B 1004 -23.20 -12.12 34.93
C LYS B 1004 -24.44 -11.60 34.22
N TYR B 1005 -24.30 -11.21 32.94
CA TYR B 1005 -25.38 -10.59 32.16
C TYR B 1005 -25.66 -11.47 30.95
N PRO B 1006 -26.41 -12.55 31.13
CA PRO B 1006 -26.66 -13.46 29.99
C PRO B 1006 -27.40 -12.84 28.83
N LYS B 1007 -27.98 -11.65 28.99
CA LYS B 1007 -28.63 -11.00 27.85
C LYS B 1007 -27.58 -10.47 26.87
N LEU B 1008 -26.45 -9.99 27.39
CA LEU B 1008 -25.37 -9.42 26.59
C LEU B 1008 -24.85 -10.38 25.54
N GLU B 1009 -25.26 -11.64 25.60
CA GLU B 1009 -24.90 -12.60 24.56
C GLU B 1009 -25.25 -12.03 23.19
N SER B 1010 -26.41 -11.38 23.07
CA SER B 1010 -26.82 -10.84 21.78
C SER B 1010 -25.76 -9.92 21.19
N GLU B 1011 -24.97 -9.26 22.03
CA GLU B 1011 -23.96 -8.33 21.57
C GLU B 1011 -22.56 -8.94 21.49
N PHE B 1012 -22.32 -10.07 22.17
CA PHE B 1012 -20.94 -10.55 22.31
C PHE B 1012 -20.70 -11.93 21.72
N VAL B 1013 -21.73 -12.72 21.47
CA VAL B 1013 -21.57 -14.09 20.98
C VAL B 1013 -21.85 -14.10 19.48
N TYR B 1014 -20.92 -14.65 18.70
CA TYR B 1014 -21.12 -14.68 17.26
C TYR B 1014 -22.33 -15.50 16.90
N GLY B 1015 -23.12 -14.99 15.95
CA GLY B 1015 -24.30 -15.66 15.46
C GLY B 1015 -25.55 -15.44 16.27
N ASP B 1016 -25.43 -14.80 17.43
CA ASP B 1016 -26.57 -14.57 18.32
C ASP B 1016 -27.21 -13.23 18.00
N TYR B 1017 -28.53 -13.26 17.78
CA TYR B 1017 -29.31 -12.08 17.42
C TYR B 1017 -30.77 -12.51 17.26
N LYS B 1018 -31.70 -11.60 17.54
CA LYS B 1018 -33.11 -11.90 17.39
C LYS B 1018 -33.90 -10.68 16.91
N ALA B 1036 -31.84 6.84 25.98
CA ALA B 1036 -30.43 6.90 25.61
C ALA B 1036 -29.55 6.98 26.85
N THR B 1037 -30.00 7.78 27.82
CA THR B 1037 -29.28 7.88 29.09
C THR B 1037 -29.20 6.53 29.79
N ALA B 1038 -30.25 5.72 29.68
CA ALA B 1038 -30.25 4.41 30.31
C ALA B 1038 -29.13 3.53 29.74
N LYS B 1039 -29.05 3.43 28.42
CA LYS B 1039 -28.02 2.60 27.80
C LYS B 1039 -26.62 3.19 28.00
N TYR B 1040 -26.50 4.52 28.00
CA TYR B 1040 -25.21 5.13 28.30
C TYR B 1040 -24.73 4.75 29.70
N PHE B 1041 -25.61 4.92 30.69
CA PHE B 1041 -25.28 4.50 32.06
C PHE B 1041 -24.95 3.02 32.12
N PHE B 1042 -25.72 2.19 31.41
CA PHE B 1042 -25.52 0.75 31.45
C PHE B 1042 -24.16 0.36 30.90
N TYR B 1043 -23.90 0.69 29.62
CA TYR B 1043 -22.65 0.32 28.98
C TYR B 1043 -21.45 1.03 29.57
N SER B 1044 -21.65 2.15 30.28
CA SER B 1044 -20.52 2.81 30.92
C SER B 1044 -20.16 2.17 32.24
N ASN B 1045 -21.13 1.54 32.91
CA ASN B 1045 -20.92 0.90 34.21
C ASN B 1045 -21.04 -0.62 34.11
N ILE B 1046 -20.95 -1.17 32.91
CA ILE B 1046 -21.17 -2.60 32.70
C ILE B 1046 -20.15 -3.44 33.45
N MET B 1047 -18.96 -2.90 33.67
CA MET B 1047 -17.86 -3.64 34.27
C MET B 1047 -17.73 -3.39 35.77
N ASN B 1048 -18.67 -2.67 36.38
CA ASN B 1048 -18.54 -2.32 37.79
C ASN B 1048 -18.72 -3.51 38.71
N PHE B 1049 -19.39 -4.57 38.25
CA PHE B 1049 -19.66 -5.71 39.12
C PHE B 1049 -18.38 -6.38 39.62
N PHE B 1050 -17.23 -6.09 39.02
CA PHE B 1050 -15.97 -6.60 39.57
C PHE B 1050 -15.56 -5.83 40.83
N LYS B 1051 -15.88 -4.54 40.90
CA LYS B 1051 -15.38 -3.70 41.96
C LYS B 1051 -16.19 -3.89 43.25
N THR B 1052 -15.57 -3.49 44.36
CA THR B 1052 -16.24 -3.44 45.65
C THR B 1052 -16.90 -2.10 45.90
N GLU B 1053 -16.25 -1.01 45.47
CA GLU B 1053 -16.81 0.33 45.55
C GLU B 1053 -16.61 1.02 44.21
N ILE B 1054 -17.62 1.77 43.78
CA ILE B 1054 -17.60 2.50 42.52
C ILE B 1054 -18.01 3.94 42.79
N THR B 1055 -17.33 4.88 42.12
CA THR B 1055 -17.69 6.29 42.16
C THR B 1055 -18.18 6.67 40.77
N LEU B 1056 -19.46 7.00 40.66
CA LEU B 1056 -20.08 7.27 39.37
C LEU B 1056 -19.86 8.72 38.94
N GLY B 1059 -20.79 12.78 40.18
CA GLY B 1059 -21.06 11.40 40.51
C GLY B 1059 -20.94 11.11 41.99
N GLU B 1060 -21.53 10.00 42.42
CA GLU B 1060 -21.59 9.63 43.83
C GLU B 1060 -21.13 8.19 44.02
N ILE B 1061 -20.85 7.83 45.27
CA ILE B 1061 -20.26 6.54 45.62
C ILE B 1061 -21.33 5.46 45.62
N ARG B 1062 -20.97 4.30 45.07
CA ARG B 1062 -21.81 3.10 45.08
C ARG B 1062 -21.00 1.93 45.64
N LYS B 1063 -21.63 1.08 46.44
CA LYS B 1063 -20.98 -0.06 47.06
C LYS B 1063 -21.58 -1.36 46.56
N ARG B 1064 -20.75 -2.38 46.38
CA ARG B 1064 -21.18 -3.65 45.83
C ARG B 1064 -20.75 -4.82 46.72
N PRO B 1065 -21.49 -5.93 46.69
CA PRO B 1065 -21.17 -7.06 47.59
C PRO B 1065 -19.87 -7.75 47.25
N LEU B 1066 -19.50 -8.73 48.08
CA LEU B 1066 -18.27 -9.48 47.89
C LEU B 1066 -18.43 -10.57 46.84
N ILE B 1067 -19.61 -11.19 46.76
CA ILE B 1067 -19.88 -12.29 45.85
C ILE B 1067 -20.92 -11.84 44.83
N GLU B 1068 -20.54 -11.87 43.56
CA GLU B 1068 -21.41 -11.48 42.45
C GLU B 1068 -21.96 -12.71 41.76
N THR B 1069 -23.27 -12.67 41.51
CA THR B 1069 -24.04 -13.81 41.04
C THR B 1069 -24.88 -13.41 39.83
N ASN B 1070 -25.41 -14.41 39.14
CA ASN B 1070 -26.29 -14.18 38.01
C ASN B 1070 -27.62 -13.57 38.47
N GLY B 1071 -28.22 -12.78 37.58
CA GLY B 1071 -29.46 -12.11 37.92
C GLY B 1071 -30.63 -13.05 38.15
N GLU B 1072 -30.66 -14.18 37.42
CA GLU B 1072 -31.77 -15.12 37.53
C GLU B 1072 -31.32 -16.48 38.05
N THR B 1073 -30.35 -17.12 37.40
CA THR B 1073 -29.99 -18.49 37.77
C THR B 1073 -29.43 -18.57 39.18
N GLY B 1074 -28.77 -17.52 39.65
CA GLY B 1074 -28.13 -17.56 40.95
C GLY B 1074 -26.77 -18.23 40.98
N GLU B 1075 -26.25 -18.66 39.83
CA GLU B 1075 -24.90 -19.17 39.78
C GLU B 1075 -23.90 -18.08 40.14
N ILE B 1076 -22.87 -18.45 40.89
CA ILE B 1076 -21.83 -17.50 41.25
C ILE B 1076 -20.99 -17.19 40.02
N VAL B 1077 -20.78 -15.91 39.76
CA VAL B 1077 -19.98 -15.52 38.61
C VAL B 1077 -18.62 -15.00 39.05
N TRP B 1078 -18.55 -14.38 40.24
CA TRP B 1078 -17.28 -13.80 40.67
C TRP B 1078 -17.24 -13.72 42.19
N ASP B 1079 -16.08 -14.04 42.75
CA ASP B 1079 -15.84 -13.99 44.20
C ASP B 1079 -14.65 -13.06 44.40
N LYS B 1080 -14.92 -11.85 44.88
CA LYS B 1080 -13.86 -10.86 45.02
C LYS B 1080 -12.85 -11.21 46.11
N GLY B 1081 -13.16 -12.18 46.97
CA GLY B 1081 -12.23 -12.64 47.98
C GLY B 1081 -11.32 -13.77 47.58
N ARG B 1082 -11.52 -14.34 46.39
CA ARG B 1082 -10.72 -15.47 45.93
C ARG B 1082 -10.30 -15.34 44.47
N ASP B 1083 -11.17 -14.85 43.60
CA ASP B 1083 -10.88 -14.91 42.16
C ASP B 1083 -9.79 -13.93 41.74
N PHE B 1084 -9.73 -12.76 42.39
CA PHE B 1084 -8.62 -11.85 42.13
C PHE B 1084 -7.29 -12.49 42.51
N ALA B 1085 -7.27 -13.24 43.61
CA ALA B 1085 -6.06 -13.98 43.98
C ALA B 1085 -5.74 -15.06 42.96
N THR B 1086 -6.77 -15.68 42.36
CA THR B 1086 -6.53 -16.64 41.30
C THR B 1086 -5.84 -15.99 40.11
N VAL B 1087 -6.36 -14.83 39.68
CA VAL B 1087 -5.74 -14.11 38.57
C VAL B 1087 -4.31 -13.72 38.91
N ARG B 1088 -4.09 -13.26 40.15
CA ARG B 1088 -2.75 -12.86 40.57
C ARG B 1088 -1.80 -14.04 40.54
N LYS B 1089 -2.26 -15.22 40.95
CA LYS B 1089 -1.40 -16.39 40.91
C LYS B 1089 -1.10 -16.82 39.49
N VAL B 1090 -2.09 -16.72 38.60
CA VAL B 1090 -1.87 -17.10 37.20
C VAL B 1090 -0.83 -16.18 36.57
N LEU B 1091 -0.99 -14.87 36.77
CA LEU B 1091 -0.07 -13.93 36.14
C LEU B 1091 1.34 -14.02 36.70
N SER B 1092 1.52 -14.63 37.86
CA SER B 1092 2.84 -14.78 38.45
C SER B 1092 3.51 -16.10 38.11
N MET B 1093 2.81 -17.02 37.44
CA MET B 1093 3.39 -18.31 37.11
C MET B 1093 4.62 -18.11 36.21
N PRO B 1094 5.78 -18.64 36.58
CA PRO B 1094 6.99 -18.43 35.75
C PRO B 1094 7.04 -19.29 34.51
N GLN B 1095 6.34 -20.42 34.47
CA GLN B 1095 6.41 -21.34 33.35
C GLN B 1095 5.29 -21.02 32.38
N VAL B 1096 5.61 -20.31 31.30
CA VAL B 1096 4.68 -19.95 30.25
C VAL B 1096 5.24 -20.46 28.92
N ASN B 1097 4.37 -21.07 28.11
CA ASN B 1097 4.81 -21.75 26.89
C ASN B 1097 4.94 -20.73 25.75
N ILE B 1098 6.04 -19.99 25.76
CA ILE B 1098 6.37 -19.08 24.68
C ILE B 1098 7.12 -19.86 23.60
N VAL B 1099 6.56 -19.89 22.39
CA VAL B 1099 7.10 -20.69 21.31
C VAL B 1099 7.33 -19.79 20.10
N LYS B 1100 8.57 -19.74 19.62
CA LYS B 1100 8.92 -19.02 18.40
C LYS B 1100 8.82 -20.01 17.24
N LYS B 1101 7.78 -19.85 16.43
CA LYS B 1101 7.54 -20.71 15.27
C LYS B 1101 8.79 -20.85 14.41
N THR B 1102 9.29 -22.08 14.30
CA THR B 1102 10.41 -22.35 13.39
C THR B 1102 9.95 -22.18 11.95
N GLU B 1103 10.80 -21.55 11.14
CA GLU B 1103 10.41 -21.23 9.76
C GLU B 1103 11.60 -21.36 8.81
N VAL B 1104 11.41 -22.11 7.73
CA VAL B 1104 12.34 -22.07 6.61
C VAL B 1104 12.32 -20.68 5.99
N GLN B 1105 13.50 -20.16 5.68
CA GLN B 1105 13.60 -18.84 5.07
C GLN B 1105 13.43 -18.96 3.56
N THR B 1106 12.65 -18.03 3.00
CA THR B 1106 12.36 -17.99 1.57
C THR B 1106 12.64 -16.60 1.04
N GLY B 1107 12.54 -16.47 -0.28
CA GLY B 1107 12.68 -15.16 -0.91
C GLY B 1107 13.92 -15.00 -1.76
N GLY B 1108 14.47 -13.78 -1.77
CA GLY B 1108 15.64 -13.51 -2.58
C GLY B 1108 16.83 -14.35 -2.15
N PHE B 1109 17.64 -14.72 -3.15
CA PHE B 1109 18.79 -15.57 -2.89
C PHE B 1109 19.78 -14.90 -1.95
N SER B 1110 20.03 -13.61 -2.13
CA SER B 1110 21.12 -12.93 -1.44
C SER B 1110 20.85 -11.43 -1.50
N LYS B 1111 21.75 -10.67 -0.88
CA LYS B 1111 21.85 -9.26 -1.19
C LYS B 1111 21.95 -9.07 -2.71
N GLU B 1112 21.36 -7.99 -3.21
CA GLU B 1112 21.26 -7.78 -4.64
C GLU B 1112 22.47 -7.08 -5.24
N SER B 1113 23.27 -6.38 -4.43
CA SER B 1113 24.40 -5.62 -4.95
C SER B 1113 25.33 -6.49 -5.78
N ILE B 1114 25.68 -6.01 -6.96
CA ILE B 1114 26.64 -6.67 -7.83
C ILE B 1114 28.00 -6.09 -7.49
N LEU B 1115 28.74 -6.81 -6.65
CA LEU B 1115 30.00 -6.34 -6.08
C LEU B 1115 31.13 -6.46 -7.08
N PRO B 1116 32.16 -5.63 -6.94
CA PRO B 1116 33.35 -5.77 -7.80
C PRO B 1116 34.09 -7.08 -7.51
N LYS B 1117 34.95 -7.45 -8.44
CA LYS B 1117 35.70 -8.70 -8.28
C LYS B 1117 36.58 -8.62 -7.04
N ARG B 1118 36.91 -9.80 -6.51
CA ARG B 1118 37.57 -9.93 -5.22
C ARG B 1118 38.02 -11.38 -5.06
N ASN B 1119 39.13 -11.57 -4.36
CA ASN B 1119 39.55 -12.92 -3.98
C ASN B 1119 38.80 -13.32 -2.73
N SER B 1120 37.72 -14.08 -2.90
CA SER B 1120 36.93 -14.58 -1.78
C SER B 1120 35.99 -15.68 -2.25
N ASP B 1121 35.97 -16.80 -1.54
CA ASP B 1121 35.00 -17.84 -1.86
C ASP B 1121 33.57 -17.43 -1.50
N LYS B 1122 33.38 -16.27 -0.86
CA LYS B 1122 32.05 -15.80 -0.53
C LYS B 1122 31.32 -15.20 -1.71
N LEU B 1123 32.03 -14.85 -2.78
CA LEU B 1123 31.40 -14.30 -3.97
C LEU B 1123 30.67 -15.40 -4.72
N ILE B 1124 29.48 -15.07 -5.20
CA ILE B 1124 28.63 -16.00 -5.94
C ILE B 1124 28.53 -15.53 -7.38
N ALA B 1125 28.76 -16.43 -8.32
CA ALA B 1125 28.70 -16.09 -9.74
C ALA B 1125 27.28 -15.71 -10.14
N ARG B 1126 27.17 -14.65 -10.94
CA ARG B 1126 25.89 -14.19 -11.48
C ARG B 1126 25.48 -14.95 -12.73
N LYS B 1127 26.42 -15.68 -13.34
CA LYS B 1127 26.14 -16.55 -14.46
C LYS B 1127 27.10 -17.73 -14.34
N LYS B 1128 26.69 -18.88 -14.85
CA LYS B 1128 27.39 -20.14 -14.57
C LYS B 1128 28.89 -20.02 -14.83
N ASP B 1129 29.27 -19.36 -15.91
CA ASP B 1129 30.67 -19.30 -16.35
C ASP B 1129 31.37 -18.02 -15.94
N TRP B 1130 30.74 -17.17 -15.13
CA TRP B 1130 31.33 -15.90 -14.73
C TRP B 1130 31.99 -16.06 -13.37
N ASP B 1131 33.18 -16.68 -13.38
CA ASP B 1131 34.04 -16.79 -12.21
C ASP B 1131 34.14 -15.43 -11.53
N PRO B 1132 33.66 -15.29 -10.29
CA PRO B 1132 33.63 -13.96 -9.65
C PRO B 1132 35.00 -13.38 -9.34
N LYS B 1133 36.06 -14.20 -9.35
CA LYS B 1133 37.40 -13.65 -9.24
C LYS B 1133 37.70 -12.70 -10.38
N LYS B 1134 37.16 -12.98 -11.57
CA LYS B 1134 37.34 -12.10 -12.72
C LYS B 1134 36.21 -11.09 -12.87
N TYR B 1135 34.99 -11.44 -12.46
CA TYR B 1135 33.82 -10.67 -12.85
C TYR B 1135 33.03 -10.08 -11.69
N GLY B 1136 33.33 -10.45 -10.45
CA GLY B 1136 32.49 -10.05 -9.34
C GLY B 1136 31.20 -10.85 -9.28
N GLY B 1137 30.31 -10.42 -8.40
CA GLY B 1137 29.04 -11.09 -8.22
C GLY B 1137 28.39 -10.70 -6.91
N PHE B 1138 27.51 -11.59 -6.43
CA PHE B 1138 26.81 -11.39 -5.17
C PHE B 1138 27.59 -11.98 -4.00
N ASP B 1139 27.21 -11.56 -2.80
CA ASP B 1139 27.56 -12.28 -1.59
C ASP B 1139 26.35 -12.22 -0.65
N SER B 1140 26.55 -12.71 0.57
CA SER B 1140 25.54 -12.68 1.62
C SER B 1140 24.27 -13.42 1.21
N PRO B 1141 24.34 -14.72 0.94
CA PRO B 1141 23.10 -15.46 0.66
C PRO B 1141 22.29 -15.68 1.92
N THR B 1142 20.98 -15.83 1.75
CA THR B 1142 20.11 -16.19 2.86
C THR B 1142 20.04 -17.72 2.97
N VAL B 1143 20.18 -18.20 4.20
CA VAL B 1143 20.08 -19.64 4.48
C VAL B 1143 18.62 -20.03 4.63
N ALA B 1144 18.17 -20.96 3.79
CA ALA B 1144 16.80 -21.48 3.91
C ALA B 1144 16.63 -22.27 5.20
N TYR B 1145 17.57 -23.17 5.50
CA TYR B 1145 17.63 -23.90 6.76
C TYR B 1145 19.03 -24.51 6.86
N SER B 1146 19.45 -24.81 8.08
CA SER B 1146 20.72 -25.48 8.30
C SER B 1146 20.53 -27.00 8.34
N VAL B 1147 21.64 -27.72 8.25
CA VAL B 1147 21.61 -29.17 8.26
C VAL B 1147 22.74 -29.67 9.14
N LEU B 1148 22.42 -30.56 10.07
CA LEU B 1148 23.43 -31.27 10.84
C LEU B 1148 24.05 -32.36 9.98
N VAL B 1149 25.37 -32.34 9.83
CA VAL B 1149 26.08 -33.37 9.08
C VAL B 1149 27.05 -34.08 9.99
N VAL B 1150 26.95 -35.40 10.05
CA VAL B 1150 27.93 -36.26 10.68
C VAL B 1150 28.61 -37.03 9.56
N ALA B 1151 29.91 -36.76 9.37
CA ALA B 1151 30.63 -37.27 8.22
C ALA B 1151 32.13 -37.15 8.41
N LYS B 1152 32.89 -37.26 7.32
CA LYS B 1152 34.34 -37.16 7.36
C LYS B 1152 34.83 -36.20 6.29
N VAL B 1153 35.95 -35.56 6.57
CA VAL B 1153 36.60 -34.65 5.64
C VAL B 1153 38.05 -35.05 5.47
N GLU B 1154 38.56 -34.88 4.25
CA GLU B 1154 39.97 -35.16 3.99
C GLU B 1154 40.83 -34.08 4.63
N LYS B 1155 41.93 -34.50 5.25
CA LYS B 1155 42.82 -33.60 5.96
C LYS B 1155 44.23 -33.71 5.40
N GLY B 1156 44.86 -32.57 5.16
CA GLY B 1156 46.26 -32.53 4.79
C GLY B 1156 46.52 -33.06 3.39
N LYS B 1157 47.80 -33.05 3.03
CA LYS B 1157 48.22 -33.51 1.70
C LYS B 1157 47.96 -35.00 1.51
N SER B 1158 48.00 -35.78 2.59
CA SER B 1158 47.75 -37.21 2.49
C SER B 1158 46.26 -37.54 2.32
N LYS B 1159 45.38 -36.58 2.63
CA LYS B 1159 43.93 -36.74 2.48
C LYS B 1159 43.36 -37.81 3.43
N LYS B 1160 43.86 -37.86 4.65
CA LYS B 1160 43.32 -38.79 5.62
C LYS B 1160 41.96 -38.32 6.12
N LEU B 1161 41.08 -39.27 6.40
CA LEU B 1161 39.71 -38.96 6.80
C LEU B 1161 39.62 -38.68 8.29
N LYS B 1162 38.73 -37.75 8.64
CA LYS B 1162 38.56 -37.27 10.01
C LYS B 1162 37.08 -37.02 10.26
N SER B 1163 36.51 -37.72 11.23
CA SER B 1163 35.11 -37.52 11.57
C SER B 1163 34.84 -36.08 11.98
N VAL B 1164 33.70 -35.55 11.55
CA VAL B 1164 33.29 -34.19 11.88
C VAL B 1164 31.80 -34.16 12.13
N LYS B 1165 31.38 -33.23 13.00
CA LYS B 1165 29.98 -32.91 13.23
C LYS B 1165 29.85 -31.39 13.15
N GLU B 1166 29.11 -30.89 12.16
CA GLU B 1166 29.05 -29.46 11.95
C GLU B 1166 27.71 -29.09 11.33
N LEU B 1167 27.40 -27.79 11.38
CA LEU B 1167 26.16 -27.24 10.83
C LEU B 1167 26.47 -26.61 9.49
N LEU B 1168 25.87 -27.15 8.43
CA LEU B 1168 25.98 -26.58 7.09
C LEU B 1168 24.70 -25.82 6.76
N GLY B 1169 24.84 -24.56 6.37
CA GLY B 1169 23.70 -23.77 5.98
C GLY B 1169 23.37 -23.95 4.51
N ILE B 1170 22.17 -24.44 4.23
CA ILE B 1170 21.70 -24.63 2.86
C ILE B 1170 21.04 -23.34 2.40
N THR B 1171 21.63 -22.68 1.40
CA THR B 1171 21.08 -21.42 0.95
C THR B 1171 19.80 -21.64 0.14
N ILE B 1172 19.02 -20.56 -0.01
CA ILE B 1172 17.78 -20.65 -0.78
C ILE B 1172 18.06 -21.08 -2.21
N MET B 1173 19.19 -20.63 -2.76
CA MET B 1173 19.55 -21.04 -4.12
C MET B 1173 19.94 -22.51 -4.18
N GLU B 1174 20.61 -23.02 -3.16
CA GLU B 1174 21.06 -24.41 -3.14
C GLU B 1174 19.96 -25.40 -2.78
N ARG B 1175 18.81 -24.93 -2.28
CA ARG B 1175 17.86 -25.81 -1.60
C ARG B 1175 17.36 -26.93 -2.51
N SER B 1176 16.89 -26.58 -3.71
CA SER B 1176 16.35 -27.60 -4.61
C SER B 1176 17.39 -28.66 -4.95
N SER B 1177 18.65 -28.24 -5.12
CA SER B 1177 19.71 -29.20 -5.44
C SER B 1177 19.99 -30.12 -4.26
N PHE B 1178 20.02 -29.56 -3.04
CA PHE B 1178 20.22 -30.38 -1.85
C PHE B 1178 19.10 -31.41 -1.70
N GLU B 1179 17.85 -30.97 -1.86
CA GLU B 1179 16.73 -31.87 -1.68
C GLU B 1179 16.61 -32.89 -2.82
N LYS B 1180 17.13 -32.57 -4.01
CA LYS B 1180 17.07 -33.53 -5.11
C LYS B 1180 17.85 -34.79 -4.78
N ASN B 1181 19.04 -34.64 -4.20
CA ASN B 1181 19.84 -35.75 -3.70
C ASN B 1181 20.82 -35.23 -2.66
N PRO B 1182 20.51 -35.37 -1.38
CA PRO B 1182 21.34 -34.73 -0.34
C PRO B 1182 22.75 -35.30 -0.23
N ILE B 1183 22.92 -36.62 -0.41
CA ILE B 1183 24.23 -37.22 -0.26
C ILE B 1183 25.18 -36.70 -1.34
N ASP B 1184 24.70 -36.58 -2.58
CA ASP B 1184 25.56 -36.06 -3.65
C ASP B 1184 25.93 -34.60 -3.42
N PHE B 1185 24.97 -33.79 -2.98
CA PHE B 1185 25.25 -32.40 -2.65
C PHE B 1185 26.33 -32.29 -1.58
N LEU B 1186 26.16 -33.02 -0.48
CA LEU B 1186 27.13 -32.96 0.61
C LEU B 1186 28.50 -33.47 0.16
N GLU B 1187 28.53 -34.57 -0.59
CA GLU B 1187 29.80 -35.12 -1.05
C GLU B 1187 30.52 -34.14 -1.98
N ALA B 1188 29.75 -33.43 -2.82
CA ALA B 1188 30.33 -32.37 -3.63
C ALA B 1188 30.80 -31.20 -2.79
N LYS B 1189 30.27 -31.05 -1.57
CA LYS B 1189 30.79 -30.05 -0.64
C LYS B 1189 32.09 -30.49 0.05
N GLY B 1190 32.52 -31.73 -0.13
CA GLY B 1190 33.73 -32.21 0.50
C GLY B 1190 33.55 -33.12 1.69
N TYR B 1191 32.35 -33.66 1.89
CA TYR B 1191 32.07 -34.61 2.96
C TYR B 1191 32.06 -36.02 2.40
N LYS B 1192 32.44 -36.98 3.25
CA LYS B 1192 32.48 -38.39 2.85
C LYS B 1192 31.81 -39.24 3.92
N GLU B 1193 31.25 -40.37 3.49
CA GLU B 1193 30.66 -41.36 4.40
C GLU B 1193 29.63 -40.71 5.31
N VAL B 1194 28.82 -39.81 4.74
CA VAL B 1194 27.84 -39.07 5.53
C VAL B 1194 26.80 -40.03 6.08
N LYS B 1195 26.54 -39.92 7.38
CA LYS B 1195 25.48 -40.71 8.00
C LYS B 1195 24.13 -40.10 7.61
N LYS B 1196 23.41 -40.78 6.71
CA LYS B 1196 22.18 -40.22 6.16
C LYS B 1196 21.11 -40.08 7.22
N ASP B 1197 20.89 -41.15 8.00
CA ASP B 1197 19.84 -41.16 9.01
C ASP B 1197 20.07 -40.12 10.11
N LEU B 1198 21.27 -39.56 10.22
CA LEU B 1198 21.59 -38.57 11.23
C LEU B 1198 21.56 -37.15 10.69
N ILE B 1199 21.11 -36.95 9.46
CA ILE B 1199 20.96 -35.61 8.89
C ILE B 1199 19.69 -34.99 9.46
N ILE B 1200 19.83 -33.90 10.20
CA ILE B 1200 18.70 -33.18 10.77
C ILE B 1200 18.56 -31.84 10.07
N LYS B 1201 17.36 -31.58 9.55
CA LYS B 1201 17.02 -30.28 8.97
C LYS B 1201 16.61 -29.33 10.08
N LEU B 1202 17.27 -28.18 10.16
CA LEU B 1202 17.15 -27.24 11.29
C LEU B 1202 16.75 -25.89 10.74
N PRO B 1203 15.47 -25.57 10.69
CA PRO B 1203 15.04 -24.26 10.19
C PRO B 1203 15.45 -23.17 11.17
N LYS B 1204 15.35 -21.92 10.70
CA LYS B 1204 15.61 -20.79 11.57
C LYS B 1204 14.75 -20.85 12.82
N TYR B 1205 15.34 -20.46 13.95
CA TYR B 1205 14.75 -20.42 15.29
C TYR B 1205 14.66 -21.79 15.96
N SER B 1206 15.28 -22.82 15.39
CA SER B 1206 15.35 -24.11 16.06
C SER B 1206 15.93 -23.96 17.47
N LEU B 1207 15.31 -24.65 18.42
CA LEU B 1207 15.54 -24.40 19.84
C LEU B 1207 16.49 -25.43 20.43
N PHE B 1208 17.49 -24.95 21.18
CA PHE B 1208 18.48 -25.79 21.82
C PHE B 1208 18.60 -25.40 23.28
N GLU B 1209 18.71 -26.38 24.15
CA GLU B 1209 18.99 -26.17 25.57
C GLU B 1209 20.38 -26.71 25.89
N LEU B 1210 21.15 -25.93 26.64
CA LEU B 1210 22.49 -26.30 27.04
C LEU B 1210 22.54 -26.58 28.53
N GLU B 1211 23.31 -25.80 29.29
CA GLU B 1211 23.45 -26.01 30.73
C GLU B 1211 22.69 -24.95 31.50
N ASN B 1212 22.26 -25.32 32.71
CA ASN B 1212 21.56 -24.40 33.63
C ASN B 1212 20.31 -23.81 33.00
N GLY B 1213 19.63 -24.60 32.17
CA GLY B 1213 18.45 -24.10 31.49
C GLY B 1213 18.71 -23.01 30.48
N ARG B 1214 19.97 -22.78 30.10
CA ARG B 1214 20.27 -21.78 29.08
C ARG B 1214 19.82 -22.28 27.72
N LYS B 1215 19.19 -21.39 26.95
CA LYS B 1215 18.59 -21.75 25.67
C LYS B 1215 19.07 -20.83 24.56
N ARG B 1216 19.28 -21.40 23.37
CA ARG B 1216 19.64 -20.67 22.18
C ARG B 1216 18.70 -21.05 21.04
N MET B 1217 18.47 -20.10 20.14
CA MET B 1217 17.73 -20.34 18.91
C MET B 1217 18.66 -20.19 17.72
N LEU B 1218 18.38 -20.94 16.67
CA LEU B 1218 19.17 -20.85 15.45
C LEU B 1218 18.80 -19.59 14.70
N ALA B 1219 19.77 -18.68 14.53
CA ALA B 1219 19.58 -17.54 13.63
C ALA B 1219 20.05 -17.84 12.21
N SER B 1220 21.01 -18.75 12.07
CA SER B 1220 21.53 -19.24 10.80
C SER B 1220 22.47 -20.38 11.11
N ALA B 1221 23.22 -20.89 10.13
CA ALA B 1221 24.16 -21.95 10.45
C ALA B 1221 25.35 -21.44 11.26
N GLY B 1222 25.55 -20.12 11.31
CA GLY B 1222 26.69 -19.57 12.00
C GLY B 1222 26.38 -18.61 13.13
N GLU B 1223 25.10 -18.37 13.42
CA GLU B 1223 24.76 -17.41 14.47
C GLU B 1223 23.54 -17.88 15.25
N LEU B 1224 23.51 -17.48 16.53
CA LEU B 1224 22.48 -17.88 17.47
C LEU B 1224 21.77 -16.64 18.04
N GLN B 1225 20.55 -16.87 18.52
CA GLN B 1225 19.73 -15.87 19.20
C GLN B 1225 19.47 -16.33 20.63
N LYS B 1226 19.16 -15.37 21.49
CA LYS B 1226 18.79 -15.67 22.86
C LYS B 1226 17.50 -16.48 22.90
N GLY B 1227 17.48 -17.51 23.75
CA GLY B 1227 16.37 -18.45 23.74
C GLY B 1227 15.51 -18.47 24.99
N ASN B 1228 15.84 -17.63 25.98
CA ASN B 1228 15.17 -17.67 27.27
C ASN B 1228 14.26 -16.47 27.46
N GLU B 1229 13.33 -16.62 28.39
CA GLU B 1229 12.43 -15.56 28.82
C GLU B 1229 12.73 -15.24 30.29
N LEU B 1230 12.88 -13.96 30.59
CA LEU B 1230 13.09 -13.51 31.97
C LEU B 1230 11.74 -13.39 32.66
N ALA B 1231 11.48 -14.31 33.59
CA ALA B 1231 10.20 -14.34 34.32
C ALA B 1231 10.31 -13.42 35.53
N LEU B 1232 10.14 -12.13 35.28
CA LEU B 1232 10.29 -11.15 36.36
C LEU B 1232 9.08 -11.20 37.29
N PRO B 1233 9.28 -11.26 38.60
CA PRO B 1233 8.14 -11.37 39.53
C PRO B 1233 7.18 -10.19 39.40
N SER B 1234 5.92 -10.45 39.71
CA SER B 1234 4.85 -9.48 39.45
C SER B 1234 5.07 -8.17 40.20
N LYS B 1235 5.62 -8.24 41.42
CA LYS B 1235 5.79 -7.02 42.20
C LYS B 1235 6.71 -6.04 41.47
N TYR B 1236 7.81 -6.54 40.89
CA TYR B 1236 8.69 -5.68 40.12
C TYR B 1236 8.01 -5.16 38.87
N VAL B 1237 7.13 -5.95 38.26
CA VAL B 1237 6.43 -5.49 37.06
C VAL B 1237 5.52 -4.32 37.39
N ASN B 1238 4.73 -4.45 38.45
CA ASN B 1238 3.83 -3.35 38.83
C ASN B 1238 4.61 -2.14 39.31
N PHE B 1239 5.74 -2.36 40.01
CA PHE B 1239 6.59 -1.24 40.39
C PHE B 1239 7.11 -0.51 39.16
N LEU B 1240 7.61 -1.25 38.17
CA LEU B 1240 8.13 -0.62 36.96
C LEU B 1240 7.03 0.14 36.24
N TYR B 1241 5.83 -0.41 36.19
CA TYR B 1241 4.71 0.29 35.56
C TYR B 1241 4.45 1.63 36.25
N LEU B 1242 4.21 1.58 37.57
CA LEU B 1242 3.79 2.79 38.27
C LEU B 1242 4.92 3.82 38.36
N ALA B 1243 6.14 3.37 38.65
CA ALA B 1243 7.26 4.28 38.79
C ALA B 1243 7.63 4.94 37.48
N SER B 1244 7.61 4.20 36.37
CA SER B 1244 7.96 4.76 35.08
C SER B 1244 6.87 5.63 34.49
N HIS B 1245 5.75 5.81 35.19
CA HIS B 1245 4.60 6.56 34.67
C HIS B 1245 4.11 5.99 33.33
N TYR B 1246 4.22 4.67 33.19
CA TYR B 1246 3.95 3.95 31.95
C TYR B 1246 2.61 4.32 31.32
N ASP B 1255 -3.78 11.70 39.14
CA ASP B 1255 -3.42 10.33 39.49
C ASP B 1255 -3.86 9.97 40.91
N ASN B 1256 -3.10 9.08 41.55
CA ASN B 1256 -3.45 8.53 42.84
C ASN B 1256 -2.29 8.71 43.81
N GLU B 1257 -2.61 8.99 45.08
CA GLU B 1257 -1.57 9.18 46.08
C GLU B 1257 -1.04 7.85 46.61
N GLN B 1258 -1.93 6.87 46.82
CA GLN B 1258 -1.50 5.57 47.32
C GLN B 1258 -0.48 4.92 46.40
N LYS B 1259 -0.57 5.19 45.09
CA LYS B 1259 0.42 4.66 44.16
C LYS B 1259 1.78 5.33 44.36
N GLN B 1260 1.79 6.66 44.52
CA GLN B 1260 3.06 7.37 44.70
C GLN B 1260 3.72 6.98 46.01
N LEU B 1261 2.92 6.78 47.07
CA LEU B 1261 3.50 6.31 48.33
C LEU B 1261 4.07 4.90 48.19
N PHE B 1262 3.45 4.07 47.36
CA PHE B 1262 3.98 2.73 47.13
C PHE B 1262 5.29 2.78 46.36
N VAL B 1263 5.40 3.70 45.39
CA VAL B 1263 6.63 3.83 44.62
C VAL B 1263 7.78 4.28 45.52
N GLU B 1264 7.53 5.26 46.39
CA GLU B 1264 8.59 5.80 47.23
C GLU B 1264 8.95 4.82 48.35
N GLN B 1265 7.96 4.12 48.90
CA GLN B 1265 8.25 3.13 49.94
C GLN B 1265 9.04 1.94 49.39
N HIS B 1266 8.84 1.60 48.12
CA HIS B 1266 9.49 0.46 47.48
C HIS B 1266 10.58 0.92 46.50
N LYS B 1267 11.31 1.96 46.86
CA LYS B 1267 12.39 2.45 46.00
C LYS B 1267 13.51 1.42 45.87
N HIS B 1268 13.83 0.74 46.97
CA HIS B 1268 14.90 -0.27 46.95
C HIS B 1268 14.71 -1.28 45.83
N TYR B 1269 13.47 -1.49 45.39
CA TYR B 1269 13.17 -2.42 44.31
C TYR B 1269 14.11 -2.23 43.13
N LEU B 1270 14.49 -0.98 42.84
CA LEU B 1270 15.42 -0.71 41.75
C LEU B 1270 16.60 -1.66 41.80
N ASP B 1271 17.36 -1.62 42.89
CA ASP B 1271 18.50 -2.53 43.06
C ASP B 1271 18.09 -3.96 42.78
N GLU B 1272 17.01 -4.42 43.44
CA GLU B 1272 16.59 -5.80 43.29
C GLU B 1272 16.37 -6.16 41.83
N ILE B 1273 15.70 -5.27 41.08
CA ILE B 1273 15.44 -5.56 39.67
C ILE B 1273 16.76 -5.77 38.93
N ILE B 1274 17.71 -4.85 39.12
CA ILE B 1274 19.03 -5.01 38.51
C ILE B 1274 19.58 -6.38 38.88
N GLU B 1275 19.54 -6.72 40.17
CA GLU B 1275 19.98 -8.03 40.63
C GLU B 1275 19.37 -9.13 39.79
N GLN B 1276 18.04 -9.13 39.67
CA GLN B 1276 17.36 -10.13 38.85
C GLN B 1276 17.99 -10.20 37.47
N ILE B 1277 18.02 -9.06 36.76
CA ILE B 1277 18.60 -9.01 35.43
C ILE B 1277 19.99 -9.63 35.45
N SER B 1278 20.82 -9.18 36.40
CA SER B 1278 22.19 -9.67 36.48
C SER B 1278 22.22 -11.18 36.61
N GLU B 1279 21.47 -11.73 37.58
CA GLU B 1279 21.52 -13.16 37.80
C GLU B 1279 20.97 -13.93 36.61
N PHE B 1280 20.07 -13.31 35.85
CA PHE B 1280 19.61 -13.92 34.60
C PHE B 1280 20.73 -13.92 33.58
N SER B 1281 21.37 -12.76 33.38
CA SER B 1281 22.40 -12.63 32.35
C SER B 1281 23.54 -13.60 32.60
N LYS B 1282 24.12 -13.55 33.81
CA LYS B 1282 25.22 -14.44 34.16
C LYS B 1282 24.85 -15.91 33.96
N ARG B 1283 23.56 -16.25 34.05
CA ARG B 1283 23.18 -17.63 33.82
C ARG B 1283 22.91 -17.94 32.35
N VAL B 1284 22.45 -16.97 31.58
CA VAL B 1284 21.76 -17.29 30.34
C VAL B 1284 22.22 -16.42 29.19
N ILE B 1285 22.53 -15.16 29.46
CA ILE B 1285 22.92 -14.26 28.37
C ILE B 1285 24.41 -14.40 28.05
N LEU B 1286 25.25 -14.48 29.08
CA LEU B 1286 26.70 -14.66 28.92
C LEU B 1286 27.31 -13.53 28.08
N ALA B 1287 27.09 -12.31 28.54
CA ALA B 1287 27.63 -11.10 27.91
C ALA B 1287 28.32 -10.31 29.02
N ASP B 1288 29.52 -10.76 29.40
CA ASP B 1288 30.26 -10.18 30.52
C ASP B 1288 30.45 -8.68 30.34
N ALA B 1289 31.04 -8.28 29.21
CA ALA B 1289 31.38 -6.88 28.99
C ALA B 1289 30.13 -6.00 29.01
N ASN B 1290 29.10 -6.42 28.28
CA ASN B 1290 27.86 -5.64 28.25
C ASN B 1290 27.22 -5.57 29.63
N LEU B 1291 27.20 -6.69 30.36
CA LEU B 1291 26.59 -6.69 31.68
C LEU B 1291 27.34 -5.76 32.63
N ASP B 1292 28.67 -5.78 32.60
CA ASP B 1292 29.43 -4.92 33.49
C ASP B 1292 29.28 -3.45 33.11
N LYS B 1293 29.20 -3.16 31.81
CA LYS B 1293 28.92 -1.80 31.39
C LYS B 1293 27.55 -1.35 31.89
N VAL B 1294 26.57 -2.25 31.87
CA VAL B 1294 25.24 -1.93 32.37
C VAL B 1294 25.27 -1.66 33.87
N LEU B 1295 25.99 -2.50 34.61
CA LEU B 1295 26.08 -2.31 36.06
C LEU B 1295 26.75 -0.99 36.40
N SER B 1296 27.83 -0.65 35.68
CA SER B 1296 28.49 0.63 35.91
C SER B 1296 27.57 1.79 35.57
N ALA B 1297 26.79 1.66 34.49
CA ALA B 1297 25.86 2.72 34.12
C ALA B 1297 24.77 2.89 35.18
N TYR B 1298 24.29 1.80 35.76
CA TYR B 1298 23.26 1.89 36.79
C TYR B 1298 23.80 2.50 38.06
N ASN B 1299 25.02 2.11 38.46
CA ASN B 1299 25.64 2.74 39.63
C ASN B 1299 26.03 4.17 39.35
N LYS B 1300 26.11 4.56 38.08
CA LYS B 1300 26.45 5.94 37.73
C LYS B 1300 25.26 6.88 37.90
N HIS B 1301 24.03 6.40 37.65
CA HIS B 1301 22.85 7.25 37.65
C HIS B 1301 21.92 6.96 38.83
N ARG B 1302 22.47 6.57 39.97
CA ARG B 1302 21.64 6.35 41.15
C ARG B 1302 21.00 7.64 41.63
N ASP B 1303 21.66 8.78 41.42
CA ASP B 1303 21.15 10.07 41.88
C ASP B 1303 20.09 10.65 40.95
N LYS B 1304 19.66 9.91 39.93
CA LYS B 1304 18.64 10.40 39.02
C LYS B 1304 17.26 10.23 39.62
N PRO B 1305 16.26 10.95 39.11
CA PRO B 1305 14.88 10.71 39.55
C PRO B 1305 14.47 9.26 39.33
N ILE B 1306 13.65 8.75 40.25
CA ILE B 1306 13.23 7.36 40.21
C ILE B 1306 12.48 7.06 38.91
N ARG B 1307 11.70 8.03 38.44
CA ARG B 1307 10.94 7.85 37.20
C ARG B 1307 11.87 7.55 36.03
N GLU B 1308 12.93 8.33 35.88
CA GLU B 1308 13.85 8.14 34.75
C GLU B 1308 14.64 6.86 34.90
N GLN B 1309 15.03 6.51 36.14
CA GLN B 1309 15.75 5.26 36.35
C GLN B 1309 14.88 4.07 35.97
N ALA B 1310 13.58 4.12 36.29
CA ALA B 1310 12.68 3.06 35.85
C ALA B 1310 12.51 3.07 34.34
N GLU B 1311 12.40 4.27 33.75
CA GLU B 1311 12.24 4.38 32.31
C GLU B 1311 13.43 3.80 31.55
N ASN B 1312 14.61 3.82 32.15
CA ASN B 1312 15.77 3.21 31.50
C ASN B 1312 15.99 1.76 31.91
N ILE B 1313 15.54 1.36 33.10
CA ILE B 1313 15.51 -0.07 33.43
C ILE B 1313 14.65 -0.81 32.44
N ILE B 1314 13.56 -0.17 31.97
CA ILE B 1314 12.77 -0.76 30.89
C ILE B 1314 13.65 -1.05 29.68
N HIS B 1315 14.52 -0.09 29.32
CA HIS B 1315 15.43 -0.29 28.20
C HIS B 1315 16.40 -1.43 28.46
N LEU B 1316 16.79 -1.63 29.72
CA LEU B 1316 17.77 -2.66 30.04
C LEU B 1316 17.33 -4.06 29.65
N PHE B 1317 16.02 -4.30 29.52
CA PHE B 1317 15.54 -5.64 29.19
C PHE B 1317 15.86 -6.06 27.77
N THR B 1318 16.25 -5.12 26.90
CA THR B 1318 16.74 -5.51 25.58
C THR B 1318 17.96 -6.41 25.70
N LEU B 1319 18.72 -6.31 26.80
CA LEU B 1319 19.82 -7.23 27.03
C LEU B 1319 19.33 -8.66 27.16
N THR B 1320 18.23 -8.88 27.88
CA THR B 1320 17.76 -10.22 28.21
C THR B 1320 16.60 -10.71 27.35
N ASN B 1321 16.07 -9.85 26.48
CA ASN B 1321 14.92 -10.25 25.66
C ASN B 1321 15.23 -11.48 24.83
N LEU B 1322 14.22 -12.33 24.65
CA LEU B 1322 14.29 -13.41 23.68
C LEU B 1322 14.54 -12.85 22.28
N GLY B 1323 15.30 -13.59 21.50
CA GLY B 1323 15.49 -13.28 20.09
C GLY B 1323 16.86 -12.72 19.77
N ALA B 1324 16.90 -11.97 18.67
CA ALA B 1324 18.17 -11.46 18.16
C ALA B 1324 18.74 -10.41 19.12
N PRO B 1325 20.05 -10.43 19.35
CA PRO B 1325 20.68 -9.34 20.12
C PRO B 1325 20.48 -8.00 19.41
N ALA B 1326 20.24 -6.97 20.22
CA ALA B 1326 20.04 -5.63 19.69
C ALA B 1326 20.71 -4.62 20.63
N ALA B 1327 21.13 -3.51 20.06
CA ALA B 1327 21.73 -2.44 20.84
C ALA B 1327 20.65 -1.67 21.58
N PHE B 1328 21.02 -1.12 22.74
CA PHE B 1328 20.08 -0.34 23.53
C PHE B 1328 20.85 0.76 24.25
N LYS B 1329 20.12 1.61 24.95
CA LYS B 1329 20.72 2.74 25.66
C LYS B 1329 20.20 2.76 27.09
N TYR B 1330 21.12 2.92 28.04
CA TYR B 1330 20.77 3.26 29.41
C TYR B 1330 21.16 4.72 29.61
N PHE B 1331 20.14 5.58 29.77
CA PHE B 1331 20.31 7.03 29.78
C PHE B 1331 21.10 7.47 28.55
N ASP B 1332 22.36 7.87 28.72
CA ASP B 1332 23.18 8.33 27.61
C ASP B 1332 24.18 7.30 27.13
N THR B 1333 24.39 6.22 27.88
CA THR B 1333 25.35 5.19 27.47
C THR B 1333 24.69 4.20 26.53
N THR B 1334 25.43 3.82 25.49
CA THR B 1334 24.95 2.88 24.49
C THR B 1334 25.62 1.52 24.70
N ILE B 1335 24.82 0.48 24.85
CA ILE B 1335 25.30 -0.89 24.94
C ILE B 1335 25.03 -1.53 23.58
N ASP B 1336 26.10 -1.87 22.87
CA ASP B 1336 25.96 -2.53 21.57
C ASP B 1336 25.76 -4.03 21.77
N ARG B 1337 24.99 -4.62 20.86
CA ARG B 1337 24.60 -6.02 20.97
C ARG B 1337 25.83 -6.92 21.01
N LYS B 1338 25.81 -7.88 21.93
CA LYS B 1338 26.75 -8.99 21.92
C LYS B 1338 26.14 -10.10 21.07
N ARG B 1339 26.86 -10.52 20.03
CA ARG B 1339 26.38 -11.54 19.13
C ARG B 1339 26.95 -12.90 19.47
N TYR B 1340 26.18 -13.94 19.18
CA TYR B 1340 26.60 -15.33 19.36
C TYR B 1340 27.01 -15.83 17.97
N THR B 1341 28.29 -15.63 17.64
CA THR B 1341 28.81 -15.85 16.30
C THR B 1341 29.32 -17.26 16.06
N SER B 1342 29.02 -18.20 16.96
CA SER B 1342 29.38 -19.60 16.75
C SER B 1342 28.18 -20.47 17.05
N THR B 1343 28.10 -21.60 16.34
CA THR B 1343 27.05 -22.59 16.54
C THR B 1343 27.60 -23.94 16.96
N LYS B 1344 28.89 -24.03 17.26
CA LYS B 1344 29.48 -25.32 17.62
C LYS B 1344 28.82 -25.90 18.87
N GLU B 1345 28.49 -25.04 19.85
CA GLU B 1345 28.06 -25.57 21.15
C GLU B 1345 26.72 -26.27 21.08
N VAL B 1346 25.84 -25.90 20.13
CA VAL B 1346 24.55 -26.57 20.03
C VAL B 1346 24.65 -27.97 19.43
N LEU B 1347 25.80 -28.31 18.83
CA LEU B 1347 25.98 -29.64 18.26
C LEU B 1347 26.07 -30.72 19.33
N ASP B 1348 26.36 -30.34 20.57
CA ASP B 1348 26.37 -31.27 21.71
C ASP B 1348 25.28 -30.97 22.71
N ALA B 1349 24.32 -30.12 22.37
CA ALA B 1349 23.28 -29.69 23.28
C ALA B 1349 22.01 -30.53 23.06
N THR B 1350 20.87 -30.06 23.58
CA THR B 1350 19.61 -30.79 23.48
C THR B 1350 18.69 -30.02 22.53
N LEU B 1351 18.40 -30.63 21.39
CA LEU B 1351 17.45 -30.07 20.44
C LEU B 1351 16.02 -30.30 20.93
N ILE B 1352 15.21 -29.25 20.92
CA ILE B 1352 13.84 -29.34 21.39
C ILE B 1352 12.92 -29.06 20.21
N HIS B 1353 12.25 -30.10 19.71
CA HIS B 1353 11.15 -29.94 18.78
C HIS B 1353 9.87 -29.69 19.57
N GLN B 1354 9.18 -28.59 19.28
CA GLN B 1354 7.95 -28.22 19.98
C GLN B 1354 6.77 -28.25 19.04
N SER B 1355 5.62 -28.73 19.52
CA SER B 1355 4.37 -28.54 18.79
C SER B 1355 3.97 -27.07 18.83
N ILE B 1356 2.83 -26.74 18.21
CA ILE B 1356 2.47 -25.34 18.05
C ILE B 1356 2.25 -24.66 19.41
N THR B 1357 1.70 -25.38 20.38
CA THR B 1357 1.52 -24.80 21.71
C THR B 1357 2.76 -24.95 22.59
N GLY B 1358 3.76 -25.72 22.15
CA GLY B 1358 4.87 -26.06 23.02
C GLY B 1358 4.55 -27.09 24.07
N LEU B 1359 3.33 -27.64 24.08
CA LEU B 1359 2.97 -28.63 25.09
C LEU B 1359 3.54 -30.00 24.77
N TYR B 1360 3.65 -30.34 23.49
CA TYR B 1360 4.24 -31.61 23.07
C TYR B 1360 5.68 -31.38 22.63
N GLU B 1361 6.63 -32.03 23.31
CA GLU B 1361 8.06 -31.88 23.05
C GLU B 1361 8.68 -33.20 22.62
N THR B 1362 9.63 -33.13 21.69
CA THR B 1362 10.57 -34.20 21.44
C THR B 1362 11.98 -33.64 21.67
N ARG B 1363 12.71 -34.26 22.60
CA ARG B 1363 14.03 -33.79 22.97
C ARG B 1363 15.09 -34.77 22.46
N ILE B 1364 16.05 -34.25 21.69
CA ILE B 1364 17.10 -35.04 21.06
C ILE B 1364 18.43 -34.58 21.63
N ASP B 1365 19.09 -35.44 22.41
CA ASP B 1365 20.43 -35.15 22.91
C ASP B 1365 21.42 -35.33 21.78
N LEU B 1366 21.95 -34.23 21.26
CA LEU B 1366 22.87 -34.29 20.12
C LEU B 1366 24.28 -34.70 20.52
N SER B 1367 24.60 -34.72 21.81
CA SER B 1367 25.90 -35.22 22.24
C SER B 1367 26.05 -36.71 21.99
N GLN B 1368 24.94 -37.42 21.81
CA GLN B 1368 24.97 -38.85 21.52
C GLN B 1368 25.17 -39.16 20.04
N LEU B 1369 25.50 -38.16 19.23
CA LEU B 1369 25.69 -38.34 17.79
C LEU B 1369 27.13 -38.00 17.43
N GLY B 1370 27.80 -38.90 16.73
CA GLY B 1370 29.19 -38.71 16.36
C GLY B 1370 30.13 -38.59 17.54
N GLY B 1371 29.71 -39.03 18.72
CA GLY B 1371 30.51 -38.92 19.92
C GLY B 1371 30.04 -37.79 20.81
MG MG E . 23.01 1.86 -17.69
MG MG F . 17.44 -14.13 -17.56
K K G . 7.64 -17.83 3.27
K K H . 25.61 5.21 -16.89
K K I . 6.90 -25.72 16.16
K K J . -3.55 -0.06 -6.17
K K K . -24.66 -1.60 6.78
K K L . 14.16 -41.37 26.39
K K M . 10.05 -13.52 5.09
K K N . -30.05 10.94 2.16
K K O . -14.31 1.14 -18.90
K K P . 29.12 8.45 -9.93
K K Q . 2.36 42.47 -15.76
K K R . 41.27 -14.86 -26.44
K K S . -23.87 -11.15 18.07
K K T . 2.06 0.78 -10.53
#